data_4NN1
# 
_entry.id   4NN1 
# 
_audit_conform.dict_name       mmcif_pdbx.dic 
_audit_conform.dict_version    5.387 
_audit_conform.dict_location   http://mmcif.pdb.org/dictionaries/ascii/mmcif_pdbx.dic 
# 
loop_
_database_2.database_id 
_database_2.database_code 
_database_2.pdbx_database_accession 
_database_2.pdbx_DOI 
PDB   4NN1         pdb_00004nn1 10.2210/pdb4nn1/pdb 
RCSB  RCSB083407   ?            ?                   
WWPDB D_1000083407 ?            ?                   
# 
loop_
_pdbx_audit_revision_history.ordinal 
_pdbx_audit_revision_history.data_content_type 
_pdbx_audit_revision_history.major_revision 
_pdbx_audit_revision_history.minor_revision 
_pdbx_audit_revision_history.revision_date 
1 'Structure model' 1 0 2014-02-19 
2 'Structure model' 1 1 2014-04-02 
3 'Structure model' 1 2 2014-05-07 
4 'Structure model' 1 3 2019-07-17 
5 'Structure model' 1 4 2024-02-28 
# 
_pdbx_audit_revision_details.ordinal             1 
_pdbx_audit_revision_details.revision_ordinal    1 
_pdbx_audit_revision_details.data_content_type   'Structure model' 
_pdbx_audit_revision_details.provider            repository 
_pdbx_audit_revision_details.type                'Initial release' 
_pdbx_audit_revision_details.description         ? 
_pdbx_audit_revision_details.details             ? 
# 
loop_
_pdbx_audit_revision_group.ordinal 
_pdbx_audit_revision_group.revision_ordinal 
_pdbx_audit_revision_group.data_content_type 
_pdbx_audit_revision_group.group 
1 2 'Structure model' 'Database references'    
2 3 'Structure model' 'Database references'    
3 4 'Structure model' 'Data collection'        
4 4 'Structure model' 'Refinement description' 
5 5 'Structure model' 'Data collection'        
6 5 'Structure model' 'Database references'    
# 
loop_
_pdbx_audit_revision_category.ordinal 
_pdbx_audit_revision_category.revision_ordinal 
_pdbx_audit_revision_category.data_content_type 
_pdbx_audit_revision_category.category 
1 4 'Structure model' software           
2 5 'Structure model' chem_comp_atom     
3 5 'Structure model' chem_comp_bond     
4 5 'Structure model' database_2         
5 5 'Structure model' struct_ref_seq_dif 
# 
loop_
_pdbx_audit_revision_item.ordinal 
_pdbx_audit_revision_item.revision_ordinal 
_pdbx_audit_revision_item.data_content_type 
_pdbx_audit_revision_item.item 
1  4 'Structure model' '_software.classification'            
2  4 'Structure model' '_software.contact_author'            
3  4 'Structure model' '_software.contact_author_email'      
4  4 'Structure model' '_software.location'                  
5  4 'Structure model' '_software.name'                      
6  4 'Structure model' '_software.type'                      
7  4 'Structure model' '_software.version'                   
8  5 'Structure model' '_database_2.pdbx_DOI'                
9  5 'Structure model' '_database_2.pdbx_database_accession' 
10 5 'Structure model' '_struct_ref_seq_dif.details'         
# 
_pdbx_database_status.entry_id                        4NN1 
_pdbx_database_status.deposit_site                    RCSB 
_pdbx_database_status.process_site                    RCSB 
_pdbx_database_status.recvd_initial_deposition_date   2013-11-15 
_pdbx_database_status.status_code                     REL 
_pdbx_database_status.status_code_sf                  REL 
_pdbx_database_status.status_code_mr                  ? 
_pdbx_database_status.SG_entry                        ? 
_pdbx_database_status.status_code_cs                  ? 
_pdbx_database_status.methods_development_category    ? 
_pdbx_database_status.pdb_format_compatible           Y 
_pdbx_database_status.status_code_nmr_data            ? 
# 
loop_
_audit_author.name 
_audit_author.pdbx_ordinal 
'Kumar, N.'         1 
'Radhakrishnan, A.' 2 
'Chou, T.-H.'       3 
'Yu, E.'            4 
# 
_citation.id                        primary 
_citation.title                     'Crystal structure of the transcriptional regulator Rv1219c of Mycobacterium tuberculosis.' 
_citation.journal_abbrev            'Protein Sci.' 
_citation.journal_volume            23 
_citation.page_first                423 
_citation.page_last                 432 
_citation.year                      2014 
_citation.journal_id_ASTM           PRCIEI 
_citation.country                   US 
_citation.journal_id_ISSN           0961-8368 
_citation.journal_id_CSD            0795 
_citation.book_publisher            ? 
_citation.pdbx_database_id_PubMed   24424575 
_citation.pdbx_database_id_DOI      10.1002/pro.2424 
# 
loop_
_citation_author.citation_id 
_citation_author.name 
_citation_author.ordinal 
_citation_author.identifier_ORCID 
primary 'Kumar, N.'         1  ? 
primary 'Radhakrishnan, A.' 2  ? 
primary 'Wright, C.C.'      3  ? 
primary 'Chou, T.H.'        4  ? 
primary 'Lei, H.T.'         5  ? 
primary 'Bolla, J.R.'       6  ? 
primary 'Tringides, M.L.'   7  ? 
primary 'Rajashankar, K.R.' 8  ? 
primary 'Su, C.C.'          9  ? 
primary 'Purdy, G.E.'       10 ? 
primary 'Yu, E.W.'          11 ? 
# 
_entity.id                         1 
_entity.type                       polymer 
_entity.src_method                 man 
_entity.pdbx_description           'Transcriptional regulator' 
_entity.formula_weight             24040.256 
_entity.pdbx_number_of_molecules   1 
_entity.pdbx_ec                    ? 
_entity.pdbx_mutation              ? 
_entity.pdbx_fragment              ? 
_entity.details                    ? 
# 
_entity_poly.entity_id                      1 
_entity_poly.type                           'polypeptide(L)' 
_entity_poly.nstd_linkage                   no 
_entity_poly.nstd_monomer                   no 
_entity_poly.pdbx_seq_one_letter_code       
;MRSADLTAHARIREAAIEQFGRHGFGVGLRAIAEAAGVSAALVIHHFGSKEGLRKACDDFVAEEIRSSKAAALKSNDPTT
WLAQMAEIESYAPLMAYLVRSMQSGGELAKMLWQKMIDNAEEYLDEGVRAGTVKPSRDPRARARFLAITGGGGFLLYLQM
HENPTDLRAALRDYAHDMVLPSLEVYTEGLLADRAMYEAFLAEAQQGEAHVGHHHHHH
;
_entity_poly.pdbx_seq_one_letter_code_can   
;MRSADLTAHARIREAAIEQFGRHGFGVGLRAIAEAAGVSAALVIHHFGSKEGLRKACDDFVAEEIRSSKAAALKSNDPTT
WLAQMAEIESYAPLMAYLVRSMQSGGELAKMLWQKMIDNAEEYLDEGVRAGTVKPSRDPRARARFLAITGGGGFLLYLQM
HENPTDLRAALRDYAHDMVLPSLEVYTEGLLADRAMYEAFLAEAQQGEAHVGHHHHHH
;
_entity_poly.pdbx_strand_id                 A 
_entity_poly.pdbx_target_identifier         ? 
# 
loop_
_entity_poly_seq.entity_id 
_entity_poly_seq.num 
_entity_poly_seq.mon_id 
_entity_poly_seq.hetero 
1 1   MET n 
1 2   ARG n 
1 3   SER n 
1 4   ALA n 
1 5   ASP n 
1 6   LEU n 
1 7   THR n 
1 8   ALA n 
1 9   HIS n 
1 10  ALA n 
1 11  ARG n 
1 12  ILE n 
1 13  ARG n 
1 14  GLU n 
1 15  ALA n 
1 16  ALA n 
1 17  ILE n 
1 18  GLU n 
1 19  GLN n 
1 20  PHE n 
1 21  GLY n 
1 22  ARG n 
1 23  HIS n 
1 24  GLY n 
1 25  PHE n 
1 26  GLY n 
1 27  VAL n 
1 28  GLY n 
1 29  LEU n 
1 30  ARG n 
1 31  ALA n 
1 32  ILE n 
1 33  ALA n 
1 34  GLU n 
1 35  ALA n 
1 36  ALA n 
1 37  GLY n 
1 38  VAL n 
1 39  SER n 
1 40  ALA n 
1 41  ALA n 
1 42  LEU n 
1 43  VAL n 
1 44  ILE n 
1 45  HIS n 
1 46  HIS n 
1 47  PHE n 
1 48  GLY n 
1 49  SER n 
1 50  LYS n 
1 51  GLU n 
1 52  GLY n 
1 53  LEU n 
1 54  ARG n 
1 55  LYS n 
1 56  ALA n 
1 57  CYS n 
1 58  ASP n 
1 59  ASP n 
1 60  PHE n 
1 61  VAL n 
1 62  ALA n 
1 63  GLU n 
1 64  GLU n 
1 65  ILE n 
1 66  ARG n 
1 67  SER n 
1 68  SER n 
1 69  LYS n 
1 70  ALA n 
1 71  ALA n 
1 72  ALA n 
1 73  LEU n 
1 74  LYS n 
1 75  SER n 
1 76  ASN n 
1 77  ASP n 
1 78  PRO n 
1 79  THR n 
1 80  THR n 
1 81  TRP n 
1 82  LEU n 
1 83  ALA n 
1 84  GLN n 
1 85  MET n 
1 86  ALA n 
1 87  GLU n 
1 88  ILE n 
1 89  GLU n 
1 90  SER n 
1 91  TYR n 
1 92  ALA n 
1 93  PRO n 
1 94  LEU n 
1 95  MET n 
1 96  ALA n 
1 97  TYR n 
1 98  LEU n 
1 99  VAL n 
1 100 ARG n 
1 101 SER n 
1 102 MET n 
1 103 GLN n 
1 104 SER n 
1 105 GLY n 
1 106 GLY n 
1 107 GLU n 
1 108 LEU n 
1 109 ALA n 
1 110 LYS n 
1 111 MET n 
1 112 LEU n 
1 113 TRP n 
1 114 GLN n 
1 115 LYS n 
1 116 MET n 
1 117 ILE n 
1 118 ASP n 
1 119 ASN n 
1 120 ALA n 
1 121 GLU n 
1 122 GLU n 
1 123 TYR n 
1 124 LEU n 
1 125 ASP n 
1 126 GLU n 
1 127 GLY n 
1 128 VAL n 
1 129 ARG n 
1 130 ALA n 
1 131 GLY n 
1 132 THR n 
1 133 VAL n 
1 134 LYS n 
1 135 PRO n 
1 136 SER n 
1 137 ARG n 
1 138 ASP n 
1 139 PRO n 
1 140 ARG n 
1 141 ALA n 
1 142 ARG n 
1 143 ALA n 
1 144 ARG n 
1 145 PHE n 
1 146 LEU n 
1 147 ALA n 
1 148 ILE n 
1 149 THR n 
1 150 GLY n 
1 151 GLY n 
1 152 GLY n 
1 153 GLY n 
1 154 PHE n 
1 155 LEU n 
1 156 LEU n 
1 157 TYR n 
1 158 LEU n 
1 159 GLN n 
1 160 MET n 
1 161 HIS n 
1 162 GLU n 
1 163 ASN n 
1 164 PRO n 
1 165 THR n 
1 166 ASP n 
1 167 LEU n 
1 168 ARG n 
1 169 ALA n 
1 170 ALA n 
1 171 LEU n 
1 172 ARG n 
1 173 ASP n 
1 174 TYR n 
1 175 ALA n 
1 176 HIS n 
1 177 ASP n 
1 178 MET n 
1 179 VAL n 
1 180 LEU n 
1 181 PRO n 
1 182 SER n 
1 183 LEU n 
1 184 GLU n 
1 185 VAL n 
1 186 TYR n 
1 187 THR n 
1 188 GLU n 
1 189 GLY n 
1 190 LEU n 
1 191 LEU n 
1 192 ALA n 
1 193 ASP n 
1 194 ARG n 
1 195 ALA n 
1 196 MET n 
1 197 TYR n 
1 198 GLU n 
1 199 ALA n 
1 200 PHE n 
1 201 LEU n 
1 202 ALA n 
1 203 GLU n 
1 204 ALA n 
1 205 GLN n 
1 206 GLN n 
1 207 GLY n 
1 208 GLU n 
1 209 ALA n 
1 210 HIS n 
1 211 VAL n 
1 212 GLY n 
1 213 HIS n 
1 214 HIS n 
1 215 HIS n 
1 216 HIS n 
1 217 HIS n 
1 218 HIS n 
# 
_entity_src_gen.entity_id                          1 
_entity_src_gen.pdbx_src_id                        1 
_entity_src_gen.pdbx_alt_source_flag               sample 
_entity_src_gen.pdbx_seq_type                      ? 
_entity_src_gen.pdbx_beg_seq_num                   ? 
_entity_src_gen.pdbx_end_seq_num                   ? 
_entity_src_gen.gene_src_common_name               ? 
_entity_src_gen.gene_src_genus                     ? 
_entity_src_gen.pdbx_gene_src_gene                 'Rv1219c, RVBD_1219c' 
_entity_src_gen.gene_src_species                   ? 
_entity_src_gen.gene_src_strain                    H37Rv 
_entity_src_gen.gene_src_tissue                    ? 
_entity_src_gen.gene_src_tissue_fraction           ? 
_entity_src_gen.gene_src_details                   ? 
_entity_src_gen.pdbx_gene_src_fragment             ? 
_entity_src_gen.pdbx_gene_src_scientific_name      'Mycobacterium tuberculosis' 
_entity_src_gen.pdbx_gene_src_ncbi_taxonomy_id     83332 
_entity_src_gen.pdbx_gene_src_variant              ? 
_entity_src_gen.pdbx_gene_src_cell_line            ? 
_entity_src_gen.pdbx_gene_src_atcc                 ? 
_entity_src_gen.pdbx_gene_src_organ                ? 
_entity_src_gen.pdbx_gene_src_organelle            ? 
_entity_src_gen.pdbx_gene_src_cell                 ? 
_entity_src_gen.pdbx_gene_src_cellular_location    ? 
_entity_src_gen.host_org_common_name               ? 
_entity_src_gen.pdbx_host_org_scientific_name      'Escherichia coli' 
_entity_src_gen.pdbx_host_org_ncbi_taxonomy_id     511693 
_entity_src_gen.host_org_genus                     ? 
_entity_src_gen.pdbx_host_org_gene                 ? 
_entity_src_gen.pdbx_host_org_organ                ? 
_entity_src_gen.host_org_species                   ? 
_entity_src_gen.pdbx_host_org_tissue               ? 
_entity_src_gen.pdbx_host_org_tissue_fraction      ? 
_entity_src_gen.pdbx_host_org_strain               BL21 
_entity_src_gen.pdbx_host_org_variant              ? 
_entity_src_gen.pdbx_host_org_cell_line            ? 
_entity_src_gen.pdbx_host_org_atcc                 ? 
_entity_src_gen.pdbx_host_org_culture_collection   ? 
_entity_src_gen.pdbx_host_org_cell                 ? 
_entity_src_gen.pdbx_host_org_organelle            ? 
_entity_src_gen.pdbx_host_org_cellular_location    ? 
_entity_src_gen.pdbx_host_org_vector_type          PLASMID 
_entity_src_gen.pdbx_host_org_vector               ? 
_entity_src_gen.host_org_details                   ? 
_entity_src_gen.expression_system_id               ? 
_entity_src_gen.plasmid_name                       PET15b 
_entity_src_gen.plasmid_details                    ? 
_entity_src_gen.pdbx_description                   ? 
# 
loop_
_chem_comp.id 
_chem_comp.type 
_chem_comp.mon_nstd_flag 
_chem_comp.name 
_chem_comp.pdbx_synonyms 
_chem_comp.formula 
_chem_comp.formula_weight 
ALA 'L-peptide linking' y ALANINE         ? 'C3 H7 N O2'     89.093  
ARG 'L-peptide linking' y ARGININE        ? 'C6 H15 N4 O2 1' 175.209 
ASN 'L-peptide linking' y ASPARAGINE      ? 'C4 H8 N2 O3'    132.118 
ASP 'L-peptide linking' y 'ASPARTIC ACID' ? 'C4 H7 N O4'     133.103 
CYS 'L-peptide linking' y CYSTEINE        ? 'C3 H7 N O2 S'   121.158 
GLN 'L-peptide linking' y GLUTAMINE       ? 'C5 H10 N2 O3'   146.144 
GLU 'L-peptide linking' y 'GLUTAMIC ACID' ? 'C5 H9 N O4'     147.129 
GLY 'peptide linking'   y GLYCINE         ? 'C2 H5 N O2'     75.067  
HIS 'L-peptide linking' y HISTIDINE       ? 'C6 H10 N3 O2 1' 156.162 
ILE 'L-peptide linking' y ISOLEUCINE      ? 'C6 H13 N O2'    131.173 
LEU 'L-peptide linking' y LEUCINE         ? 'C6 H13 N O2'    131.173 
LYS 'L-peptide linking' y LYSINE          ? 'C6 H15 N2 O2 1' 147.195 
MET 'L-peptide linking' y METHIONINE      ? 'C5 H11 N O2 S'  149.211 
PHE 'L-peptide linking' y PHENYLALANINE   ? 'C9 H11 N O2'    165.189 
PRO 'L-peptide linking' y PROLINE         ? 'C5 H9 N O2'     115.130 
SER 'L-peptide linking' y SERINE          ? 'C3 H7 N O3'     105.093 
THR 'L-peptide linking' y THREONINE       ? 'C4 H9 N O3'     119.119 
TRP 'L-peptide linking' y TRYPTOPHAN      ? 'C11 H12 N2 O2'  204.225 
TYR 'L-peptide linking' y TYROSINE        ? 'C9 H11 N O3'    181.189 
VAL 'L-peptide linking' y VALINE          ? 'C5 H11 N O2'    117.146 
# 
loop_
_pdbx_poly_seq_scheme.asym_id 
_pdbx_poly_seq_scheme.entity_id 
_pdbx_poly_seq_scheme.seq_id 
_pdbx_poly_seq_scheme.mon_id 
_pdbx_poly_seq_scheme.ndb_seq_num 
_pdbx_poly_seq_scheme.pdb_seq_num 
_pdbx_poly_seq_scheme.auth_seq_num 
_pdbx_poly_seq_scheme.pdb_mon_id 
_pdbx_poly_seq_scheme.auth_mon_id 
_pdbx_poly_seq_scheme.pdb_strand_id 
_pdbx_poly_seq_scheme.pdb_ins_code 
_pdbx_poly_seq_scheme.hetero 
A 1 1   MET 1   1   ?   ?   ?   A . n 
A 1 2   ARG 2   2   ?   ?   ?   A . n 
A 1 3   SER 3   3   ?   ?   ?   A . n 
A 1 4   ALA 4   4   ?   ?   ?   A . n 
A 1 5   ASP 5   5   ?   ?   ?   A . n 
A 1 6   LEU 6   6   6   LEU LEU A . n 
A 1 7   THR 7   7   7   THR THR A . n 
A 1 8   ALA 8   8   8   ALA ALA A . n 
A 1 9   HIS 9   9   9   HIS HIS A . n 
A 1 10  ALA 10  10  10  ALA ALA A . n 
A 1 11  ARG 11  11  11  ARG ARG A . n 
A 1 12  ILE 12  12  12  ILE ILE A . n 
A 1 13  ARG 13  13  13  ARG ARG A . n 
A 1 14  GLU 14  14  14  GLU GLU A . n 
A 1 15  ALA 15  15  15  ALA ALA A . n 
A 1 16  ALA 16  16  16  ALA ALA A . n 
A 1 17  ILE 17  17  17  ILE ILE A . n 
A 1 18  GLU 18  18  18  GLU GLU A . n 
A 1 19  GLN 19  19  19  GLN GLN A . n 
A 1 20  PHE 20  20  20  PHE PHE A . n 
A 1 21  GLY 21  21  21  GLY GLY A . n 
A 1 22  ARG 22  22  22  ARG ARG A . n 
A 1 23  HIS 23  23  23  HIS HIS A . n 
A 1 24  GLY 24  24  24  GLY GLY A . n 
A 1 25  PHE 25  25  25  PHE PHE A . n 
A 1 26  GLY 26  26  26  GLY GLY A . n 
A 1 27  VAL 27  27  27  VAL VAL A . n 
A 1 28  GLY 28  28  28  GLY GLY A . n 
A 1 29  LEU 29  29  29  LEU LEU A . n 
A 1 30  ARG 30  30  30  ARG ARG A . n 
A 1 31  ALA 31  31  31  ALA ALA A . n 
A 1 32  ILE 32  32  32  ILE ILE A . n 
A 1 33  ALA 33  33  33  ALA ALA A . n 
A 1 34  GLU 34  34  34  GLU GLU A . n 
A 1 35  ALA 35  35  35  ALA ALA A . n 
A 1 36  ALA 36  36  36  ALA ALA A . n 
A 1 37  GLY 37  37  37  GLY GLY A . n 
A 1 38  VAL 38  38  38  VAL VAL A . n 
A 1 39  SER 39  39  39  SER SER A . n 
A 1 40  ALA 40  40  40  ALA ALA A . n 
A 1 41  ALA 41  41  41  ALA ALA A . n 
A 1 42  LEU 42  42  42  LEU LEU A . n 
A 1 43  VAL 43  43  43  VAL VAL A . n 
A 1 44  ILE 44  44  44  ILE ILE A . n 
A 1 45  HIS 45  45  45  HIS HIS A . n 
A 1 46  HIS 46  46  46  HIS HIS A . n 
A 1 47  PHE 47  47  47  PHE PHE A . n 
A 1 48  GLY 48  48  48  GLY GLY A . n 
A 1 49  SER 49  49  49  SER SER A . n 
A 1 50  LYS 50  50  50  LYS LYS A . n 
A 1 51  GLU 51  51  51  GLU GLU A . n 
A 1 52  GLY 52  52  52  GLY GLY A . n 
A 1 53  LEU 53  53  53  LEU LEU A . n 
A 1 54  ARG 54  54  54  ARG ARG A . n 
A 1 55  LYS 55  55  55  LYS LYS A . n 
A 1 56  ALA 56  56  56  ALA ALA A . n 
A 1 57  CYS 57  57  57  CYS CYS A . n 
A 1 58  ASP 58  58  58  ASP ASP A . n 
A 1 59  ASP 59  59  59  ASP ASP A . n 
A 1 60  PHE 60  60  60  PHE PHE A . n 
A 1 61  VAL 61  61  61  VAL VAL A . n 
A 1 62  ALA 62  62  62  ALA ALA A . n 
A 1 63  GLU 63  63  63  GLU GLU A . n 
A 1 64  GLU 64  64  64  GLU GLU A . n 
A 1 65  ILE 65  65  65  ILE ILE A . n 
A 1 66  ARG 66  66  66  ARG ARG A . n 
A 1 67  SER 67  67  67  SER SER A . n 
A 1 68  SER 68  68  68  SER SER A . n 
A 1 69  LYS 69  69  69  LYS LYS A . n 
A 1 70  ALA 70  70  70  ALA ALA A . n 
A 1 71  ALA 71  71  71  ALA ALA A . n 
A 1 72  ALA 72  72  72  ALA ALA A . n 
A 1 73  LEU 73  73  73  LEU LEU A . n 
A 1 74  LYS 74  74  74  LYS LYS A . n 
A 1 75  SER 75  75  75  SER SER A . n 
A 1 76  ASN 76  76  76  ASN ASN A . n 
A 1 77  ASP 77  77  77  ASP ASP A . n 
A 1 78  PRO 78  78  78  PRO PRO A . n 
A 1 79  THR 79  79  79  THR THR A . n 
A 1 80  THR 80  80  80  THR THR A . n 
A 1 81  TRP 81  81  81  TRP TRP A . n 
A 1 82  LEU 82  82  82  LEU LEU A . n 
A 1 83  ALA 83  83  83  ALA ALA A . n 
A 1 84  GLN 84  84  84  GLN GLN A . n 
A 1 85  MET 85  85  85  MET MET A . n 
A 1 86  ALA 86  86  86  ALA ALA A . n 
A 1 87  GLU 87  87  87  GLU GLU A . n 
A 1 88  ILE 88  88  88  ILE ILE A . n 
A 1 89  GLU 89  89  89  GLU GLU A . n 
A 1 90  SER 90  90  90  SER SER A . n 
A 1 91  TYR 91  91  91  TYR TYR A . n 
A 1 92  ALA 92  92  92  ALA ALA A . n 
A 1 93  PRO 93  93  93  PRO PRO A . n 
A 1 94  LEU 94  94  94  LEU LEU A . n 
A 1 95  MET 95  95  95  MET MET A . n 
A 1 96  ALA 96  96  96  ALA ALA A . n 
A 1 97  TYR 97  97  97  TYR TYR A . n 
A 1 98  LEU 98  98  98  LEU LEU A . n 
A 1 99  VAL 99  99  99  VAL VAL A . n 
A 1 100 ARG 100 100 100 ARG ARG A . n 
A 1 101 SER 101 101 101 SER SER A . n 
A 1 102 MET 102 102 102 MET MET A . n 
A 1 103 GLN 103 103 103 GLN GLN A . n 
A 1 104 SER 104 104 104 SER SER A . n 
A 1 105 GLY 105 105 105 GLY GLY A . n 
A 1 106 GLY 106 106 106 GLY GLY A . n 
A 1 107 GLU 107 107 107 GLU GLU A . n 
A 1 108 LEU 108 108 108 LEU LEU A . n 
A 1 109 ALA 109 109 109 ALA ALA A . n 
A 1 110 LYS 110 110 110 LYS LYS A . n 
A 1 111 MET 111 111 111 MET MET A . n 
A 1 112 LEU 112 112 112 LEU LEU A . n 
A 1 113 TRP 113 113 113 TRP TRP A . n 
A 1 114 GLN 114 114 114 GLN GLN A . n 
A 1 115 LYS 115 115 115 LYS LYS A . n 
A 1 116 MET 116 116 116 MET MET A . n 
A 1 117 ILE 117 117 117 ILE ILE A . n 
A 1 118 ASP 118 118 118 ASP ASP A . n 
A 1 119 ASN 119 119 119 ASN ASN A . n 
A 1 120 ALA 120 120 120 ALA ALA A . n 
A 1 121 GLU 121 121 121 GLU GLU A . n 
A 1 122 GLU 122 122 122 GLU GLU A . n 
A 1 123 TYR 123 123 123 TYR TYR A . n 
A 1 124 LEU 124 124 124 LEU LEU A . n 
A 1 125 ASP 125 125 125 ASP ASP A . n 
A 1 126 GLU 126 126 126 GLU GLU A . n 
A 1 127 GLY 127 127 127 GLY GLY A . n 
A 1 128 VAL 128 128 128 VAL VAL A . n 
A 1 129 ARG 129 129 129 ARG ARG A . n 
A 1 130 ALA 130 130 130 ALA ALA A . n 
A 1 131 GLY 131 131 131 GLY GLY A . n 
A 1 132 THR 132 132 132 THR THR A . n 
A 1 133 VAL 133 133 133 VAL VAL A . n 
A 1 134 LYS 134 134 134 LYS LYS A . n 
A 1 135 PRO 135 135 135 PRO PRO A . n 
A 1 136 SER 136 136 136 SER SER A . n 
A 1 137 ARG 137 137 137 ARG ARG A . n 
A 1 138 ASP 138 138 138 ASP ASP A . n 
A 1 139 PRO 139 139 139 PRO PRO A . n 
A 1 140 ARG 140 140 140 ARG ARG A . n 
A 1 141 ALA 141 141 141 ALA ALA A . n 
A 1 142 ARG 142 142 142 ARG ARG A . n 
A 1 143 ALA 143 143 143 ALA ALA A . n 
A 1 144 ARG 144 144 144 ARG ARG A . n 
A 1 145 PHE 145 145 145 PHE PHE A . n 
A 1 146 LEU 146 146 146 LEU LEU A . n 
A 1 147 ALA 147 147 147 ALA ALA A . n 
A 1 148 ILE 148 148 148 ILE ILE A . n 
A 1 149 THR 149 149 149 THR THR A . n 
A 1 150 GLY 150 150 150 GLY GLY A . n 
A 1 151 GLY 151 151 151 GLY GLY A . n 
A 1 152 GLY 152 152 152 GLY GLY A . n 
A 1 153 GLY 153 153 153 GLY GLY A . n 
A 1 154 PHE 154 154 154 PHE PHE A . n 
A 1 155 LEU 155 155 155 LEU LEU A . n 
A 1 156 LEU 156 156 156 LEU LEU A . n 
A 1 157 TYR 157 157 157 TYR TYR A . n 
A 1 158 LEU 158 158 158 LEU LEU A . n 
A 1 159 GLN 159 159 159 GLN GLN A . n 
A 1 160 MET 160 160 160 MET MET A . n 
A 1 161 HIS 161 161 161 HIS HIS A . n 
A 1 162 GLU 162 162 162 GLU GLU A . n 
A 1 163 ASN 163 163 163 ASN ASN A . n 
A 1 164 PRO 164 164 164 PRO PRO A . n 
A 1 165 THR 165 165 165 THR THR A . n 
A 1 166 ASP 166 166 166 ASP ASP A . n 
A 1 167 LEU 167 167 167 LEU LEU A . n 
A 1 168 ARG 168 168 168 ARG ARG A . n 
A 1 169 ALA 169 169 169 ALA ALA A . n 
A 1 170 ALA 170 170 170 ALA ALA A . n 
A 1 171 LEU 171 171 171 LEU LEU A . n 
A 1 172 ARG 172 172 172 ARG ARG A . n 
A 1 173 ASP 173 173 173 ASP ASP A . n 
A 1 174 TYR 174 174 174 TYR TYR A . n 
A 1 175 ALA 175 175 175 ALA ALA A . n 
A 1 176 HIS 176 176 176 HIS HIS A . n 
A 1 177 ASP 177 177 177 ASP ASP A . n 
A 1 178 MET 178 178 178 MET MET A . n 
A 1 179 VAL 179 179 179 VAL VAL A . n 
A 1 180 LEU 180 180 180 LEU LEU A . n 
A 1 181 PRO 181 181 181 PRO PRO A . n 
A 1 182 SER 182 182 182 SER SER A . n 
A 1 183 LEU 183 183 183 LEU LEU A . n 
A 1 184 GLU 184 184 184 GLU GLU A . n 
A 1 185 VAL 185 185 185 VAL VAL A . n 
A 1 186 TYR 186 186 186 TYR TYR A . n 
A 1 187 THR 187 187 187 THR THR A . n 
A 1 188 GLU 188 188 188 GLU GLU A . n 
A 1 189 GLY 189 189 189 GLY GLY A . n 
A 1 190 LEU 190 190 190 LEU LEU A . n 
A 1 191 LEU 191 191 191 LEU LEU A . n 
A 1 192 ALA 192 192 192 ALA ALA A . n 
A 1 193 ASP 193 193 193 ASP ASP A . n 
A 1 194 ARG 194 194 194 ARG ARG A . n 
A 1 195 ALA 195 195 195 ALA ALA A . n 
A 1 196 MET 196 196 196 MET MET A . n 
A 1 197 TYR 197 197 197 TYR TYR A . n 
A 1 198 GLU 198 198 198 GLU GLU A . n 
A 1 199 ALA 199 199 199 ALA ALA A . n 
A 1 200 PHE 200 200 200 PHE PHE A . n 
A 1 201 LEU 201 201 201 LEU LEU A . n 
A 1 202 ALA 202 202 202 ALA ALA A . n 
A 1 203 GLU 203 203 203 GLU GLU A . n 
A 1 204 ALA 204 204 204 ALA ALA A . n 
A 1 205 GLN 205 205 205 GLN GLN A . n 
A 1 206 GLN 206 206 206 GLN GLN A . n 
A 1 207 GLY 207 207 207 GLY GLY A . n 
A 1 208 GLU 208 208 208 GLU GLU A . n 
A 1 209 ALA 209 209 209 ALA ALA A . n 
A 1 210 HIS 210 210 210 HIS HIS A . n 
A 1 211 VAL 211 211 ?   ?   ?   A . n 
A 1 212 GLY 212 212 ?   ?   ?   A . n 
A 1 213 HIS 213 213 ?   ?   ?   A . n 
A 1 214 HIS 214 214 ?   ?   ?   A . n 
A 1 215 HIS 215 215 ?   ?   ?   A . n 
A 1 216 HIS 216 216 ?   ?   ?   A . n 
A 1 217 HIS 217 217 ?   ?   ?   A . n 
A 1 218 HIS 218 218 ?   ?   ?   A . n 
# 
loop_
_software.pdbx_ordinal 
_software.name 
_software.version 
_software.date 
_software.type 
_software.contact_author 
_software.contact_author_email 
_software.classification 
_software.location 
_software.language 
_software.citation_id 
1 PHENIX      1.8.1_1168 ?                ?       ?                    ?                        refinement        ? ?          ? 
2 REFMAC      .          ?                program 'Garib N. Murshudov' garib@ysbl.york.ac.uk    refinement        
http://www.ccp4.ac.uk/dist/html/refmac5.html Fortran_77 ? 
3 PDB_EXTRACT 3.11       'April 22, 2011' package PDB                  deposit@deposit.rcsb.org 'data extraction' 
http://sw-tools.pdb.org/apps/PDB_EXTRACT/    C++        ? 
4 HKL-2000    .          ?                ?       ?                    ?                        'data collection' ? ?          ? 
5 HKL-2000    .          ?                ?       ?                    ?                        'data reduction'  ? ?          ? 
6 SHELXS      .          ?                ?       ?                    ?                        phasing           ? ?          ? 
7 SCALEPACK   .          ?                program 'Zbyszek Otwinowski' hkl@hkl-xray.com         'data scaling'    
http://www.hkl-xray.com/                     ?          ? 
# 
_cell.length_a           151.876 
_cell.length_b           151.876 
_cell.length_c           151.876 
_cell.angle_alpha        90.000 
_cell.angle_beta         90.000 
_cell.angle_gamma        90.000 
_cell.entry_id           4NN1 
_cell.pdbx_unique_axis   ? 
_cell.Z_PDB              48 
_cell.length_a_esd       ? 
_cell.length_b_esd       ? 
_cell.length_c_esd       ? 
_cell.angle_alpha_esd    ? 
_cell.angle_beta_esd     ? 
_cell.angle_gamma_esd    ? 
# 
_symmetry.space_group_name_H-M             'I 4 3 2' 
_symmetry.entry_id                         4NN1 
_symmetry.Int_Tables_number                211 
_symmetry.pdbx_full_space_group_name_H-M   ? 
_symmetry.cell_setting                     ? 
_symmetry.space_group_name_Hall            ? 
# 
_exptl.crystals_number   1 
_exptl.entry_id          4NN1 
_exptl.method            'X-RAY DIFFRACTION' 
# 
_exptl_crystal.id                    1 
_exptl_crystal.density_Matthews      3.04 
_exptl_crystal.density_meas          ? 
_exptl_crystal.density_percent_sol   59.48 
_exptl_crystal.description           ? 
_exptl_crystal.F_000                 ? 
_exptl_crystal.preparation           ? 
# 
_exptl_crystal_grow.crystal_id      1 
_exptl_crystal_grow.method          'VAPOR DIFFUSION, HANGING DROP' 
_exptl_crystal_grow.pH              5.6 
_exptl_crystal_grow.temp            291 
_exptl_crystal_grow.temp_details    ? 
_exptl_crystal_grow.pdbx_details    
'5% Jeffamine M-600, 0.1M Na-citrate, 0.6M NaCl, pH 5.6, VAPOR DIFFUSION, HANGING DROP, temperature 291K' 
_exptl_crystal_grow.pdbx_pH_range   ? 
# 
_diffrn.id                     1 
_diffrn.ambient_temp           100 
_diffrn.ambient_temp_details   ? 
_diffrn.crystal_id             1 
# 
_diffrn_detector.diffrn_id              1 
_diffrn_detector.detector               CCD 
_diffrn_detector.type                   'ADSC QUANTUM 315' 
_diffrn_detector.pdbx_collection_date   2013-06-29 
_diffrn_detector.details                ? 
# 
_diffrn_radiation.diffrn_id                        1 
_diffrn_radiation.wavelength_id                    1 
_diffrn_radiation.pdbx_diffrn_protocol             'SINGLE WAVELENGTH' 
_diffrn_radiation.monochromator                    'cryogenically cooled silicon crystals (111-cuts)' 
_diffrn_radiation.pdbx_monochromatic_or_laue_m_l   M 
_diffrn_radiation.pdbx_scattering_type             x-ray 
# 
_diffrn_radiation_wavelength.id           1 
_diffrn_radiation_wavelength.wavelength   0.979 
_diffrn_radiation_wavelength.wt           1.0 
# 
_diffrn_source.diffrn_id                   1 
_diffrn_source.source                      SYNCHROTRON 
_diffrn_source.type                        'APS BEAMLINE 24-ID-E' 
_diffrn_source.pdbx_wavelength             ? 
_diffrn_source.pdbx_wavelength_list        0.979 
_diffrn_source.pdbx_synchrotron_site       APS 
_diffrn_source.pdbx_synchrotron_beamline   24-ID-E 
# 
_reflns.entry_id                     4NN1 
_reflns.d_resolution_high            2.990 
_reflns.d_resolution_low             50.000 
_reflns.number_obs                   6216 
_reflns.pdbx_Rmerge_I_obs            0.060 
_reflns.pdbx_netI_over_sigmaI        13.500 
_reflns.pdbx_chi_squared             1.029 
_reflns.pdbx_redundancy              2.700 
_reflns.percent_possible_obs         98.600 
_reflns.observed_criterion_sigma_F   5.0 
_reflns.observed_criterion_sigma_I   5.0 
_reflns.number_all                   ? 
_reflns.pdbx_Rsym_value              ? 
_reflns.B_iso_Wilson_estimate        ? 
_reflns.R_free_details               ? 
_reflns.limit_h_max                  ? 
_reflns.limit_h_min                  ? 
_reflns.limit_k_max                  ? 
_reflns.limit_k_min                  ? 
_reflns.limit_l_max                  ? 
_reflns.limit_l_min                  ? 
_reflns.observed_criterion_F_max     ? 
_reflns.observed_criterion_F_min     ? 
_reflns.pdbx_scaling_rejects         ? 
_reflns.pdbx_ordinal                 1 
_reflns.pdbx_diffrn_id               1 
# 
loop_
_reflns_shell.d_res_high 
_reflns_shell.d_res_low 
_reflns_shell.number_measured_obs 
_reflns_shell.number_measured_all 
_reflns_shell.number_unique_obs 
_reflns_shell.Rmerge_I_obs 
_reflns_shell.meanI_over_sigI_obs 
_reflns_shell.pdbx_Rsym_value 
_reflns_shell.pdbx_chi_squared 
_reflns_shell.pdbx_redundancy 
_reflns_shell.percent_possible_obs 
_reflns_shell.number_unique_all 
_reflns_shell.percent_possible_all 
_reflns_shell.pdbx_ordinal 
_reflns_shell.pdbx_diffrn_id 
2.990 3.180  ? ? ? 0.451 ? ? 0.979 2.700 ? 1905 99.600 1 1 
3.180 3.420  ? ? ? 0.242 ? ? 1.038 2.700 ? 1896 99.600 2 1 
3.420 3.770  ? ? ? 0.121 ? ? 1.088 2.700 ? 1923 99.300 3 1 
3.770 4.310  ? ? ? 0.080 ? ? 1.021 2.700 ? 1876 99.200 4 1 
4.310 5.430  ? ? ? 0.059 ? ? 0.985 2.800 ? 1888 98.000 5 1 
5.430 50.000 ? ? ? 0.026 ? ? 1.065 2.800 ? 1854 95.700 6 1 
# 
_refine.entry_id                                 4NN1 
_refine.ls_d_res_high                            2.99 
_refine.ls_d_res_low                             48.0270 
_refine.pdbx_ls_sigma_F                          1.350 
_refine.pdbx_data_cutoff_high_absF               ? 
_refine.pdbx_data_cutoff_low_absF                ? 
_refine.ls_percent_reflns_obs                    97.6600 
_refine.ls_number_reflns_obs                     6214 
_refine.ls_number_reflns_all                     6214 
_refine.pdbx_ls_cross_valid_method               ? 
_refine.pdbx_R_Free_selection_details            RANDOM 
_refine.details                                  ? 
_refine.ls_R_factor_all                          0.2187 
_refine.ls_R_factor_obs                          0.2187 
_refine.ls_R_factor_R_work                       0.2159 
_refine.ls_wR_factor_R_work                      ? 
_refine.ls_R_factor_R_free                       0.2766 
_refine.ls_wR_factor_R_free                      ? 
_refine.ls_percent_reflns_R_free                 4.8000 
_refine.ls_number_reflns_R_free                  298 
_refine.ls_R_factor_R_free_error                 ? 
_refine.B_iso_mean                               66.8602 
_refine.solvent_model_param_bsol                 ? 
_refine.solvent_model_param_ksol                 ? 
_refine.pdbx_isotropic_thermal_model             ? 
_refine.aniso_B[1][1]                            ? 
_refine.aniso_B[2][2]                            ? 
_refine.aniso_B[3][3]                            ? 
_refine.aniso_B[1][2]                            ? 
_refine.aniso_B[1][3]                            ? 
_refine.aniso_B[2][3]                            ? 
_refine.correlation_coeff_Fo_to_Fc               ? 
_refine.correlation_coeff_Fo_to_Fc_free          ? 
_refine.overall_SU_R_Cruickshank_DPI             ? 
_refine.overall_SU_R_free                        ? 
_refine.pdbx_overall_ESU_R                       ? 
_refine.pdbx_overall_ESU_R_Free                  ? 
_refine.overall_SU_ML                            0.3300 
_refine.overall_SU_B                             ? 
_refine.solvent_model_details                    'FLAT BULK SOLVENT MODEL' 
_refine.pdbx_solvent_vdw_probe_radii             1.1100 
_refine.pdbx_solvent_ion_probe_radii             ? 
_refine.pdbx_solvent_shrinkage_radii             0.9000 
_refine.ls_number_parameters                     ? 
_refine.ls_number_restraints                     ? 
_refine.pdbx_starting_model                      ? 
_refine.pdbx_method_to_determine_struct          MIRAS 
_refine.pdbx_stereochemistry_target_values       ML 
_refine.pdbx_stereochem_target_val_spec_case     ? 
_refine.overall_FOM_work_R_set                   ? 
_refine.B_iso_max                                120.940 
_refine.B_iso_min                                36.320 
_refine.pdbx_overall_phase_error                 28.9100 
_refine.occupancy_max                            1.000 
_refine.occupancy_min                            1.000 
_refine.pdbx_ls_sigma_I                          ? 
_refine.ls_redundancy_reflns_obs                 ? 
_refine.ls_R_factor_R_free_error_details         ? 
_refine.pdbx_data_cutoff_high_rms_absF           ? 
_refine.overall_FOM_free_R_set                   ? 
_refine.pdbx_diffrn_id                           1 
_refine.pdbx_refine_id                           'X-RAY DIFFRACTION' 
_refine.pdbx_TLS_residual_ADP_flag               ? 
_refine.pdbx_overall_SU_R_free_Cruickshank_DPI   ? 
_refine.pdbx_overall_SU_R_Blow_DPI               ? 
_refine.pdbx_overall_SU_R_free_Blow_DPI          ? 
# 
_refine_hist.pdbx_refine_id                   'X-RAY DIFFRACTION' 
_refine_hist.cycle_id                         LAST 
_refine_hist.pdbx_number_atoms_protein        1578 
_refine_hist.pdbx_number_atoms_nucleic_acid   0 
_refine_hist.pdbx_number_atoms_ligand         0 
_refine_hist.number_atoms_solvent             0 
_refine_hist.number_atoms_total               1578 
_refine_hist.d_res_high                       2.99 
_refine_hist.d_res_low                        48.0270 
# 
loop_
_refine_ls_restr.type 
_refine_ls_restr.dev_ideal 
_refine_ls_restr.dev_ideal_target 
_refine_ls_restr.number 
_refine_ls_restr.weight 
_refine_ls_restr.pdbx_restraint_function 
_refine_ls_restr.pdbx_refine_id 
f_angle_deg 1.191 ? ? ? ? 'X-RAY DIFFRACTION' 
f_bond_d    0.009 ? ? ? ? 'X-RAY DIFFRACTION' 
# 
_struct.entry_id                  4NN1 
_struct.title                     'Crystal Structure of transcriptional regulator Rv1219c of Mycobacterium tuberculosis' 
_struct.pdbx_model_details        ? 
_struct.pdbx_CASP_flag            ? 
_struct.pdbx_model_type_details   ? 
# 
_struct_keywords.entry_id        4NN1 
_struct_keywords.pdbx_keywords   TRANSCRIPTION 
_struct_keywords.text            'Helix turn helix motif, DNA binding transcriptional regulator, DNA Binding, TRANSCRIPTION' 
# 
_struct_asym.id                            A 
_struct_asym.pdbx_blank_PDB_chainid_flag   N 
_struct_asym.pdbx_modified                 N 
_struct_asym.entity_id                     1 
_struct_asym.details                       ? 
# 
_struct_ref.id                         1 
_struct_ref.db_name                    UNP 
_struct_ref.db_code                    O86312_MYCTU 
_struct_ref.pdbx_db_accession          O86312 
_struct_ref.entity_id                  1 
_struct_ref.pdbx_seq_one_letter_code   
;MRSADLTAHARIREAAIEQFGRHGFGVGLRAIAEAAGVSAALVIHHFGSKEGLRKACDDFVAEEIRSSKAAALKSNDPTT
WLAQMAEIESYAPLMAYLVRSMQSGGELAKMLWQKMIDNAEEYLDEGVRAGTVKPSRDPRARARFLAITGGGGFLLYLQM
HENPTDLRAALRDYAHDMVLPSLEVYTEGLLADRAMYEAFLAEAQQGEAHVG
;
_struct_ref.pdbx_align_begin           1 
_struct_ref.pdbx_db_isoform            ? 
# 
_struct_ref_seq.align_id                      1 
_struct_ref_seq.ref_id                        1 
_struct_ref_seq.pdbx_PDB_id_code              4NN1 
_struct_ref_seq.pdbx_strand_id                A 
_struct_ref_seq.seq_align_beg                 1 
_struct_ref_seq.pdbx_seq_align_beg_ins_code   ? 
_struct_ref_seq.seq_align_end                 212 
_struct_ref_seq.pdbx_seq_align_end_ins_code   ? 
_struct_ref_seq.pdbx_db_accession             O86312 
_struct_ref_seq.db_align_beg                  1 
_struct_ref_seq.pdbx_db_align_beg_ins_code    ? 
_struct_ref_seq.db_align_end                  212 
_struct_ref_seq.pdbx_db_align_end_ins_code    ? 
_struct_ref_seq.pdbx_auth_seq_align_beg       1 
_struct_ref_seq.pdbx_auth_seq_align_end       212 
# 
loop_
_struct_ref_seq_dif.align_id 
_struct_ref_seq_dif.pdbx_pdb_id_code 
_struct_ref_seq_dif.mon_id 
_struct_ref_seq_dif.pdbx_pdb_strand_id 
_struct_ref_seq_dif.seq_num 
_struct_ref_seq_dif.pdbx_pdb_ins_code 
_struct_ref_seq_dif.pdbx_seq_db_name 
_struct_ref_seq_dif.pdbx_seq_db_accession_code 
_struct_ref_seq_dif.db_mon_id 
_struct_ref_seq_dif.pdbx_seq_db_seq_num 
_struct_ref_seq_dif.details 
_struct_ref_seq_dif.pdbx_auth_seq_num 
_struct_ref_seq_dif.pdbx_ordinal 
1 4NN1 HIS A 213 ? UNP O86312 ? ? 'expression tag' 213 1 
1 4NN1 HIS A 214 ? UNP O86312 ? ? 'expression tag' 214 2 
1 4NN1 HIS A 215 ? UNP O86312 ? ? 'expression tag' 215 3 
1 4NN1 HIS A 216 ? UNP O86312 ? ? 'expression tag' 216 4 
1 4NN1 HIS A 217 ? UNP O86312 ? ? 'expression tag' 217 5 
1 4NN1 HIS A 218 ? UNP O86312 ? ? 'expression tag' 218 6 
# 
_pdbx_struct_assembly.id                   1 
_pdbx_struct_assembly.details              author_and_software_defined_assembly 
_pdbx_struct_assembly.method_details       PISA 
_pdbx_struct_assembly.oligomeric_details   dimeric 
_pdbx_struct_assembly.oligomeric_count     2 
# 
loop_
_pdbx_struct_assembly_prop.biol_id 
_pdbx_struct_assembly_prop.type 
_pdbx_struct_assembly_prop.value 
_pdbx_struct_assembly_prop.details 
1 'ABSA (A^2)' 6090  ? 
1 MORE         -57   ? 
1 'SSA (A^2)'  20040 ? 
# 
_pdbx_struct_assembly_gen.assembly_id       1 
_pdbx_struct_assembly_gen.oper_expression   1,2 
_pdbx_struct_assembly_gen.asym_id_list      A 
# 
loop_
_pdbx_struct_oper_list.id 
_pdbx_struct_oper_list.type 
_pdbx_struct_oper_list.name 
_pdbx_struct_oper_list.symmetry_operation 
_pdbx_struct_oper_list.matrix[1][1] 
_pdbx_struct_oper_list.matrix[1][2] 
_pdbx_struct_oper_list.matrix[1][3] 
_pdbx_struct_oper_list.vector[1] 
_pdbx_struct_oper_list.matrix[2][1] 
_pdbx_struct_oper_list.matrix[2][2] 
_pdbx_struct_oper_list.matrix[2][3] 
_pdbx_struct_oper_list.vector[2] 
_pdbx_struct_oper_list.matrix[3][1] 
_pdbx_struct_oper_list.matrix[3][2] 
_pdbx_struct_oper_list.matrix[3][3] 
_pdbx_struct_oper_list.vector[3] 
1 'identity operation'         1_555  x,y,z                1.0000000000 0.0000000000  0.0000000000  0.0000000000 0.0000000000  1.0000000000  0.0000000000 0.0000000000  0.0000000000  0.0000000000 1.0000000000  0.0000000000  
2 'crystal symmetry operation' 38_775 -y+5/2,-x+5/2,-z+1/2 0.5034697247 -0.3373840983 -0.7954182589 9.4106524968 -0.3373840983 -0.9242897759 0.1784947629 -7.4047291145 -0.7954182589 0.1784947629 -0.5791799488 20.9284471270 
# 
_struct_biol.id        1 
_struct_biol.details   ? 
# 
loop_
_struct_conf.conf_type_id 
_struct_conf.id 
_struct_conf.pdbx_PDB_helix_id 
_struct_conf.beg_label_comp_id 
_struct_conf.beg_label_asym_id 
_struct_conf.beg_label_seq_id 
_struct_conf.pdbx_beg_PDB_ins_code 
_struct_conf.end_label_comp_id 
_struct_conf.end_label_asym_id 
_struct_conf.end_label_seq_id 
_struct_conf.pdbx_end_PDB_ins_code 
_struct_conf.beg_auth_comp_id 
_struct_conf.beg_auth_asym_id 
_struct_conf.beg_auth_seq_id 
_struct_conf.end_auth_comp_id 
_struct_conf.end_auth_asym_id 
_struct_conf.end_auth_seq_id 
_struct_conf.pdbx_PDB_helix_class 
_struct_conf.details 
_struct_conf.pdbx_PDB_helix_length 
HELX_P HELX_P1  1  LEU A 6   ? GLY A 24  ? LEU A 6   GLY A 24  1 ? 19 
HELX_P HELX_P2  2  GLY A 28  ? GLY A 37  ? GLY A 28  GLY A 37  1 ? 10 
HELX_P HELX_P3  3  SER A 39  ? GLY A 48  ? SER A 39  GLY A 48  1 ? 10 
HELX_P HELX_P4  4  SER A 49  ? SER A 75  ? SER A 49  SER A 75  1 ? 27 
HELX_P HELX_P5  5  PRO A 78  ? GLU A 87  ? PRO A 78  GLU A 87  1 ? 10 
HELX_P HELX_P6  6  ILE A 88  ? SER A 90  ? ILE A 88  SER A 90  5 ? 3  
HELX_P HELX_P7  7  TYR A 91  ? SER A 104 ? TYR A 91  SER A 104 1 ? 14 
HELX_P HELX_P8  8  GLY A 106 ? ALA A 130 ? GLY A 106 ALA A 130 1 ? 25 
HELX_P HELX_P9  9  ASP A 138 ? MET A 160 ? ASP A 138 MET A 160 1 ? 23 
HELX_P HELX_P10 10 ASP A 166 ? MET A 178 ? ASP A 166 MET A 178 1 ? 13 
HELX_P HELX_P11 11 MET A 178 ? GLY A 189 ? MET A 178 GLY A 189 1 ? 12 
HELX_P HELX_P12 12 ARG A 194 ? HIS A 210 ? ARG A 194 HIS A 210 1 ? 17 
# 
_struct_conf_type.id          HELX_P 
_struct_conf_type.criteria    ? 
_struct_conf_type.reference   ? 
# 
loop_
_pdbx_validate_torsion.id 
_pdbx_validate_torsion.PDB_model_num 
_pdbx_validate_torsion.auth_comp_id 
_pdbx_validate_torsion.auth_asym_id 
_pdbx_validate_torsion.auth_seq_id 
_pdbx_validate_torsion.PDB_ins_code 
_pdbx_validate_torsion.label_alt_id 
_pdbx_validate_torsion.phi 
_pdbx_validate_torsion.psi 
1 1 ASN A 76  ? ? -93.51  37.05  
2 1 ASP A 138 ? ? -156.20 67.77  
3 1 PRO A 164 ? ? -57.31  10.78  
4 1 LEU A 190 ? ? -139.74 -49.36 
# 
loop_
_pdbx_unobs_or_zero_occ_residues.id 
_pdbx_unobs_or_zero_occ_residues.PDB_model_num 
_pdbx_unobs_or_zero_occ_residues.polymer_flag 
_pdbx_unobs_or_zero_occ_residues.occupancy_flag 
_pdbx_unobs_or_zero_occ_residues.auth_asym_id 
_pdbx_unobs_or_zero_occ_residues.auth_comp_id 
_pdbx_unobs_or_zero_occ_residues.auth_seq_id 
_pdbx_unobs_or_zero_occ_residues.PDB_ins_code 
_pdbx_unobs_or_zero_occ_residues.label_asym_id 
_pdbx_unobs_or_zero_occ_residues.label_comp_id 
_pdbx_unobs_or_zero_occ_residues.label_seq_id 
1  1 Y 1 A MET 1   ? A MET 1   
2  1 Y 1 A ARG 2   ? A ARG 2   
3  1 Y 1 A SER 3   ? A SER 3   
4  1 Y 1 A ALA 4   ? A ALA 4   
5  1 Y 1 A ASP 5   ? A ASP 5   
6  1 Y 1 A VAL 211 ? A VAL 211 
7  1 Y 1 A GLY 212 ? A GLY 212 
8  1 Y 1 A HIS 213 ? A HIS 213 
9  1 Y 1 A HIS 214 ? A HIS 214 
10 1 Y 1 A HIS 215 ? A HIS 215 
11 1 Y 1 A HIS 216 ? A HIS 216 
12 1 Y 1 A HIS 217 ? A HIS 217 
13 1 Y 1 A HIS 218 ? A HIS 218 
# 
loop_
_chem_comp_atom.comp_id 
_chem_comp_atom.atom_id 
_chem_comp_atom.type_symbol 
_chem_comp_atom.pdbx_aromatic_flag 
_chem_comp_atom.pdbx_stereo_config 
_chem_comp_atom.pdbx_ordinal 
ALA N    N N N 1   
ALA CA   C N S 2   
ALA C    C N N 3   
ALA O    O N N 4   
ALA CB   C N N 5   
ALA OXT  O N N 6   
ALA H    H N N 7   
ALA H2   H N N 8   
ALA HA   H N N 9   
ALA HB1  H N N 10  
ALA HB2  H N N 11  
ALA HB3  H N N 12  
ALA HXT  H N N 13  
ARG N    N N N 14  
ARG CA   C N S 15  
ARG C    C N N 16  
ARG O    O N N 17  
ARG CB   C N N 18  
ARG CG   C N N 19  
ARG CD   C N N 20  
ARG NE   N N N 21  
ARG CZ   C N N 22  
ARG NH1  N N N 23  
ARG NH2  N N N 24  
ARG OXT  O N N 25  
ARG H    H N N 26  
ARG H2   H N N 27  
ARG HA   H N N 28  
ARG HB2  H N N 29  
ARG HB3  H N N 30  
ARG HG2  H N N 31  
ARG HG3  H N N 32  
ARG HD2  H N N 33  
ARG HD3  H N N 34  
ARG HE   H N N 35  
ARG HH11 H N N 36  
ARG HH12 H N N 37  
ARG HH21 H N N 38  
ARG HH22 H N N 39  
ARG HXT  H N N 40  
ASN N    N N N 41  
ASN CA   C N S 42  
ASN C    C N N 43  
ASN O    O N N 44  
ASN CB   C N N 45  
ASN CG   C N N 46  
ASN OD1  O N N 47  
ASN ND2  N N N 48  
ASN OXT  O N N 49  
ASN H    H N N 50  
ASN H2   H N N 51  
ASN HA   H N N 52  
ASN HB2  H N N 53  
ASN HB3  H N N 54  
ASN HD21 H N N 55  
ASN HD22 H N N 56  
ASN HXT  H N N 57  
ASP N    N N N 58  
ASP CA   C N S 59  
ASP C    C N N 60  
ASP O    O N N 61  
ASP CB   C N N 62  
ASP CG   C N N 63  
ASP OD1  O N N 64  
ASP OD2  O N N 65  
ASP OXT  O N N 66  
ASP H    H N N 67  
ASP H2   H N N 68  
ASP HA   H N N 69  
ASP HB2  H N N 70  
ASP HB3  H N N 71  
ASP HD2  H N N 72  
ASP HXT  H N N 73  
CYS N    N N N 74  
CYS CA   C N R 75  
CYS C    C N N 76  
CYS O    O N N 77  
CYS CB   C N N 78  
CYS SG   S N N 79  
CYS OXT  O N N 80  
CYS H    H N N 81  
CYS H2   H N N 82  
CYS HA   H N N 83  
CYS HB2  H N N 84  
CYS HB3  H N N 85  
CYS HG   H N N 86  
CYS HXT  H N N 87  
GLN N    N N N 88  
GLN CA   C N S 89  
GLN C    C N N 90  
GLN O    O N N 91  
GLN CB   C N N 92  
GLN CG   C N N 93  
GLN CD   C N N 94  
GLN OE1  O N N 95  
GLN NE2  N N N 96  
GLN OXT  O N N 97  
GLN H    H N N 98  
GLN H2   H N N 99  
GLN HA   H N N 100 
GLN HB2  H N N 101 
GLN HB3  H N N 102 
GLN HG2  H N N 103 
GLN HG3  H N N 104 
GLN HE21 H N N 105 
GLN HE22 H N N 106 
GLN HXT  H N N 107 
GLU N    N N N 108 
GLU CA   C N S 109 
GLU C    C N N 110 
GLU O    O N N 111 
GLU CB   C N N 112 
GLU CG   C N N 113 
GLU CD   C N N 114 
GLU OE1  O N N 115 
GLU OE2  O N N 116 
GLU OXT  O N N 117 
GLU H    H N N 118 
GLU H2   H N N 119 
GLU HA   H N N 120 
GLU HB2  H N N 121 
GLU HB3  H N N 122 
GLU HG2  H N N 123 
GLU HG3  H N N 124 
GLU HE2  H N N 125 
GLU HXT  H N N 126 
GLY N    N N N 127 
GLY CA   C N N 128 
GLY C    C N N 129 
GLY O    O N N 130 
GLY OXT  O N N 131 
GLY H    H N N 132 
GLY H2   H N N 133 
GLY HA2  H N N 134 
GLY HA3  H N N 135 
GLY HXT  H N N 136 
HIS N    N N N 137 
HIS CA   C N S 138 
HIS C    C N N 139 
HIS O    O N N 140 
HIS CB   C N N 141 
HIS CG   C Y N 142 
HIS ND1  N Y N 143 
HIS CD2  C Y N 144 
HIS CE1  C Y N 145 
HIS NE2  N Y N 146 
HIS OXT  O N N 147 
HIS H    H N N 148 
HIS H2   H N N 149 
HIS HA   H N N 150 
HIS HB2  H N N 151 
HIS HB3  H N N 152 
HIS HD1  H N N 153 
HIS HD2  H N N 154 
HIS HE1  H N N 155 
HIS HE2  H N N 156 
HIS HXT  H N N 157 
ILE N    N N N 158 
ILE CA   C N S 159 
ILE C    C N N 160 
ILE O    O N N 161 
ILE CB   C N S 162 
ILE CG1  C N N 163 
ILE CG2  C N N 164 
ILE CD1  C N N 165 
ILE OXT  O N N 166 
ILE H    H N N 167 
ILE H2   H N N 168 
ILE HA   H N N 169 
ILE HB   H N N 170 
ILE HG12 H N N 171 
ILE HG13 H N N 172 
ILE HG21 H N N 173 
ILE HG22 H N N 174 
ILE HG23 H N N 175 
ILE HD11 H N N 176 
ILE HD12 H N N 177 
ILE HD13 H N N 178 
ILE HXT  H N N 179 
LEU N    N N N 180 
LEU CA   C N S 181 
LEU C    C N N 182 
LEU O    O N N 183 
LEU CB   C N N 184 
LEU CG   C N N 185 
LEU CD1  C N N 186 
LEU CD2  C N N 187 
LEU OXT  O N N 188 
LEU H    H N N 189 
LEU H2   H N N 190 
LEU HA   H N N 191 
LEU HB2  H N N 192 
LEU HB3  H N N 193 
LEU HG   H N N 194 
LEU HD11 H N N 195 
LEU HD12 H N N 196 
LEU HD13 H N N 197 
LEU HD21 H N N 198 
LEU HD22 H N N 199 
LEU HD23 H N N 200 
LEU HXT  H N N 201 
LYS N    N N N 202 
LYS CA   C N S 203 
LYS C    C N N 204 
LYS O    O N N 205 
LYS CB   C N N 206 
LYS CG   C N N 207 
LYS CD   C N N 208 
LYS CE   C N N 209 
LYS NZ   N N N 210 
LYS OXT  O N N 211 
LYS H    H N N 212 
LYS H2   H N N 213 
LYS HA   H N N 214 
LYS HB2  H N N 215 
LYS HB3  H N N 216 
LYS HG2  H N N 217 
LYS HG3  H N N 218 
LYS HD2  H N N 219 
LYS HD3  H N N 220 
LYS HE2  H N N 221 
LYS HE3  H N N 222 
LYS HZ1  H N N 223 
LYS HZ2  H N N 224 
LYS HZ3  H N N 225 
LYS HXT  H N N 226 
MET N    N N N 227 
MET CA   C N S 228 
MET C    C N N 229 
MET O    O N N 230 
MET CB   C N N 231 
MET CG   C N N 232 
MET SD   S N N 233 
MET CE   C N N 234 
MET OXT  O N N 235 
MET H    H N N 236 
MET H2   H N N 237 
MET HA   H N N 238 
MET HB2  H N N 239 
MET HB3  H N N 240 
MET HG2  H N N 241 
MET HG3  H N N 242 
MET HE1  H N N 243 
MET HE2  H N N 244 
MET HE3  H N N 245 
MET HXT  H N N 246 
PHE N    N N N 247 
PHE CA   C N S 248 
PHE C    C N N 249 
PHE O    O N N 250 
PHE CB   C N N 251 
PHE CG   C Y N 252 
PHE CD1  C Y N 253 
PHE CD2  C Y N 254 
PHE CE1  C Y N 255 
PHE CE2  C Y N 256 
PHE CZ   C Y N 257 
PHE OXT  O N N 258 
PHE H    H N N 259 
PHE H2   H N N 260 
PHE HA   H N N 261 
PHE HB2  H N N 262 
PHE HB3  H N N 263 
PHE HD1  H N N 264 
PHE HD2  H N N 265 
PHE HE1  H N N 266 
PHE HE2  H N N 267 
PHE HZ   H N N 268 
PHE HXT  H N N 269 
PRO N    N N N 270 
PRO CA   C N S 271 
PRO C    C N N 272 
PRO O    O N N 273 
PRO CB   C N N 274 
PRO CG   C N N 275 
PRO CD   C N N 276 
PRO OXT  O N N 277 
PRO H    H N N 278 
PRO HA   H N N 279 
PRO HB2  H N N 280 
PRO HB3  H N N 281 
PRO HG2  H N N 282 
PRO HG3  H N N 283 
PRO HD2  H N N 284 
PRO HD3  H N N 285 
PRO HXT  H N N 286 
SER N    N N N 287 
SER CA   C N S 288 
SER C    C N N 289 
SER O    O N N 290 
SER CB   C N N 291 
SER OG   O N N 292 
SER OXT  O N N 293 
SER H    H N N 294 
SER H2   H N N 295 
SER HA   H N N 296 
SER HB2  H N N 297 
SER HB3  H N N 298 
SER HG   H N N 299 
SER HXT  H N N 300 
THR N    N N N 301 
THR CA   C N S 302 
THR C    C N N 303 
THR O    O N N 304 
THR CB   C N R 305 
THR OG1  O N N 306 
THR CG2  C N N 307 
THR OXT  O N N 308 
THR H    H N N 309 
THR H2   H N N 310 
THR HA   H N N 311 
THR HB   H N N 312 
THR HG1  H N N 313 
THR HG21 H N N 314 
THR HG22 H N N 315 
THR HG23 H N N 316 
THR HXT  H N N 317 
TRP N    N N N 318 
TRP CA   C N S 319 
TRP C    C N N 320 
TRP O    O N N 321 
TRP CB   C N N 322 
TRP CG   C Y N 323 
TRP CD1  C Y N 324 
TRP CD2  C Y N 325 
TRP NE1  N Y N 326 
TRP CE2  C Y N 327 
TRP CE3  C Y N 328 
TRP CZ2  C Y N 329 
TRP CZ3  C Y N 330 
TRP CH2  C Y N 331 
TRP OXT  O N N 332 
TRP H    H N N 333 
TRP H2   H N N 334 
TRP HA   H N N 335 
TRP HB2  H N N 336 
TRP HB3  H N N 337 
TRP HD1  H N N 338 
TRP HE1  H N N 339 
TRP HE3  H N N 340 
TRP HZ2  H N N 341 
TRP HZ3  H N N 342 
TRP HH2  H N N 343 
TRP HXT  H N N 344 
TYR N    N N N 345 
TYR CA   C N S 346 
TYR C    C N N 347 
TYR O    O N N 348 
TYR CB   C N N 349 
TYR CG   C Y N 350 
TYR CD1  C Y N 351 
TYR CD2  C Y N 352 
TYR CE1  C Y N 353 
TYR CE2  C Y N 354 
TYR CZ   C Y N 355 
TYR OH   O N N 356 
TYR OXT  O N N 357 
TYR H    H N N 358 
TYR H2   H N N 359 
TYR HA   H N N 360 
TYR HB2  H N N 361 
TYR HB3  H N N 362 
TYR HD1  H N N 363 
TYR HD2  H N N 364 
TYR HE1  H N N 365 
TYR HE2  H N N 366 
TYR HH   H N N 367 
TYR HXT  H N N 368 
VAL N    N N N 369 
VAL CA   C N S 370 
VAL C    C N N 371 
VAL O    O N N 372 
VAL CB   C N N 373 
VAL CG1  C N N 374 
VAL CG2  C N N 375 
VAL OXT  O N N 376 
VAL H    H N N 377 
VAL H2   H N N 378 
VAL HA   H N N 379 
VAL HB   H N N 380 
VAL HG11 H N N 381 
VAL HG12 H N N 382 
VAL HG13 H N N 383 
VAL HG21 H N N 384 
VAL HG22 H N N 385 
VAL HG23 H N N 386 
VAL HXT  H N N 387 
# 
loop_
_chem_comp_bond.comp_id 
_chem_comp_bond.atom_id_1 
_chem_comp_bond.atom_id_2 
_chem_comp_bond.value_order 
_chem_comp_bond.pdbx_aromatic_flag 
_chem_comp_bond.pdbx_stereo_config 
_chem_comp_bond.pdbx_ordinal 
ALA N   CA   sing N N 1   
ALA N   H    sing N N 2   
ALA N   H2   sing N N 3   
ALA CA  C    sing N N 4   
ALA CA  CB   sing N N 5   
ALA CA  HA   sing N N 6   
ALA C   O    doub N N 7   
ALA C   OXT  sing N N 8   
ALA CB  HB1  sing N N 9   
ALA CB  HB2  sing N N 10  
ALA CB  HB3  sing N N 11  
ALA OXT HXT  sing N N 12  
ARG N   CA   sing N N 13  
ARG N   H    sing N N 14  
ARG N   H2   sing N N 15  
ARG CA  C    sing N N 16  
ARG CA  CB   sing N N 17  
ARG CA  HA   sing N N 18  
ARG C   O    doub N N 19  
ARG C   OXT  sing N N 20  
ARG CB  CG   sing N N 21  
ARG CB  HB2  sing N N 22  
ARG CB  HB3  sing N N 23  
ARG CG  CD   sing N N 24  
ARG CG  HG2  sing N N 25  
ARG CG  HG3  sing N N 26  
ARG CD  NE   sing N N 27  
ARG CD  HD2  sing N N 28  
ARG CD  HD3  sing N N 29  
ARG NE  CZ   sing N N 30  
ARG NE  HE   sing N N 31  
ARG CZ  NH1  sing N N 32  
ARG CZ  NH2  doub N N 33  
ARG NH1 HH11 sing N N 34  
ARG NH1 HH12 sing N N 35  
ARG NH2 HH21 sing N N 36  
ARG NH2 HH22 sing N N 37  
ARG OXT HXT  sing N N 38  
ASN N   CA   sing N N 39  
ASN N   H    sing N N 40  
ASN N   H2   sing N N 41  
ASN CA  C    sing N N 42  
ASN CA  CB   sing N N 43  
ASN CA  HA   sing N N 44  
ASN C   O    doub N N 45  
ASN C   OXT  sing N N 46  
ASN CB  CG   sing N N 47  
ASN CB  HB2  sing N N 48  
ASN CB  HB3  sing N N 49  
ASN CG  OD1  doub N N 50  
ASN CG  ND2  sing N N 51  
ASN ND2 HD21 sing N N 52  
ASN ND2 HD22 sing N N 53  
ASN OXT HXT  sing N N 54  
ASP N   CA   sing N N 55  
ASP N   H    sing N N 56  
ASP N   H2   sing N N 57  
ASP CA  C    sing N N 58  
ASP CA  CB   sing N N 59  
ASP CA  HA   sing N N 60  
ASP C   O    doub N N 61  
ASP C   OXT  sing N N 62  
ASP CB  CG   sing N N 63  
ASP CB  HB2  sing N N 64  
ASP CB  HB3  sing N N 65  
ASP CG  OD1  doub N N 66  
ASP CG  OD2  sing N N 67  
ASP OD2 HD2  sing N N 68  
ASP OXT HXT  sing N N 69  
CYS N   CA   sing N N 70  
CYS N   H    sing N N 71  
CYS N   H2   sing N N 72  
CYS CA  C    sing N N 73  
CYS CA  CB   sing N N 74  
CYS CA  HA   sing N N 75  
CYS C   O    doub N N 76  
CYS C   OXT  sing N N 77  
CYS CB  SG   sing N N 78  
CYS CB  HB2  sing N N 79  
CYS CB  HB3  sing N N 80  
CYS SG  HG   sing N N 81  
CYS OXT HXT  sing N N 82  
GLN N   CA   sing N N 83  
GLN N   H    sing N N 84  
GLN N   H2   sing N N 85  
GLN CA  C    sing N N 86  
GLN CA  CB   sing N N 87  
GLN CA  HA   sing N N 88  
GLN C   O    doub N N 89  
GLN C   OXT  sing N N 90  
GLN CB  CG   sing N N 91  
GLN CB  HB2  sing N N 92  
GLN CB  HB3  sing N N 93  
GLN CG  CD   sing N N 94  
GLN CG  HG2  sing N N 95  
GLN CG  HG3  sing N N 96  
GLN CD  OE1  doub N N 97  
GLN CD  NE2  sing N N 98  
GLN NE2 HE21 sing N N 99  
GLN NE2 HE22 sing N N 100 
GLN OXT HXT  sing N N 101 
GLU N   CA   sing N N 102 
GLU N   H    sing N N 103 
GLU N   H2   sing N N 104 
GLU CA  C    sing N N 105 
GLU CA  CB   sing N N 106 
GLU CA  HA   sing N N 107 
GLU C   O    doub N N 108 
GLU C   OXT  sing N N 109 
GLU CB  CG   sing N N 110 
GLU CB  HB2  sing N N 111 
GLU CB  HB3  sing N N 112 
GLU CG  CD   sing N N 113 
GLU CG  HG2  sing N N 114 
GLU CG  HG3  sing N N 115 
GLU CD  OE1  doub N N 116 
GLU CD  OE2  sing N N 117 
GLU OE2 HE2  sing N N 118 
GLU OXT HXT  sing N N 119 
GLY N   CA   sing N N 120 
GLY N   H    sing N N 121 
GLY N   H2   sing N N 122 
GLY CA  C    sing N N 123 
GLY CA  HA2  sing N N 124 
GLY CA  HA3  sing N N 125 
GLY C   O    doub N N 126 
GLY C   OXT  sing N N 127 
GLY OXT HXT  sing N N 128 
HIS N   CA   sing N N 129 
HIS N   H    sing N N 130 
HIS N   H2   sing N N 131 
HIS CA  C    sing N N 132 
HIS CA  CB   sing N N 133 
HIS CA  HA   sing N N 134 
HIS C   O    doub N N 135 
HIS C   OXT  sing N N 136 
HIS CB  CG   sing N N 137 
HIS CB  HB2  sing N N 138 
HIS CB  HB3  sing N N 139 
HIS CG  ND1  sing Y N 140 
HIS CG  CD2  doub Y N 141 
HIS ND1 CE1  doub Y N 142 
HIS ND1 HD1  sing N N 143 
HIS CD2 NE2  sing Y N 144 
HIS CD2 HD2  sing N N 145 
HIS CE1 NE2  sing Y N 146 
HIS CE1 HE1  sing N N 147 
HIS NE2 HE2  sing N N 148 
HIS OXT HXT  sing N N 149 
ILE N   CA   sing N N 150 
ILE N   H    sing N N 151 
ILE N   H2   sing N N 152 
ILE CA  C    sing N N 153 
ILE CA  CB   sing N N 154 
ILE CA  HA   sing N N 155 
ILE C   O    doub N N 156 
ILE C   OXT  sing N N 157 
ILE CB  CG1  sing N N 158 
ILE CB  CG2  sing N N 159 
ILE CB  HB   sing N N 160 
ILE CG1 CD1  sing N N 161 
ILE CG1 HG12 sing N N 162 
ILE CG1 HG13 sing N N 163 
ILE CG2 HG21 sing N N 164 
ILE CG2 HG22 sing N N 165 
ILE CG2 HG23 sing N N 166 
ILE CD1 HD11 sing N N 167 
ILE CD1 HD12 sing N N 168 
ILE CD1 HD13 sing N N 169 
ILE OXT HXT  sing N N 170 
LEU N   CA   sing N N 171 
LEU N   H    sing N N 172 
LEU N   H2   sing N N 173 
LEU CA  C    sing N N 174 
LEU CA  CB   sing N N 175 
LEU CA  HA   sing N N 176 
LEU C   O    doub N N 177 
LEU C   OXT  sing N N 178 
LEU CB  CG   sing N N 179 
LEU CB  HB2  sing N N 180 
LEU CB  HB3  sing N N 181 
LEU CG  CD1  sing N N 182 
LEU CG  CD2  sing N N 183 
LEU CG  HG   sing N N 184 
LEU CD1 HD11 sing N N 185 
LEU CD1 HD12 sing N N 186 
LEU CD1 HD13 sing N N 187 
LEU CD2 HD21 sing N N 188 
LEU CD2 HD22 sing N N 189 
LEU CD2 HD23 sing N N 190 
LEU OXT HXT  sing N N 191 
LYS N   CA   sing N N 192 
LYS N   H    sing N N 193 
LYS N   H2   sing N N 194 
LYS CA  C    sing N N 195 
LYS CA  CB   sing N N 196 
LYS CA  HA   sing N N 197 
LYS C   O    doub N N 198 
LYS C   OXT  sing N N 199 
LYS CB  CG   sing N N 200 
LYS CB  HB2  sing N N 201 
LYS CB  HB3  sing N N 202 
LYS CG  CD   sing N N 203 
LYS CG  HG2  sing N N 204 
LYS CG  HG3  sing N N 205 
LYS CD  CE   sing N N 206 
LYS CD  HD2  sing N N 207 
LYS CD  HD3  sing N N 208 
LYS CE  NZ   sing N N 209 
LYS CE  HE2  sing N N 210 
LYS CE  HE3  sing N N 211 
LYS NZ  HZ1  sing N N 212 
LYS NZ  HZ2  sing N N 213 
LYS NZ  HZ3  sing N N 214 
LYS OXT HXT  sing N N 215 
MET N   CA   sing N N 216 
MET N   H    sing N N 217 
MET N   H2   sing N N 218 
MET CA  C    sing N N 219 
MET CA  CB   sing N N 220 
MET CA  HA   sing N N 221 
MET C   O    doub N N 222 
MET C   OXT  sing N N 223 
MET CB  CG   sing N N 224 
MET CB  HB2  sing N N 225 
MET CB  HB3  sing N N 226 
MET CG  SD   sing N N 227 
MET CG  HG2  sing N N 228 
MET CG  HG3  sing N N 229 
MET SD  CE   sing N N 230 
MET CE  HE1  sing N N 231 
MET CE  HE2  sing N N 232 
MET CE  HE3  sing N N 233 
MET OXT HXT  sing N N 234 
PHE N   CA   sing N N 235 
PHE N   H    sing N N 236 
PHE N   H2   sing N N 237 
PHE CA  C    sing N N 238 
PHE CA  CB   sing N N 239 
PHE CA  HA   sing N N 240 
PHE C   O    doub N N 241 
PHE C   OXT  sing N N 242 
PHE CB  CG   sing N N 243 
PHE CB  HB2  sing N N 244 
PHE CB  HB3  sing N N 245 
PHE CG  CD1  doub Y N 246 
PHE CG  CD2  sing Y N 247 
PHE CD1 CE1  sing Y N 248 
PHE CD1 HD1  sing N N 249 
PHE CD2 CE2  doub Y N 250 
PHE CD2 HD2  sing N N 251 
PHE CE1 CZ   doub Y N 252 
PHE CE1 HE1  sing N N 253 
PHE CE2 CZ   sing Y N 254 
PHE CE2 HE2  sing N N 255 
PHE CZ  HZ   sing N N 256 
PHE OXT HXT  sing N N 257 
PRO N   CA   sing N N 258 
PRO N   CD   sing N N 259 
PRO N   H    sing N N 260 
PRO CA  C    sing N N 261 
PRO CA  CB   sing N N 262 
PRO CA  HA   sing N N 263 
PRO C   O    doub N N 264 
PRO C   OXT  sing N N 265 
PRO CB  CG   sing N N 266 
PRO CB  HB2  sing N N 267 
PRO CB  HB3  sing N N 268 
PRO CG  CD   sing N N 269 
PRO CG  HG2  sing N N 270 
PRO CG  HG3  sing N N 271 
PRO CD  HD2  sing N N 272 
PRO CD  HD3  sing N N 273 
PRO OXT HXT  sing N N 274 
SER N   CA   sing N N 275 
SER N   H    sing N N 276 
SER N   H2   sing N N 277 
SER CA  C    sing N N 278 
SER CA  CB   sing N N 279 
SER CA  HA   sing N N 280 
SER C   O    doub N N 281 
SER C   OXT  sing N N 282 
SER CB  OG   sing N N 283 
SER CB  HB2  sing N N 284 
SER CB  HB3  sing N N 285 
SER OG  HG   sing N N 286 
SER OXT HXT  sing N N 287 
THR N   CA   sing N N 288 
THR N   H    sing N N 289 
THR N   H2   sing N N 290 
THR CA  C    sing N N 291 
THR CA  CB   sing N N 292 
THR CA  HA   sing N N 293 
THR C   O    doub N N 294 
THR C   OXT  sing N N 295 
THR CB  OG1  sing N N 296 
THR CB  CG2  sing N N 297 
THR CB  HB   sing N N 298 
THR OG1 HG1  sing N N 299 
THR CG2 HG21 sing N N 300 
THR CG2 HG22 sing N N 301 
THR CG2 HG23 sing N N 302 
THR OXT HXT  sing N N 303 
TRP N   CA   sing N N 304 
TRP N   H    sing N N 305 
TRP N   H2   sing N N 306 
TRP CA  C    sing N N 307 
TRP CA  CB   sing N N 308 
TRP CA  HA   sing N N 309 
TRP C   O    doub N N 310 
TRP C   OXT  sing N N 311 
TRP CB  CG   sing N N 312 
TRP CB  HB2  sing N N 313 
TRP CB  HB3  sing N N 314 
TRP CG  CD1  doub Y N 315 
TRP CG  CD2  sing Y N 316 
TRP CD1 NE1  sing Y N 317 
TRP CD1 HD1  sing N N 318 
TRP CD2 CE2  doub Y N 319 
TRP CD2 CE3  sing Y N 320 
TRP NE1 CE2  sing Y N 321 
TRP NE1 HE1  sing N N 322 
TRP CE2 CZ2  sing Y N 323 
TRP CE3 CZ3  doub Y N 324 
TRP CE3 HE3  sing N N 325 
TRP CZ2 CH2  doub Y N 326 
TRP CZ2 HZ2  sing N N 327 
TRP CZ3 CH2  sing Y N 328 
TRP CZ3 HZ3  sing N N 329 
TRP CH2 HH2  sing N N 330 
TRP OXT HXT  sing N N 331 
TYR N   CA   sing N N 332 
TYR N   H    sing N N 333 
TYR N   H2   sing N N 334 
TYR CA  C    sing N N 335 
TYR CA  CB   sing N N 336 
TYR CA  HA   sing N N 337 
TYR C   O    doub N N 338 
TYR C   OXT  sing N N 339 
TYR CB  CG   sing N N 340 
TYR CB  HB2  sing N N 341 
TYR CB  HB3  sing N N 342 
TYR CG  CD1  doub Y N 343 
TYR CG  CD2  sing Y N 344 
TYR CD1 CE1  sing Y N 345 
TYR CD1 HD1  sing N N 346 
TYR CD2 CE2  doub Y N 347 
TYR CD2 HD2  sing N N 348 
TYR CE1 CZ   doub Y N 349 
TYR CE1 HE1  sing N N 350 
TYR CE2 CZ   sing Y N 351 
TYR CE2 HE2  sing N N 352 
TYR CZ  OH   sing N N 353 
TYR OH  HH   sing N N 354 
TYR OXT HXT  sing N N 355 
VAL N   CA   sing N N 356 
VAL N   H    sing N N 357 
VAL N   H2   sing N N 358 
VAL CA  C    sing N N 359 
VAL CA  CB   sing N N 360 
VAL CA  HA   sing N N 361 
VAL C   O    doub N N 362 
VAL C   OXT  sing N N 363 
VAL CB  CG1  sing N N 364 
VAL CB  CG2  sing N N 365 
VAL CB  HB   sing N N 366 
VAL CG1 HG11 sing N N 367 
VAL CG1 HG12 sing N N 368 
VAL CG1 HG13 sing N N 369 
VAL CG2 HG21 sing N N 370 
VAL CG2 HG22 sing N N 371 
VAL CG2 HG23 sing N N 372 
VAL OXT HXT  sing N N 373 
# 
_atom_sites.entry_id                    4NN1 
_atom_sites.fract_transf_matrix[1][1]   0.00599302 
_atom_sites.fract_transf_matrix[1][2]   0.00272622 
_atom_sites.fract_transf_matrix[1][3]   0.00002200 
_atom_sites.fract_transf_matrix[2][1]   -0.00208002 
_atom_sites.fract_transf_matrix[2][2]   0.00453784 
_atom_sites.fract_transf_matrix[2][3]   0.00429309 
_atom_sites.fract_transf_matrix[3][1]   0.00176246 
_atom_sites.fract_transf_matrix[3][2]   -0.00391469 
_atom_sites.fract_transf_matrix[3][3]   0.00499179 
_atom_sites.fract_transf_vector[1]      1.365718 
_atom_sites.fract_transf_vector[2]      1.097489 
_atom_sites.fract_transf_vector[3]      0.174966 
# 
loop_
_atom_type.symbol 
C 
N 
O 
S 
# 
loop_
_atom_site.group_PDB 
_atom_site.id 
_atom_site.type_symbol 
_atom_site.label_atom_id 
_atom_site.label_alt_id 
_atom_site.label_comp_id 
_atom_site.label_asym_id 
_atom_site.label_entity_id 
_atom_site.label_seq_id 
_atom_site.pdbx_PDB_ins_code 
_atom_site.Cartn_x 
_atom_site.Cartn_y 
_atom_site.Cartn_z 
_atom_site.occupancy 
_atom_site.B_iso_or_equiv 
_atom_site.pdbx_formal_charge 
_atom_site.auth_seq_id 
_atom_site.auth_comp_id 
_atom_site.auth_asym_id 
_atom_site.auth_atom_id 
_atom_site.pdbx_PDB_model_num 
ATOM 1    N N   . LEU A 1 6   ? -1.076  5.163   -25.421 1.00 84.04  ? 6   LEU A N   1 
ATOM 2    C CA  . LEU A 1 6   ? -2.265  5.197   -24.546 1.00 95.47  ? 6   LEU A CA  1 
ATOM 3    C C   . LEU A 1 6   ? -2.458  3.879   -23.753 1.00 85.34  ? 6   LEU A C   1 
ATOM 4    O O   . LEU A 1 6   ? -2.261  3.834   -22.530 1.00 74.39  ? 6   LEU A O   1 
ATOM 5    C CB  . LEU A 1 6   ? -3.544  5.592   -25.326 1.00 95.32  ? 6   LEU A CB  1 
ATOM 6    C CG  . LEU A 1 6   ? -3.564  5.657   -26.865 1.00 96.73  ? 6   LEU A CG  1 
ATOM 7    C CD1 . LEU A 1 6   ? -5.003  5.496   -27.403 1.00 96.40  ? 6   LEU A CD1 1 
ATOM 8    C CD2 . LEU A 1 6   ? -2.900  6.935   -27.421 1.00 81.51  ? 6   LEU A CD2 1 
ATOM 9    N N   . THR A 1 7   ? -2.845  2.809   -24.446 1.00 84.12  ? 7   THR A N   1 
ATOM 10   C CA  . THR A 1 7   ? -2.803  1.486   -23.840 1.00 81.29  ? 7   THR A CA  1 
ATOM 11   C C   . THR A 1 7   ? -1.339  1.062   -23.888 1.00 77.87  ? 7   THR A C   1 
ATOM 12   O O   . THR A 1 7   ? -0.903  0.175   -23.150 1.00 76.59  ? 7   THR A O   1 
ATOM 13   C CB  . THR A 1 7   ? -3.738  0.464   -24.564 1.00 86.81  ? 7   THR A CB  1 
ATOM 14   O OG1 . THR A 1 7   ? -3.725  -0.799  -23.873 1.00 81.83  ? 7   THR A OG1 1 
ATOM 15   C CG2 . THR A 1 7   ? -3.332  0.268   -26.033 1.00 84.92  ? 7   THR A CG2 1 
ATOM 16   N N   . ALA A 1 8   ? -0.585  1.737   -24.755 1.00 74.16  ? 8   ALA A N   1 
ATOM 17   C CA  . ALA A 1 8   ? 0.849   1.518   -24.896 1.00 69.68  ? 8   ALA A CA  1 
ATOM 18   C C   . ALA A 1 8   ? 1.640   1.902   -23.632 1.00 70.65  ? 8   ALA A C   1 
ATOM 19   O O   . ALA A 1 8   ? 2.435   1.103   -23.127 1.00 67.67  ? 8   ALA A O   1 
ATOM 20   C CB  . ALA A 1 8   ? 1.366   2.275   -26.093 1.00 75.87  ? 8   ALA A CB  1 
ATOM 21   N N   . HIS A 1 9   ? 1.444   3.126   -23.141 1.00 67.70  ? 9   HIS A N   1 
ATOM 22   C CA  . HIS A 1 9   ? 1.988   3.543   -21.849 1.00 60.48  ? 9   HIS A CA  1 
ATOM 23   C C   . HIS A 1 9   ? 1.762   2.468   -20.763 1.00 61.33  ? 9   HIS A C   1 
ATOM 24   O O   . HIS A 1 9   ? 2.691   2.080   -20.030 1.00 56.77  ? 9   HIS A O   1 
ATOM 25   C CB  . HIS A 1 9   ? 1.310   4.849   -21.429 1.00 59.13  ? 9   HIS A CB  1 
ATOM 26   C CG  . HIS A 1 9   ? 2.102   5.676   -20.458 1.00 57.81  ? 9   HIS A CG  1 
ATOM 27   N ND1 . HIS A 1 9   ? 3.187   6.441   -20.838 1.00 55.61  ? 9   HIS A ND1 1 
ATOM 28   C CD2 . HIS A 1 9   ? 1.940   5.887   -19.131 1.00 57.26  ? 9   HIS A CD2 1 
ATOM 29   C CE1 . HIS A 1 9   ? 3.670   7.070   -19.781 1.00 58.44  ? 9   HIS A CE1 1 
ATOM 30   N NE2 . HIS A 1 9   ? 2.930   6.747   -18.729 1.00 61.13  ? 9   HIS A NE2 1 
ATOM 31   N N   . ALA A 1 10  ? 0.525   1.982   -20.686 1.00 60.06  ? 10  ALA A N   1 
ATOM 32   C CA  . ALA A 1 10  ? 0.114   1.055   -19.639 1.00 57.12  ? 10  ALA A CA  1 
ATOM 33   C C   . ALA A 1 10  ? 0.749   -0.329  -19.760 1.00 62.68  ? 10  ALA A C   1 
ATOM 34   O O   . ALA A 1 10  ? 1.171   -0.908  -18.749 1.00 61.77  ? 10  ALA A O   1 
ATOM 35   C CB  . ALA A 1 10  ? -1.388  0.934   -19.611 1.00 62.95  ? 10  ALA A CB  1 
ATOM 36   N N   . ARG A 1 11  ? 0.785   -0.874  -20.978 1.00 63.22  ? 11  ARG A N   1 
ATOM 37   C CA  . ARG A 1 11  ? 1.406   -2.181  -21.210 1.00 62.78  ? 11  ARG A CA  1 
ATOM 38   C C   . ARG A 1 11  ? 2.891   -2.150  -20.833 1.00 63.46  ? 11  ARG A C   1 
ATOM 39   O O   . ARG A 1 11  ? 3.432   -3.131  -20.305 1.00 65.63  ? 11  ARG A O   1 
ATOM 40   C CB  . ARG A 1 11  ? 1.248   -2.643  -22.664 1.00 61.69  ? 11  ARG A CB  1 
ATOM 41   C CG  . ARG A 1 11  ? -0.169  -2.985  -23.078 1.00 76.50  ? 11  ARG A CG  1 
ATOM 42   C CD  . ARG A 1 11  ? -0.206  -3.717  -24.425 1.00 89.30  ? 11  ARG A CD  1 
ATOM 43   N NE  . ARG A 1 11  ? -1.553  -3.745  -25.003 1.00 100.55 ? 11  ARG A NE  1 
ATOM 44   C CZ  . ARG A 1 11  ? -1.991  -4.674  -25.849 1.00 102.82 ? 11  ARG A CZ  1 
ATOM 45   N NH1 . ARG A 1 11  ? -3.233  -4.618  -26.321 1.00 102.80 ? 11  ARG A NH1 1 
ATOM 46   N NH2 . ARG A 1 11  ? -1.186  -5.662  -26.215 1.00 98.89  ? 11  ARG A NH2 1 
ATOM 47   N N   . ILE A 1 12  ? 3.555   -1.034  -21.107 1.00 56.22  ? 12  ILE A N   1 
ATOM 48   C CA  . ILE A 1 12  ? 4.942   -0.930  -20.717 1.00 56.76  ? 12  ILE A CA  1 
ATOM 49   C C   . ILE A 1 12  ? 5.022   -0.856  -19.210 1.00 58.61  ? 12  ILE A C   1 
ATOM 50   O O   . ILE A 1 12  ? 5.801   -1.575  -18.594 1.00 61.81  ? 12  ILE A O   1 
ATOM 51   C CB  . ILE A 1 12  ? 5.622   0.300   -21.291 1.00 59.49  ? 12  ILE A CB  1 
ATOM 52   C CG1 . ILE A 1 12  ? 5.547   0.266   -22.808 1.00 56.99  ? 12  ILE A CG1 1 
ATOM 53   C CG2 . ILE A 1 12  ? 7.080   0.356   -20.830 1.00 53.71  ? 12  ILE A CG2 1 
ATOM 54   C CD1 . ILE A 1 12  ? 6.436   1.290   -23.451 1.00 63.65  ? 12  ILE A CD1 1 
ATOM 55   N N   . ARG A 1 13  ? 4.221   0.022   -18.617 1.00 56.13  ? 13  ARG A N   1 
ATOM 56   C CA  . ARG A 1 13  ? 4.225   0.169   -17.173 1.00 54.06  ? 13  ARG A CA  1 
ATOM 57   C C   . ARG A 1 13  ? 3.880   -1.165  -16.475 1.00 57.44  ? 13  ARG A C   1 
ATOM 58   O O   . ARG A 1 13  ? 4.532   -1.520  -15.481 1.00 57.48  ? 13  ARG A O   1 
ATOM 59   C CB  . ARG A 1 13  ? 3.292   1.307   -16.750 1.00 55.24  ? 13  ARG A CB  1 
ATOM 60   C CG  . ARG A 1 13  ? 3.470   1.782   -15.314 1.00 54.18  ? 13  ARG A CG  1 
ATOM 61   C CD  . ARG A 1 13  ? 2.343   2.717   -14.939 1.00 53.42  ? 13  ARG A CD  1 
ATOM 62   N NE  . ARG A 1 13  ? 1.062   2.143   -15.342 1.00 57.96  ? 13  ARG A NE  1 
ATOM 63   C CZ  . ARG A 1 13  ? 0.055   2.838   -15.861 1.00 57.36  ? 13  ARG A CZ  1 
ATOM 64   N NH1 . ARG A 1 13  ? 0.179   4.149   -16.022 1.00 52.67  ? 13  ARG A NH1 1 
ATOM 65   N NH2 . ARG A 1 13  ? -1.077  2.222   -16.206 1.00 56.71  ? 13  ARG A NH2 1 
ATOM 66   N N   . GLU A 1 14  ? 2.899   -1.913  -17.008 1.00 54.97  ? 14  GLU A N   1 
ATOM 67   C CA  . GLU A 1 14  ? 2.518   -3.225  -16.446 1.00 53.06  ? 14  GLU A CA  1 
ATOM 68   C C   . GLU A 1 14  ? 3.718   -4.143  -16.410 1.00 54.26  ? 14  GLU A C   1 
ATOM 69   O O   . GLU A 1 14  ? 4.035   -4.732  -15.376 1.00 56.15  ? 14  GLU A O   1 
ATOM 70   C CB  . GLU A 1 14  ? 1.373   -3.906  -17.237 1.00 56.75  ? 14  GLU A CB  1 
ATOM 71   C CG  . GLU A 1 14  ? 0.860   -5.232  -16.601 1.00 56.63  ? 14  GLU A CG  1 
ATOM 72   C CD  . GLU A 1 14  ? -0.217  -5.985  -17.420 1.00 62.57  ? 14  GLU A CD  1 
ATOM 73   O OE1 . GLU A 1 14  ? -1.208  -5.363  -17.861 1.00 65.55  ? 14  GLU A OE1 1 
ATOM 74   O OE2 . GLU A 1 14  ? -0.084  -7.221  -17.603 1.00 62.38  ? 14  GLU A OE2 1 
ATOM 75   N N   . ALA A 1 15  ? 4.378   -4.243  -17.562 1.00 60.27  ? 15  ALA A N   1 
ATOM 76   C CA  . ALA A 1 15  ? 5.594   -5.024  -17.751 1.00 52.69  ? 15  ALA A CA  1 
ATOM 77   C C   . ALA A 1 15  ? 6.733   -4.688  -16.768 1.00 55.76  ? 15  ALA A C   1 
ATOM 78   O O   . ALA A 1 15  ? 7.374   -5.601  -16.240 1.00 58.12  ? 15  ALA A O   1 
ATOM 79   C CB  . ALA A 1 15  ? 6.065   -4.863  -19.172 1.00 49.59  ? 15  ALA A CB  1 
ATOM 80   N N   . ALA A 1 16  ? 6.992   -3.399  -16.531 1.00 49.69  ? 16  ALA A N   1 
ATOM 81   C CA  . ALA A 1 16  ? 8.099   -3.003  -15.656 1.00 54.08  ? 16  ALA A CA  1 
ATOM 82   C C   . ALA A 1 16  ? 7.838   -3.436  -14.211 1.00 61.11  ? 16  ALA A C   1 
ATOM 83   O O   . ALA A 1 16  ? 8.746   -3.860  -13.482 1.00 58.74  ? 16  ALA A O   1 
ATOM 84   C CB  . ALA A 1 16  ? 8.339   -1.509  -15.731 1.00 53.63  ? 16  ALA A CB  1 
ATOM 85   N N   . ILE A 1 17  ? 6.580   -3.317  -13.808 1.00 59.95  ? 17  ILE A N   1 
ATOM 86   C CA  . ILE A 1 17  ? 6.165   -3.708  -12.476 1.00 59.56  ? 17  ILE A CA  1 
ATOM 87   C C   . ILE A 1 17  ? 6.371   -5.200  -12.268 1.00 59.12  ? 17  ILE A C   1 
ATOM 88   O O   . ILE A 1 17  ? 6.805   -5.624  -11.201 1.00 68.39  ? 17  ILE A O   1 
ATOM 89   C CB  . ILE A 1 17  ? 4.701   -3.308  -12.236 1.00 62.43  ? 17  ILE A CB  1 
ATOM 90   C CG1 . ILE A 1 17  ? 4.641   -1.876  -11.693 1.00 62.97  ? 17  ILE A CG1 1 
ATOM 91   C CG2 . ILE A 1 17  ? 4.011   -4.279  -11.298 1.00 58.94  ? 17  ILE A CG2 1 
ATOM 92   C CD1 . ILE A 1 17  ? 3.333   -1.164  -11.993 1.00 55.77  ? 17  ILE A CD1 1 
ATOM 93   N N   . GLU A 1 18  ? 6.067   -6.001  -13.282 1.00 57.81  ? 18  GLU A N   1 
ATOM 94   C CA  . GLU A 1 18  ? 6.279   -7.437  -13.171 1.00 62.23  ? 18  GLU A CA  1 
ATOM 95   C C   . GLU A 1 18  ? 7.769   -7.761  -13.109 1.00 66.62  ? 18  GLU A C   1 
ATOM 96   O O   . GLU A 1 18  ? 8.191   -8.663  -12.384 1.00 69.92  ? 18  GLU A O   1 
ATOM 97   C CB  . GLU A 1 18  ? 5.645   -8.182  -14.335 1.00 60.49  ? 18  GLU A CB  1 
ATOM 98   C CG  . GLU A 1 18  ? 5.634   -9.689  -14.135 1.00 75.25  ? 18  GLU A CG  1 
ATOM 99   C CD  . GLU A 1 18  ? 5.098   -10.445 -15.350 1.00 92.41  ? 18  GLU A CD  1 
ATOM 100  O OE1 . GLU A 1 18  ? 5.205   -9.910  -16.483 1.00 90.91  ? 18  GLU A OE1 1 
ATOM 101  O OE2 . GLU A 1 18  ? 4.575   -11.575 -15.174 1.00 94.20  ? 18  GLU A OE2 1 
ATOM 102  N N   . GLN A 1 19  ? 8.568   -7.016  -13.863 1.00 64.06  ? 19  GLN A N   1 
ATOM 103  C CA  . GLN A 1 19  ? 9.999   -7.283  -13.933 1.00 64.83  ? 19  GLN A CA  1 
ATOM 104  C C   . GLN A 1 19  ? 10.733  -6.763  -12.702 1.00 66.74  ? 19  GLN A C   1 
ATOM 105  O O   . GLN A 1 19  ? 11.608  -7.438  -12.165 1.00 69.51  ? 19  GLN A O   1 
ATOM 106  C CB  . GLN A 1 19  ? 10.601  -6.693  -15.218 1.00 63.78  ? 19  GLN A CB  1 
ATOM 107  C CG  . GLN A 1 19  ? 10.014  -7.282  -16.496 1.00 59.33  ? 19  GLN A CG  1 
ATOM 108  C CD  . GLN A 1 19  ? 10.046  -8.803  -16.507 1.00 65.18  ? 19  GLN A CD  1 
ATOM 109  O OE1 . GLN A 1 19  ? 11.065  -9.415  -16.171 1.00 68.20  ? 19  GLN A OE1 1 
ATOM 110  N NE2 . GLN A 1 19  ? 8.922   -9.420  -16.881 1.00 58.41  ? 19  GLN A NE2 1 
ATOM 111  N N   . PHE A 1 20  ? 10.391  -5.554  -12.272 1.00 68.66  ? 20  PHE A N   1 
ATOM 112  C CA  . PHE A 1 20  ? 10.964  -4.988  -11.057 1.00 68.01  ? 20  PHE A CA  1 
ATOM 113  C C   . PHE A 1 20  ? 10.493  -5.794  -9.852  1.00 64.84  ? 20  PHE A C   1 
ATOM 114  O O   . PHE A 1 20  ? 11.220  -5.951  -8.877  1.00 64.37  ? 20  PHE A O   1 
ATOM 115  C CB  . PHE A 1 20  ? 10.540  -3.530  -10.902 1.00 66.32  ? 20  PHE A CB  1 
ATOM 116  C CG  . PHE A 1 20  ? 11.213  -2.600  -11.859 1.00 65.20  ? 20  PHE A CG  1 
ATOM 117  C CD1 . PHE A 1 20  ? 12.529  -2.806  -12.234 1.00 74.01  ? 20  PHE A CD1 1 
ATOM 118  C CD2 . PHE A 1 20  ? 10.532  -1.517  -12.389 1.00 64.24  ? 20  PHE A CD2 1 
ATOM 119  C CE1 . PHE A 1 20  ? 13.167  -1.935  -13.119 1.00 72.86  ? 20  PHE A CE1 1 
ATOM 120  C CE2 . PHE A 1 20  ? 11.155  -0.649  -13.273 1.00 61.64  ? 20  PHE A CE2 1 
ATOM 121  C CZ  . PHE A 1 20  ? 12.474  -0.858  -13.636 1.00 65.29  ? 20  PHE A CZ  1 
ATOM 122  N N   . GLY A 1 21  ? 9.265   -6.290  -9.927  1.00 60.68  ? 21  GLY A N   1 
ATOM 123  C CA  . GLY A 1 21  ? 8.747   -7.173  -8.909  1.00 59.53  ? 21  GLY A CA  1 
ATOM 124  C C   . GLY A 1 21  ? 9.625   -8.400  -8.838  1.00 62.99  ? 21  GLY A C   1 
ATOM 125  O O   . GLY A 1 21  ? 10.336  -8.592  -7.853  1.00 65.71  ? 21  GLY A O   1 
ATOM 126  N N   . ARG A 1 22  ? 9.604   -9.208  -9.898  1.00 63.82  ? 22  ARG A N   1 
ATOM 127  C CA  . ARG A 1 22  ? 10.307  -10.495 -9.925  1.00 63.97  ? 22  ARG A CA  1 
ATOM 128  C C   . ARG A 1 22  ? 11.827  -10.443 -9.782  1.00 65.77  ? 22  ARG A C   1 
ATOM 129  O O   . ARG A 1 22  ? 12.388  -11.191 -8.997  1.00 73.72  ? 22  ARG A O   1 
ATOM 130  C CB  . ARG A 1 22  ? 9.946   -11.285 -11.184 1.00 66.02  ? 22  ARG A CB  1 
ATOM 131  C CG  . ARG A 1 22  ? 8.454   -11.551 -11.324 1.00 74.65  ? 22  ARG A CG  1 
ATOM 132  C CD  . ARG A 1 22  ? 8.206   -12.944 -11.858 1.00 83.18  ? 22  ARG A CD  1 
ATOM 133  N NE  . ARG A 1 22  ? 8.876   -13.144 -13.137 1.00 89.71  ? 22  ARG A NE  1 
ATOM 134  C CZ  . ARG A 1 22  ? 8.265   -13.093 -14.318 1.00 90.73  ? 22  ARG A CZ  1 
ATOM 135  N NH1 . ARG A 1 22  ? 6.957   -12.860 -14.382 1.00 82.95  ? 22  ARG A NH1 1 
ATOM 136  N NH2 . ARG A 1 22  ? 8.964   -13.281 -15.435 1.00 88.97  ? 22  ARG A NH2 1 
ATOM 137  N N   . HIS A 1 23  ? 12.493  -9.571  -10.531 1.00 65.85  ? 23  HIS A N   1 
ATOM 138  C CA  . HIS A 1 23  ? 13.949  -9.642  -10.650 1.00 67.62  ? 23  HIS A CA  1 
ATOM 139  C C   . HIS A 1 23  ? 14.682  -8.428  -10.104 1.00 67.75  ? 23  HIS A C   1 
ATOM 140  O O   . HIS A 1 23  ? 15.915  -8.381  -10.110 1.00 70.95  ? 23  HIS A O   1 
ATOM 141  C CB  . HIS A 1 23  ? 14.341  -9.897  -12.106 1.00 67.11  ? 23  HIS A CB  1 
ATOM 142  C CG  . HIS A 1 23  ? 13.568  -11.012 -12.735 1.00 69.10  ? 23  HIS A CG  1 
ATOM 143  N ND1 . HIS A 1 23  ? 13.101  -10.955 -14.029 1.00 75.00  ? 23  HIS A ND1 1 
ATOM 144  C CD2 . HIS A 1 23  ? 13.155  -12.202 -12.236 1.00 72.28  ? 23  HIS A CD2 1 
ATOM 145  C CE1 . HIS A 1 23  ? 12.440  -12.073 -14.305 1.00 79.57  ? 23  HIS A CE1 1 
ATOM 146  N NE2 . HIS A 1 23  ? 12.463  -12.841 -13.234 1.00 77.08  ? 23  HIS A NE2 1 
ATOM 147  N N   . GLY A 1 24  ? 13.927  -7.448  -9.626  1.00 67.76  ? 24  GLY A N   1 
ATOM 148  C CA  . GLY A 1 24  ? 14.535  -6.275  -9.025  1.00 71.80  ? 24  GLY A CA  1 
ATOM 149  C C   . GLY A 1 24  ? 14.771  -5.170  -10.031 1.00 73.51  ? 24  GLY A C   1 
ATOM 150  O O   . GLY A 1 24  ? 14.259  -5.234  -11.153 1.00 75.37  ? 24  GLY A O   1 
ATOM 151  N N   . PHE A 1 25  ? 15.560  -4.170  -9.634  1.00 73.59  ? 25  PHE A N   1 
ATOM 152  C CA  . PHE A 1 25  ? 15.719  -2.933  -10.404 1.00 75.14  ? 25  PHE A CA  1 
ATOM 153  C C   . PHE A 1 25  ? 16.881  -2.960  -11.404 1.00 76.90  ? 25  PHE A C   1 
ATOM 154  O O   . PHE A 1 25  ? 16.872  -2.251  -12.417 1.00 74.26  ? 25  PHE A O   1 
ATOM 155  C CB  . PHE A 1 25  ? 15.867  -1.740  -9.455  1.00 73.57  ? 25  PHE A CB  1 
ATOM 156  C CG  . PHE A 1 25  ? 14.597  -1.380  -8.730  1.00 79.07  ? 25  PHE A CG  1 
ATOM 157  C CD1 . PHE A 1 25  ? 13.371  -1.364  -9.397  1.00 76.90  ? 25  PHE A CD1 1 
ATOM 158  C CD2 . PHE A 1 25  ? 14.628  -1.051  -7.378  1.00 83.75  ? 25  PHE A CD2 1 
ATOM 159  C CE1 . PHE A 1 25  ? 12.196  -1.024  -8.723  1.00 79.09  ? 25  PHE A CE1 1 
ATOM 160  C CE2 . PHE A 1 25  ? 13.459  -0.716  -6.697  1.00 87.15  ? 25  PHE A CE2 1 
ATOM 161  C CZ  . PHE A 1 25  ? 12.243  -0.703  -7.370  1.00 83.95  ? 25  PHE A CZ  1 
ATOM 162  N N   . GLY A 1 26  ? 17.879  -3.789  -11.131 1.00 75.80  ? 26  GLY A N   1 
ATOM 163  C CA  . GLY A 1 26  ? 18.985  -3.932  -12.056 1.00 73.47  ? 26  GLY A CA  1 
ATOM 164  C C   . GLY A 1 26  ? 18.541  -4.699  -13.280 1.00 76.78  ? 26  GLY A C   1 
ATOM 165  O O   . GLY A 1 26  ? 19.349  -5.011  -14.155 1.00 85.01  ? 26  GLY A O   1 
ATOM 166  N N   . VAL A 1 27  ? 17.250  -5.008  -13.341 1.00 76.40  ? 27  VAL A N   1 
ATOM 167  C CA  . VAL A 1 27  ? 16.695  -5.770  -14.451 1.00 76.50  ? 27  VAL A CA  1 
ATOM 168  C C   . VAL A 1 27  ? 16.846  -5.033  -15.790 1.00 79.94  ? 27  VAL A C   1 
ATOM 169  O O   . VAL A 1 27  ? 16.992  -3.793  -15.849 1.00 76.30  ? 27  VAL A O   1 
ATOM 170  C CB  . VAL A 1 27  ? 15.220  -6.169  -14.191 1.00 70.73  ? 27  VAL A CB  1 
ATOM 171  C CG1 . VAL A 1 27  ? 14.264  -5.127  -14.741 1.00 73.18  ? 27  VAL A CG1 1 
ATOM 172  C CG2 . VAL A 1 27  ? 14.926  -7.521  -14.796 1.00 73.08  ? 27  VAL A CG2 1 
ATOM 173  N N   . GLY A 1 28  ? 16.829  -5.816  -16.864 1.00 83.51  ? 28  GLY A N   1 
ATOM 174  C CA  . GLY A 1 28  ? 17.077  -5.291  -18.191 1.00 84.59  ? 28  GLY A CA  1 
ATOM 175  C C   . GLY A 1 28  ? 15.898  -4.533  -18.760 1.00 83.22  ? 28  GLY A C   1 
ATOM 176  O O   . GLY A 1 28  ? 14.778  -5.066  -18.850 1.00 79.11  ? 28  GLY A O   1 
ATOM 177  N N   . LEU A 1 29  ? 16.151  -3.285  -19.146 1.00 78.89  ? 29  LEU A N   1 
ATOM 178  C CA  . LEU A 1 29  ? 15.180  -2.525  -19.912 1.00 73.55  ? 29  LEU A CA  1 
ATOM 179  C C   . LEU A 1 29  ? 14.922  -3.263  -21.246 1.00 73.37  ? 29  LEU A C   1 
ATOM 180  O O   . LEU A 1 29  ? 13.831  -3.193  -21.824 1.00 69.30  ? 29  LEU A O   1 
ATOM 181  C CB  . LEU A 1 29  ? 15.674  -1.087  -20.100 1.00 73.73  ? 29  LEU A CB  1 
ATOM 182  C CG  . LEU A 1 29  ? 16.083  -0.357  -18.797 1.00 85.01  ? 29  LEU A CG  1 
ATOM 183  C CD1 . LEU A 1 29  ? 17.632  -0.305  -18.566 1.00 88.22  ? 29  LEU A CD1 1 
ATOM 184  C CD2 . LEU A 1 29  ? 15.464  1.046   -18.696 1.00 64.16  ? 29  LEU A CD2 1 
ATOM 185  N N   . ARG A 1 30  ? 15.923  -4.007  -21.706 1.00 75.10  ? 30  ARG A N   1 
ATOM 186  C CA  . ARG A 1 30  ? 15.746  -4.917  -22.827 1.00 72.63  ? 30  ARG A CA  1 
ATOM 187  C C   . ARG A 1 30  ? 14.677  -5.967  -22.489 1.00 72.15  ? 30  ARG A C   1 
ATOM 188  O O   . ARG A 1 30  ? 13.839  -6.312  -23.330 1.00 70.30  ? 30  ARG A O   1 
ATOM 189  C CB  . ARG A 1 30  ? 17.078  -5.601  -23.162 1.00 78.86  ? 30  ARG A CB  1 
ATOM 190  C CG  . ARG A 1 30  ? 18.295  -4.662  -23.199 1.00 82.94  ? 30  ARG A CG  1 
ATOM 191  C CD  . ARG A 1 30  ? 18.398  -3.903  -24.529 1.00 94.11  ? 30  ARG A CD  1 
ATOM 192  N NE  . ARG A 1 30  ? 19.561  -3.009  -24.580 1.00 111.47 ? 30  ARG A NE  1 
ATOM 193  C CZ  . ARG A 1 30  ? 19.975  -2.357  -25.669 1.00 115.06 ? 30  ARG A CZ  1 
ATOM 194  N NH1 . ARG A 1 30  ? 19.329  -2.491  -26.825 1.00 101.65 ? 30  ARG A NH1 1 
ATOM 195  N NH2 . ARG A 1 30  ? 21.044  -1.571  -25.603 1.00 111.00 ? 30  ARG A NH2 1 
ATOM 196  N N   . ALA A 1 31  ? 14.706  -6.471  -21.253 1.00 72.36  ? 31  ALA A N   1 
ATOM 197  C CA  . ALA A 1 31  ? 13.746  -7.483  -20.802 1.00 65.30  ? 31  ALA A CA  1 
ATOM 198  C C   . ALA A 1 31  ? 12.384  -6.843  -20.602 1.00 66.02  ? 31  ALA A C   1 
ATOM 199  O O   . ALA A 1 31  ? 11.332  -7.439  -20.850 1.00 63.35  ? 31  ALA A O   1 
ATOM 200  C CB  . ALA A 1 31  ? 14.207  -8.087  -19.515 1.00 70.59  ? 31  ALA A CB  1 
ATOM 201  N N   . ILE A 1 32  ? 12.415  -5.615  -20.120 1.00 66.28  ? 32  ILE A N   1 
ATOM 202  C CA  . ILE A 1 32  ? 11.199  -4.863  -19.953 1.00 61.45  ? 32  ILE A CA  1 
ATOM 203  C C   . ILE A 1 32  ? 10.506  -4.685  -21.299 1.00 64.42  ? 32  ILE A C   1 
ATOM 204  O O   . ILE A 1 32  ? 9.345   -5.071  -21.460 1.00 63.39  ? 32  ILE A O   1 
ATOM 205  C CB  . ILE A 1 32  ? 11.495  -3.530  -19.299 1.00 60.23  ? 32  ILE A CB  1 
ATOM 206  C CG1 . ILE A 1 32  ? 12.014  -3.784  -17.884 1.00 63.24  ? 32  ILE A CG1 1 
ATOM 207  C CG2 . ILE A 1 32  ? 10.253  -2.685  -19.271 1.00 59.08  ? 32  ILE A CG2 1 
ATOM 208  C CD1 . ILE A 1 32  ? 12.366  -2.550  -17.121 1.00 64.87  ? 32  ILE A CD1 1 
ATOM 209  N N   . ALA A 1 33  ? 11.219  -4.118  -22.270 1.00 65.53  ? 33  ALA A N   1 
ATOM 210  C CA  . ALA A 1 33  ? 10.662  -3.950  -23.605 1.00 58.96  ? 33  ALA A CA  1 
ATOM 211  C C   . ALA A 1 33  ? 10.174  -5.280  -24.139 1.00 59.09  ? 33  ALA A C   1 
ATOM 212  O O   . ALA A 1 33  ? 9.142   -5.341  -24.793 1.00 60.67  ? 33  ALA A O   1 
ATOM 213  C CB  . ALA A 1 33  ? 11.684  -3.362  -24.539 1.00 59.83  ? 33  ALA A CB  1 
ATOM 214  N N   . GLU A 1 34  ? 10.913  -6.348  -23.847 1.00 62.76  ? 34  GLU A N   1 
ATOM 215  C CA  . GLU A 1 34  ? 10.588  -7.669  -24.386 1.00 62.74  ? 34  GLU A CA  1 
ATOM 216  C C   . GLU A 1 34  ? 9.316   -8.236  -23.756 1.00 59.54  ? 34  GLU A C   1 
ATOM 217  O O   . GLU A 1 34  ? 8.390   -8.653  -24.454 1.00 57.80  ? 34  GLU A O   1 
ATOM 218  C CB  . GLU A 1 34  ? 11.756  -8.622  -24.182 1.00 64.06  ? 34  GLU A CB  1 
ATOM 219  C CG  . GLU A 1 34  ? 12.185  -9.342  -25.442 1.00 72.60  ? 34  GLU A CG  1 
ATOM 220  C CD  . GLU A 1 34  ? 12.422  -10.821 -25.192 1.00 85.59  ? 34  GLU A CD  1 
ATOM 221  O OE1 . GLU A 1 34  ? 12.460  -11.229 -23.999 1.00 80.77  ? 34  GLU A OE1 1 
ATOM 222  O OE2 . GLU A 1 34  ? 12.560  -11.571 -26.189 1.00 85.24  ? 34  GLU A OE2 1 
ATOM 223  N N   . ALA A 1 35  ? 9.276   -8.236  -22.428 1.00 60.52  ? 35  ALA A N   1 
ATOM 224  C CA  . ALA A 1 35  ? 8.094   -8.660  -21.687 1.00 55.13  ? 35  ALA A CA  1 
ATOM 225  C C   . ALA A 1 35  ? 6.868   -7.907  -22.183 1.00 58.24  ? 35  ALA A C   1 
ATOM 226  O O   . ALA A 1 35  ? 5.827   -8.493  -22.459 1.00 59.15  ? 35  ALA A O   1 
ATOM 227  C CB  . ALA A 1 35  ? 8.301   -8.400  -20.224 1.00 50.49  ? 35  ALA A CB  1 
ATOM 228  N N   . ALA A 1 36  ? 7.024   -6.594  -22.299 1.00 62.18  ? 36  ALA A N   1 
ATOM 229  C CA  . ALA A 1 36  ? 6.007   -5.709  -22.839 1.00 56.08  ? 36  ALA A CA  1 
ATOM 230  C C   . ALA A 1 36  ? 5.639   -6.089  -24.263 1.00 59.95  ? 36  ALA A C   1 
ATOM 231  O O   . ALA A 1 36  ? 4.514   -5.853  -24.704 1.00 66.88  ? 36  ALA A O   1 
ATOM 232  C CB  . ALA A 1 36  ? 6.510   -4.290  -22.813 1.00 53.65  ? 36  ALA A CB  1 
ATOM 233  N N   . GLY A 1 37  ? 6.594   -6.657  -24.993 1.00 61.17  ? 37  GLY A N   1 
ATOM 234  C CA  . GLY A 1 37  ? 6.371   -6.979  -26.393 1.00 66.48  ? 37  GLY A CA  1 
ATOM 235  C C   . GLY A 1 37  ? 6.421   -5.765  -27.309 1.00 62.25  ? 37  GLY A C   1 
ATOM 236  O O   . GLY A 1 37  ? 5.515   -5.553  -28.133 1.00 57.57  ? 37  GLY A O   1 
ATOM 237  N N   . VAL A 1 38  ? 7.486   -4.978  -27.152 1.00 56.47  ? 38  VAL A N   1 
ATOM 238  C CA  . VAL A 1 38  ? 7.764   -3.813  -27.982 1.00 55.59  ? 38  VAL A CA  1 
ATOM 239  C C   . VAL A 1 38  ? 9.267   -3.498  -28.024 1.00 62.74  ? 38  VAL A C   1 
ATOM 240  O O   . VAL A 1 38  ? 10.079  -4.099  -27.298 1.00 62.15  ? 38  VAL A O   1 
ATOM 241  C CB  . VAL A 1 38  ? 7.092   -2.551  -27.434 1.00 55.03  ? 38  VAL A CB  1 
ATOM 242  C CG1 . VAL A 1 38  ? 5.601   -2.556  -27.686 1.00 54.76  ? 38  VAL A CG1 1 
ATOM 243  C CG2 . VAL A 1 38  ? 7.414   -2.377  -25.961 1.00 58.56  ? 38  VAL A CG2 1 
ATOM 244  N N   . SER A 1 39  ? 9.629   -2.525  -28.854 1.00 58.54  ? 39  SER A N   1 
ATOM 245  C CA  . SER A 1 39  ? 11.023  -2.125  -28.986 1.00 62.54  ? 39  SER A CA  1 
ATOM 246  C C   . SER A 1 39  ? 11.554  -1.461  -27.714 1.00 60.59  ? 39  SER A C   1 
ATOM 247  O O   . SER A 1 39  ? 10.792  -0.865  -26.952 1.00 61.88  ? 39  SER A O   1 
ATOM 248  C CB  . SER A 1 39  ? 11.187  -1.165  -30.168 1.00 64.99  ? 39  SER A CB  1 
ATOM 249  O OG  . SER A 1 39  ? 10.612  0.101   -29.880 1.00 65.76  ? 39  SER A OG  1 
ATOM 250  N N   . ALA A 1 40  ? 12.860  -1.560  -27.493 1.00 57.90  ? 40  ALA A N   1 
ATOM 251  C CA  . ALA A 1 40  ? 13.478  -0.846  -26.394 1.00 54.46  ? 40  ALA A CA  1 
ATOM 252  C C   . ALA A 1 40  ? 13.359  0.650   -26.635 1.00 58.64  ? 40  ALA A C   1 
ATOM 253  O O   . ALA A 1 40  ? 13.347  1.435   -25.695 1.00 61.50  ? 40  ALA A O   1 
ATOM 254  C CB  . ALA A 1 40  ? 14.926  -1.247  -26.238 1.00 54.07  ? 40  ALA A CB  1 
ATOM 255  N N   . ALA A 1 41  ? 13.270  1.056   -27.893 1.00 58.22  ? 41  ALA A N   1 
ATOM 256  C CA  . ALA A 1 41  ? 13.182  2.476   -28.177 1.00 57.70  ? 41  ALA A CA  1 
ATOM 257  C C   . ALA A 1 41  ? 11.846  3.057   -27.699 1.00 60.16  ? 41  ALA A C   1 
ATOM 258  O O   . ALA A 1 41  ? 11.827  4.071   -26.996 1.00 58.70  ? 41  ALA A O   1 
ATOM 259  C CB  . ALA A 1 41  ? 13.407  2.740   -29.653 1.00 58.05  ? 41  ALA A CB  1 
ATOM 260  N N   . LEU A 1 42  ? 10.739  2.410   -28.074 1.00 60.36  ? 42  LEU A N   1 
ATOM 261  C CA  . LEU A 1 42  ? 9.391   2.837   -27.669 1.00 57.49  ? 42  LEU A CA  1 
ATOM 262  C C   . LEU A 1 42  ? 9.281   3.017   -26.157 1.00 63.26  ? 42  LEU A C   1 
ATOM 263  O O   . LEU A 1 42  ? 8.608   3.927   -25.669 1.00 64.27  ? 42  LEU A O   1 
ATOM 264  C CB  . LEU A 1 42  ? 8.353   1.809   -28.108 1.00 53.17  ? 42  LEU A CB  1 
ATOM 265  C CG  . LEU A 1 42  ? 6.896   2.210   -27.885 1.00 50.51  ? 42  LEU A CG  1 
ATOM 266  C CD1 . LEU A 1 42  ? 6.608   3.495   -28.603 1.00 51.78  ? 42  LEU A CD1 1 
ATOM 267  C CD2 . LEU A 1 42  ? 5.951   1.143   -28.393 1.00 52.62  ? 42  LEU A CD2 1 
ATOM 268  N N   . VAL A 1 43  ? 9.947   2.140   -25.418 1.00 63.95  ? 43  VAL A N   1 
ATOM 269  C CA  . VAL A 1 43  ? 9.967   2.239   -23.969 1.00 60.82  ? 43  VAL A CA  1 
ATOM 270  C C   . VAL A 1 43  ? 10.636  3.543   -23.545 1.00 60.03  ? 43  VAL A C   1 
ATOM 271  O O   . VAL A 1 43  ? 10.152  4.231   -22.637 1.00 63.10  ? 43  VAL A O   1 
ATOM 272  C CB  . VAL A 1 43  ? 10.659  1.007   -23.315 1.00 66.95  ? 43  VAL A CB  1 
ATOM 273  C CG1 . VAL A 1 43  ? 10.967  1.270   -21.851 1.00 62.35  ? 43  VAL A CG1 1 
ATOM 274  C CG2 . VAL A 1 43  ? 9.795   -0.257  -23.466 1.00 61.49  ? 43  VAL A CG2 1 
ATOM 275  N N   . ILE A 1 44  ? 11.731  3.908   -24.208 1.00 59.56  ? 44  ILE A N   1 
ATOM 276  C CA  . ILE A 1 44  ? 12.444  5.127   -23.813 1.00 63.31  ? 44  ILE A CA  1 
ATOM 277  C C   . ILE A 1 44  ? 11.649  6.392   -24.178 1.00 60.88  ? 44  ILE A C   1 
ATOM 278  O O   . ILE A 1 44  ? 11.720  7.410   -23.476 1.00 61.08  ? 44  ILE A O   1 
ATOM 279  C CB  . ILE A 1 44  ? 13.894  5.180   -24.359 1.00 60.10  ? 44  ILE A CB  1 
ATOM 280  C CG1 . ILE A 1 44  ? 14.627  3.879   -24.041 1.00 60.50  ? 44  ILE A CG1 1 
ATOM 281  C CG2 . ILE A 1 44  ? 14.662  6.330   -23.742 1.00 54.49  ? 44  ILE A CG2 1 
ATOM 282  C CD1 . ILE A 1 44  ? 15.935  3.727   -24.790 1.00 63.09  ? 44  ILE A CD1 1 
ATOM 283  N N   . HIS A 1 45  ? 10.862  6.320   -25.248 1.00 60.45  ? 45  HIS A N   1 
ATOM 284  C CA  . HIS A 1 45  ? 10.054  7.473   -25.632 1.00 63.40  ? 45  HIS A CA  1 
ATOM 285  C C   . HIS A 1 45  ? 8.983   7.745   -24.600 1.00 61.22  ? 45  HIS A C   1 
ATOM 286  O O   . HIS A 1 45  ? 8.741   8.891   -24.228 1.00 58.21  ? 45  HIS A O   1 
ATOM 287  C CB  . HIS A 1 45  ? 9.472   7.317   -27.042 1.00 65.47  ? 45  HIS A CB  1 
ATOM 288  C CG  . HIS A 1 45  ? 10.417  7.761   -28.121 1.00 77.35  ? 45  HIS A CG  1 
ATOM 289  N ND1 . HIS A 1 45  ? 11.381  6.930   -28.659 1.00 78.60  ? 45  HIS A ND1 1 
ATOM 290  C CD2 . HIS A 1 45  ? 10.578  8.960   -28.725 1.00 74.85  ? 45  HIS A CD2 1 
ATOM 291  C CE1 . HIS A 1 45  ? 12.078  7.596   -29.566 1.00 77.41  ? 45  HIS A CE1 1 
ATOM 292  N NE2 . HIS A 1 45  ? 11.610  8.833   -29.622 1.00 78.68  ? 45  HIS A NE2 1 
ATOM 293  N N   . HIS A 1 46  ? 8.370   6.677   -24.110 1.00 60.04  ? 46  HIS A N   1 
ATOM 294  C CA  . HIS A 1 46  ? 7.355   6.806   -23.082 1.00 55.70  ? 46  HIS A CA  1 
ATOM 295  C C   . HIS A 1 46  ? 7.917   7.204   -21.721 1.00 54.19  ? 46  HIS A C   1 
ATOM 296  O O   . HIS A 1 46  ? 7.287   7.973   -21.008 1.00 57.00  ? 46  HIS A O   1 
ATOM 297  C CB  . HIS A 1 46  ? 6.531   5.524   -22.962 1.00 53.85  ? 46  HIS A CB  1 
ATOM 298  C CG  . HIS A 1 46  ? 5.460   5.387   -24.001 1.00 57.19  ? 46  HIS A CG  1 
ATOM 299  N ND1 . HIS A 1 46  ? 4.120   5.546   -23.709 1.00 62.73  ? 46  HIS A ND1 1 
ATOM 300  C CD2 . HIS A 1 46  ? 5.522   5.093   -25.321 1.00 55.94  ? 46  HIS A CD2 1 
ATOM 301  C CE1 . HIS A 1 46  ? 3.406   5.352   -24.807 1.00 62.92  ? 46  HIS A CE1 1 
ATOM 302  N NE2 . HIS A 1 46  ? 4.235   5.083   -25.798 1.00 58.80  ? 46  HIS A NE2 1 
ATOM 303  N N   . PHE A 1 47  ? 9.084   6.704   -21.337 1.00 51.39  ? 47  PHE A N   1 
ATOM 304  C CA  . PHE A 1 47  ? 9.493   6.954   -19.954 1.00 54.46  ? 47  PHE A CA  1 
ATOM 305  C C   . PHE A 1 47  ? 10.776  7.761   -19.739 1.00 56.48  ? 47  PHE A C   1 
ATOM 306  O O   . PHE A 1 47  ? 11.119  8.073   -18.593 1.00 57.67  ? 47  PHE A O   1 
ATOM 307  C CB  . PHE A 1 47  ? 9.460   5.660   -19.115 1.00 53.37  ? 47  PHE A CB  1 
ATOM 308  C CG  . PHE A 1 47  ? 8.086   5.053   -19.016 1.00 54.47  ? 47  PHE A CG  1 
ATOM 309  C CD1 . PHE A 1 47  ? 7.260   5.350   -17.947 1.00 55.48  ? 47  PHE A CD1 1 
ATOM 310  C CD2 . PHE A 1 47  ? 7.599   4.231   -20.023 1.00 55.45  ? 47  PHE A CD2 1 
ATOM 311  C CE1 . PHE A 1 47  ? 5.972   4.816   -17.866 1.00 59.72  ? 47  PHE A CE1 1 
ATOM 312  C CE2 . PHE A 1 47  ? 6.311   3.698   -19.959 1.00 57.28  ? 47  PHE A CE2 1 
ATOM 313  C CZ  . PHE A 1 47  ? 5.493   3.987   -18.876 1.00 57.04  ? 47  PHE A CZ  1 
ATOM 314  N N   . GLY A 1 48  ? 11.465  8.119   -20.821 1.00 51.76  ? 48  GLY A N   1 
ATOM 315  C CA  . GLY A 1 48  ? 12.626  8.982   -20.702 1.00 52.13  ? 48  GLY A CA  1 
ATOM 316  C C   . GLY A 1 48  ? 13.888  8.274   -20.234 1.00 54.28  ? 48  GLY A C   1 
ATOM 317  O O   . GLY A 1 48  ? 14.846  8.143   -20.998 1.00 51.92  ? 48  GLY A O   1 
ATOM 318  N N   . SER A 1 49  ? 13.901  7.840   -18.973 1.00 57.76  ? 49  SER A N   1 
ATOM 319  C CA  . SER A 1 49  ? 15.025  7.089   -18.412 1.00 54.66  ? 49  SER A CA  1 
ATOM 320  C C   . SER A 1 49  ? 14.545  5.884   -17.599 1.00 57.13  ? 49  SER A C   1 
ATOM 321  O O   . SER A 1 49  ? 13.338  5.671   -17.458 1.00 53.33  ? 49  SER A O   1 
ATOM 322  C CB  . SER A 1 49  ? 15.842  7.994   -17.508 1.00 54.18  ? 49  SER A CB  1 
ATOM 323  O OG  . SER A 1 49  ? 15.092  8.315   -16.353 1.00 58.15  ? 49  SER A OG  1 
ATOM 324  N N   . LYS A 1 50  ? 15.490  5.103   -17.062 1.00 62.57  ? 50  LYS A N   1 
ATOM 325  C CA  . LYS A 1 50  ? 15.148  4.029   -16.128 1.00 61.23  ? 50  LYS A CA  1 
ATOM 326  C C   . LYS A 1 50  ? 14.499  4.638   -14.883 1.00 61.26  ? 50  LYS A C   1 
ATOM 327  O O   . LYS A 1 50  ? 13.551  4.082   -14.318 1.00 61.64  ? 50  LYS A O   1 
ATOM 328  C CB  . LYS A 1 50  ? 16.385  3.220   -15.723 1.00 64.90  ? 50  LYS A CB  1 
ATOM 329  C CG  . LYS A 1 50  ? 16.065  2.028   -14.802 1.00 69.18  ? 50  LYS A CG  1 
ATOM 330  C CD  . LYS A 1 50  ? 17.274  1.579   -13.952 1.00 75.50  ? 50  LYS A CD  1 
ATOM 331  C CE  . LYS A 1 50  ? 17.648  0.105   -14.223 1.00 78.71  ? 50  LYS A CE  1 
ATOM 332  N NZ  . LYS A 1 50  ? 18.587  -0.480  -13.211 1.00 70.52  ? 50  LYS A NZ  1 
ATOM 333  N N   . GLU A 1 51  ? 15.024  5.787   -14.470 1.00 54.68  ? 51  GLU A N   1 
ATOM 334  C CA  . GLU A 1 51  ? 14.505  6.521   -13.335 1.00 52.17  ? 51  GLU A CA  1 
ATOM 335  C C   . GLU A 1 51  ? 13.056  6.946   -13.595 1.00 60.50  ? 51  GLU A C   1 
ATOM 336  O O   . GLU A 1 51  ? 12.158  6.700   -12.774 1.00 63.70  ? 51  GLU A O   1 
ATOM 337  C CB  . GLU A 1 51  ? 15.380  7.752   -13.095 1.00 62.44  ? 51  GLU A CB  1 
ATOM 338  C CG  . GLU A 1 51  ? 15.215  8.411   -11.727 1.00 74.00  ? 51  GLU A CG  1 
ATOM 339  C CD  . GLU A 1 51  ? 16.341  9.390   -11.399 1.00 84.49  ? 51  GLU A CD  1 
ATOM 340  O OE1 . GLU A 1 51  ? 16.076  10.401  -10.705 1.00 90.75  ? 51  GLU A OE1 1 
ATOM 341  O OE2 . GLU A 1 51  ? 17.495  9.137   -11.823 1.00 87.94  ? 51  GLU A OE2 1 
ATOM 342  N N   . GLY A 1 52  ? 12.824  7.574   -14.745 1.00 59.96  ? 52  GLY A N   1 
ATOM 343  C CA  . GLY A 1 52  ? 11.503  8.084   -15.083 1.00 56.93  ? 52  GLY A CA  1 
ATOM 344  C C   . GLY A 1 52  ? 10.449  7.002   -15.092 1.00 52.04  ? 52  GLY A C   1 
ATOM 345  O O   . GLY A 1 52  ? 9.276   7.254   -14.845 1.00 53.06  ? 52  GLY A O   1 
ATOM 346  N N   . LEU A 1 53  ? 10.889  5.791   -15.390 1.00 55.48  ? 53  LEU A N   1 
ATOM 347  C CA  . LEU A 1 53  ? 10.029  4.627   -15.402 1.00 56.39  ? 53  LEU A CA  1 
ATOM 348  C C   . LEU A 1 53  ? 9.795   4.127   -13.989 1.00 59.30  ? 53  LEU A C   1 
ATOM 349  O O   . LEU A 1 53  ? 8.700   3.658   -13.671 1.00 62.38  ? 53  LEU A O   1 
ATOM 350  C CB  . LEU A 1 53  ? 10.661  3.520   -16.248 1.00 54.70  ? 53  LEU A CB  1 
ATOM 351  C CG  . LEU A 1 53  ? 9.940   2.170   -16.336 1.00 60.26  ? 53  LEU A CG  1 
ATOM 352  C CD1 . LEU A 1 53  ? 8.510   2.325   -16.835 1.00 60.08  ? 53  LEU A CD1 1 
ATOM 353  C CD2 . LEU A 1 53  ? 10.695  1.219   -17.246 1.00 55.88  ? 53  LEU A CD2 1 
ATOM 354  N N   . ARG A 1 54  ? 10.816  4.200   -13.137 1.00 61.01  ? 54  ARG A N   1 
ATOM 355  C CA  . ARG A 1 54  ? 10.619  3.764   -11.757 1.00 63.17  ? 54  ARG A CA  1 
ATOM 356  C C   . ARG A 1 54  ? 9.570   4.647   -11.083 1.00 65.16  ? 54  ARG A C   1 
ATOM 357  O O   . ARG A 1 54  ? 8.631   4.135   -10.485 1.00 67.48  ? 54  ARG A O   1 
ATOM 358  C CB  . ARG A 1 54  ? 11.920  3.711   -10.937 1.00 63.21  ? 54  ARG A CB  1 
ATOM 359  C CG  . ARG A 1 54  ? 11.769  2.856   -9.652  1.00 75.51  ? 54  ARG A CG  1 
ATOM 360  C CD  . ARG A 1 54  ? 12.944  2.954   -8.653  1.00 80.89  ? 54  ARG A CD  1 
ATOM 361  N NE  . ARG A 1 54  ? 12.544  2.526   -7.308  1.00 82.79  ? 54  ARG A NE  1 
ATOM 362  C CZ  . ARG A 1 54  ? 13.283  2.664   -6.206  1.00 89.16  ? 54  ARG A CZ  1 
ATOM 363  N NH1 . ARG A 1 54  ? 14.488  3.221   -6.261  1.00 86.19  ? 54  ARG A NH1 1 
ATOM 364  N NH2 . ARG A 1 54  ? 12.811  2.243   -5.037  1.00 91.72  ? 54  ARG A NH2 1 
ATOM 365  N N   . LYS A 1 55  ? 9.708   5.966   -11.211 1.00 65.71  ? 55  LYS A N   1 
ATOM 366  C CA  . LYS A 1 55  ? 8.726   6.877   -10.621 1.00 64.96  ? 55  LYS A CA  1 
ATOM 367  C C   . LYS A 1 55  ? 7.325   6.686   -11.213 1.00 60.62  ? 55  LYS A C   1 
ATOM 368  O O   . LYS A 1 55  ? 6.330   6.779   -10.502 1.00 64.29  ? 55  LYS A O   1 
ATOM 369  C CB  . LYS A 1 55  ? 9.174   8.337   -10.755 1.00 62.08  ? 55  LYS A CB  1 
ATOM 370  C CG  . LYS A 1 55  ? 8.152   9.322   -10.202 1.00 65.45  ? 55  LYS A CG  1 
ATOM 371  C CD  . LYS A 1 55  ? 8.562   10.775  -10.395 1.00 62.41  ? 55  LYS A CD  1 
ATOM 372  C CE  . LYS A 1 55  ? 7.342   11.676  -10.278 1.00 64.57  ? 55  LYS A CE  1 
ATOM 373  N NZ  . LYS A 1 55  ? 6.460   11.241  -9.158  1.00 63.95  ? 55  LYS A NZ  1 
ATOM 374  N N   . ALA A 1 56  ? 7.249   6.407   -12.508 1.00 58.92  ? 56  ALA A N   1 
ATOM 375  C CA  . ALA A 1 56  ? 5.965   6.189   -13.160 1.00 60.69  ? 56  ALA A CA  1 
ATOM 376  C C   . ALA A 1 56  ? 5.294   4.921   -12.619 1.00 67.21  ? 56  ALA A C   1 
ATOM 377  O O   . ALA A 1 56  ? 4.065   4.761   -12.704 1.00 68.13  ? 56  ALA A O   1 
ATOM 378  C CB  . ALA A 1 56  ? 6.144   6.100   -14.655 1.00 56.96  ? 56  ALA A CB  1 
ATOM 379  N N   . CYS A 1 57  ? 6.111   4.025   -12.068 1.00 65.62  ? 57  CYS A N   1 
ATOM 380  C CA  . CYS A 1 57  ? 5.628   2.805   -11.434 1.00 61.89  ? 57  CYS A CA  1 
ATOM 381  C C   . CYS A 1 57  ? 5.273   3.092   -9.991  1.00 64.62  ? 57  CYS A C   1 
ATOM 382  O O   . CYS A 1 57  ? 4.248   2.630   -9.501  1.00 68.78  ? 57  CYS A O   1 
ATOM 383  C CB  . CYS A 1 57  ? 6.692   1.704   -11.481 1.00 63.09  ? 57  CYS A CB  1 
ATOM 384  S SG  . CYS A 1 57  ? 6.962   0.978   -13.108 1.00 55.37  ? 57  CYS A SG  1 
ATOM 385  N N   . ASP A 1 58  ? 6.137   3.842   -9.311  1.00 68.37  ? 58  ASP A N   1 
ATOM 386  C CA  . ASP A 1 58  ? 5.885   4.292   -7.944  1.00 67.17  ? 58  ASP A CA  1 
ATOM 387  C C   . ASP A 1 58  ? 4.539   5.008   -7.894  1.00 68.19  ? 58  ASP A C   1 
ATOM 388  O O   . ASP A 1 58  ? 3.646   4.607   -7.151  1.00 68.45  ? 58  ASP A O   1 
ATOM 389  C CB  . ASP A 1 58  ? 6.980   5.261   -7.477  1.00 63.96  ? 58  ASP A CB  1 
ATOM 390  C CG  . ASP A 1 58  ? 8.272   4.563   -7.077  1.00 71.33  ? 58  ASP A CG  1 
ATOM 391  O OD1 . ASP A 1 58  ? 9.155   5.259   -6.530  1.00 77.75  ? 58  ASP A OD1 1 
ATOM 392  O OD2 . ASP A 1 58  ? 8.414   3.335   -7.291  1.00 72.04  ? 58  ASP A OD2 1 
ATOM 393  N N   . ASP A 1 59  ? 4.414   6.063   -8.696  1.00 64.22  ? 59  ASP A N   1 
ATOM 394  C CA  . ASP A 1 59  ? 3.208   6.864   -8.770  1.00 63.50  ? 59  ASP A CA  1 
ATOM 395  C C   . ASP A 1 59  ? 1.974   5.984   -8.916  1.00 66.83  ? 59  ASP A C   1 
ATOM 396  O O   . ASP A 1 59  ? 0.962   6.158   -8.223  1.00 70.16  ? 59  ASP A O   1 
ATOM 397  C CB  . ASP A 1 59  ? 3.290   7.797   -9.979  1.00 67.69  ? 59  ASP A CB  1 
ATOM 398  C CG  . ASP A 1 59  ? 4.165   9.011   -9.732  1.00 73.30  ? 59  ASP A CG  1 
ATOM 399  O OD1 . ASP A 1 59  ? 4.877   9.039   -8.701  1.00 73.97  ? 59  ASP A OD1 1 
ATOM 400  O OD2 . ASP A 1 59  ? 4.139   9.933   -10.583 1.00 74.43  ? 59  ASP A OD2 1 
ATOM 401  N N   . PHE A 1 60  ? 2.076   5.026   -9.824  1.00 64.00  ? 60  PHE A N   1 
ATOM 402  C CA  . PHE A 1 60  ? 0.940   4.212   -10.211 1.00 61.09  ? 60  PHE A CA  1 
ATOM 403  C C   . PHE A 1 60  ? 0.518   3.287   -9.074  1.00 62.58  ? 60  PHE A C   1 
ATOM 404  O O   . PHE A 1 60  ? -0.676  3.115   -8.812  1.00 63.25  ? 60  PHE A O   1 
ATOM 405  C CB  . PHE A 1 60  ? 1.306   3.422   -11.464 1.00 60.10  ? 60  PHE A CB  1 
ATOM 406  C CG  . PHE A 1 60  ? 0.238   2.498   -11.938 1.00 56.22  ? 60  PHE A CG  1 
ATOM 407  C CD1 . PHE A 1 60  ? 0.246   1.162   -11.562 1.00 56.15  ? 60  PHE A CD1 1 
ATOM 408  C CD2 . PHE A 1 60  ? -0.754  2.949   -12.793 1.00 55.32  ? 60  PHE A CD2 1 
ATOM 409  C CE1 . PHE A 1 60  ? -0.732  0.295   -12.013 1.00 52.69  ? 60  PHE A CE1 1 
ATOM 410  C CE2 . PHE A 1 60  ? -1.741  2.087   -13.250 1.00 54.62  ? 60  PHE A CE2 1 
ATOM 411  C CZ  . PHE A 1 60  ? -1.729  0.757   -12.854 1.00 54.70  ? 60  PHE A CZ  1 
ATOM 412  N N   . VAL A 1 61  ? 1.505   2.704   -8.396  1.00 62.79  ? 61  VAL A N   1 
ATOM 413  C CA  . VAL A 1 61  ? 1.258   1.799   -7.274  1.00 60.59  ? 61  VAL A CA  1 
ATOM 414  C C   . VAL A 1 61  ? 0.497   2.491   -6.148  1.00 61.30  ? 61  VAL A C   1 
ATOM 415  O O   . VAL A 1 61  ? -0.491  1.960   -5.642  1.00 64.01  ? 61  VAL A O   1 
ATOM 416  C CB  . VAL A 1 61  ? 2.577   1.226   -6.735  1.00 65.16  ? 61  VAL A CB  1 
ATOM 417  C CG1 . VAL A 1 61  ? 2.408   0.666   -5.329  1.00 65.33  ? 61  VAL A CG1 1 
ATOM 418  C CG2 . VAL A 1 61  ? 3.094   0.157   -7.671  1.00 70.72  ? 61  VAL A CG2 1 
ATOM 419  N N   . ALA A 1 62  ? 0.963   3.679   -5.770  1.00 62.22  ? 62  ALA A N   1 
ATOM 420  C CA  . ALA A 1 62  ? 0.309   4.486   -4.755  1.00 57.38  ? 62  ALA A CA  1 
ATOM 421  C C   . ALA A 1 62  ? -1.139  4.705   -5.150  1.00 61.15  ? 62  ALA A C   1 
ATOM 422  O O   . ALA A 1 62  ? -2.040  4.615   -4.307  1.00 63.78  ? 62  ALA A O   1 
ATOM 423  C CB  . ALA A 1 62  ? 1.022   5.812   -4.602  1.00 54.23  ? 62  ALA A CB  1 
ATOM 424  N N   . GLU A 1 63  ? -1.365  4.969   -6.433  1.00 54.88  ? 63  GLU A N   1 
ATOM 425  C CA  . GLU A 1 63  ? -2.700  5.322   -6.895  1.00 58.06  ? 63  GLU A CA  1 
ATOM 426  C C   . GLU A 1 63  ? -3.648  4.130   -6.974  1.00 60.98  ? 63  GLU A C   1 
ATOM 427  O O   . GLU A 1 63  ? -4.863  4.264   -6.783  1.00 58.91  ? 63  GLU A O   1 
ATOM 428  C CB  . GLU A 1 63  ? -2.630  6.008   -8.251  1.00 59.11  ? 63  GLU A CB  1 
ATOM 429  C CG  . GLU A 1 63  ? -3.993  6.229   -8.894  1.00 57.96  ? 63  GLU A CG  1 
ATOM 430  C CD  . GLU A 1 63  ? -4.765  7.376   -8.253  1.00 59.54  ? 63  GLU A CD  1 
ATOM 431  O OE1 . GLU A 1 63  ? -4.200  8.080   -7.368  1.00 51.17  ? 63  GLU A OE1 1 
ATOM 432  O OE2 . GLU A 1 63  ? -5.936  7.578   -8.661  1.00 62.60  ? 63  GLU A OE2 1 
ATOM 433  N N   . GLU A 1 64  ? -3.101  2.958   -7.262  1.00 63.14  ? 64  GLU A N   1 
ATOM 434  C CA  . GLU A 1 64  ? -3.957  1.790   -7.398  1.00 61.37  ? 64  GLU A CA  1 
ATOM 435  C C   . GLU A 1 64  ? -4.531  1.369   -6.065  1.00 58.68  ? 64  GLU A C   1 
ATOM 436  O O   . GLU A 1 64  ? -5.645  0.847   -6.005  1.00 62.34  ? 64  GLU A O   1 
ATOM 437  C CB  . GLU A 1 64  ? -3.238  0.631   -8.086  1.00 57.20  ? 64  GLU A CB  1 
ATOM 438  C CG  . GLU A 1 64  ? -3.038  0.873   -9.574  1.00 60.00  ? 64  GLU A CG  1 
ATOM 439  C CD  . GLU A 1 64  ? -4.331  1.237   -10.307 1.00 60.45  ? 64  GLU A CD  1 
ATOM 440  O OE1 . GLU A 1 64  ? -5.217  0.350   -10.409 1.00 55.50  ? 64  GLU A OE1 1 
ATOM 441  O OE2 . GLU A 1 64  ? -4.456  2.404   -10.777 1.00 55.40  ? 64  GLU A OE2 1 
ATOM 442  N N   . ILE A 1 65  ? -3.789  1.625   -4.994  1.00 60.59  ? 65  ILE A N   1 
ATOM 443  C CA  . ILE A 1 65  ? -4.274  1.278   -3.660  1.00 64.01  ? 65  ILE A CA  1 
ATOM 444  C C   . ILE A 1 65  ? -5.074  2.408   -3.018  1.00 60.67  ? 65  ILE A C   1 
ATOM 445  O O   . ILE A 1 65  ? -6.083  2.159   -2.363  1.00 59.46  ? 65  ILE A O   1 
ATOM 446  C CB  . ILE A 1 65  ? -3.155  0.776   -2.736  1.00 62.97  ? 65  ILE A CB  1 
ATOM 447  C CG1 . ILE A 1 65  ? -1.980  1.732   -2.752  1.00 63.56  ? 65  ILE A CG1 1 
ATOM 448  C CG2 . ILE A 1 65  ? -2.670  -0.606  -3.190  1.00 65.73  ? 65  ILE A CG2 1 
ATOM 449  C CD1 . ILE A 1 65  ? -0.716  1.110   -2.159  1.00 66.40  ? 65  ILE A CD1 1 
ATOM 450  N N   . ARG A 1 66  ? -4.641  3.648   -3.221  1.00 62.09  ? 66  ARG A N   1 
ATOM 451  C CA  . ARG A 1 66  ? -5.470  4.790   -2.836  1.00 59.02  ? 66  ARG A CA  1 
ATOM 452  C C   . ARG A 1 66  ? -6.858  4.694   -3.489  1.00 59.64  ? 66  ARG A C   1 
ATOM 453  O O   . ARG A 1 66  ? -7.866  4.801   -2.821  1.00 61.05  ? 66  ARG A O   1 
ATOM 454  C CB  . ARG A 1 66  ? -4.802  6.109   -3.202  1.00 55.65  ? 66  ARG A CB  1 
ATOM 455  C CG  . ARG A 1 66  ? -5.391  7.299   -2.486  1.00 58.38  ? 66  ARG A CG  1 
ATOM 456  C CD  . ARG A 1 66  ? -5.458  8.490   -3.402  1.00 58.01  ? 66  ARG A CD  1 
ATOM 457  N NE  . ARG A 1 66  ? -6.072  8.104   -4.664  1.00 57.19  ? 66  ARG A NE  1 
ATOM 458  C CZ  . ARG A 1 66  ? -7.377  7.968   -4.836  1.00 58.55  ? 66  ARG A CZ  1 
ATOM 459  N NH1 . ARG A 1 66  ? -8.206  8.197   -3.827  1.00 66.04  ? 66  ARG A NH1 1 
ATOM 460  N NH2 . ARG A 1 66  ? -7.855  7.610   -6.017  1.00 60.19  ? 66  ARG A NH2 1 
ATOM 461  N N   . SER A 1 67  ? -6.922  4.446   -4.789  1.00 61.78  ? 67  SER A N   1 
ATOM 462  C CA  . SER A 1 67  ? -8.224  4.294   -5.420  1.00 61.93  ? 67  SER A CA  1 
ATOM 463  C C   . SER A 1 67  ? -8.968  3.051   -4.914  1.00 64.88  ? 67  SER A C   1 
ATOM 464  O O   . SER A 1 67  ? -10.187 2.962   -5.048  1.00 70.36  ? 67  SER A O   1 
ATOM 465  C CB  . SER A 1 67  ? -8.105  4.261   -6.949  1.00 60.80  ? 67  SER A CB  1 
ATOM 466  O OG  . SER A 1 67  ? -7.906  2.935   -7.406  1.00 67.18  ? 67  SER A OG  1 
ATOM 467  N N   . SER A 1 68  ? -8.255  2.092   -4.334  1.00 62.13  ? 68  SER A N   1 
ATOM 468  C CA  . SER A 1 68  ? -8.915  0.860   -3.909  1.00 62.18  ? 68  SER A CA  1 
ATOM 469  C C   . SER A 1 68  ? -9.442  1.000   -2.490  1.00 61.68  ? 68  SER A C   1 
ATOM 470  O O   . SER A 1 68  ? -10.594 0.659   -2.205  1.00 63.74  ? 68  SER A O   1 
ATOM 471  C CB  . SER A 1 68  ? -7.976  -0.341  -4.027  1.00 60.09  ? 68  SER A CB  1 
ATOM 472  O OG  . SER A 1 68  ? -8.534  -1.479  -3.392  1.00 61.39  ? 68  SER A OG  1 
ATOM 473  N N   . LYS A 1 69  ? -8.580  1.499   -1.609  1.00 61.09  ? 69  LYS A N   1 
ATOM 474  C CA  . LYS A 1 69  ? -8.961  1.851   -0.245  1.00 56.97  ? 69  LYS A CA  1 
ATOM 475  C C   . LYS A 1 69  ? -10.114 2.882   -0.212  1.00 63.28  ? 69  LYS A C   1 
ATOM 476  O O   . LYS A 1 69  ? -11.161 2.615   0.386   1.00 66.04  ? 69  LYS A O   1 
ATOM 477  C CB  . LYS A 1 69  ? -7.741  2.366   0.543   1.00 54.24  ? 69  LYS A CB  1 
ATOM 478  C CG  . LYS A 1 69  ? -6.593  1.358   0.719   1.00 53.56  ? 69  LYS A CG  1 
ATOM 479  C CD  . LYS A 1 69  ? -6.934  0.228   1.697   1.00 57.55  ? 69  LYS A CD  1 
ATOM 480  C CE  . LYS A 1 69  ? -5.876  -0.874  1.714   1.00 59.50  ? 69  LYS A CE  1 
ATOM 481  N NZ  . LYS A 1 69  ? -6.314  -2.037  2.542   1.00 77.24  ? 69  LYS A NZ  1 
ATOM 482  N N   . ALA A 1 70  ? -9.935  4.039   -0.860  1.00 62.73  ? 70  ALA A N   1 
ATOM 483  C CA  . ALA A 1 70  ? -10.975 5.073   -0.899  1.00 57.29  ? 70  ALA A CA  1 
ATOM 484  C C   . ALA A 1 70  ? -12.304 4.540   -1.401  1.00 55.88  ? 70  ALA A C   1 
ATOM 485  O O   . ALA A 1 70  ? -13.352 5.004   -0.984  1.00 63.25  ? 70  ALA A O   1 
ATOM 486  C CB  . ALA A 1 70  ? -10.543 6.261   -1.734  1.00 52.80  ? 70  ALA A CB  1 
ATOM 487  N N   . ALA A 1 71  ? -12.265 3.555   -2.286  1.00 55.92  ? 71  ALA A N   1 
ATOM 488  C CA  . ALA A 1 71  ? -13.492 2.933   -2.772  1.00 62.13  ? 71  ALA A CA  1 
ATOM 489  C C   . ALA A 1 71  ? -14.215 2.174   -1.651  1.00 66.64  ? 71  ALA A C   1 
ATOM 490  O O   . ALA A 1 71  ? -15.445 2.230   -1.510  1.00 67.81  ? 71  ALA A O   1 
ATOM 491  C CB  . ALA A 1 71  ? -13.177 1.999   -3.922  1.00 62.68  ? 71  ALA A CB  1 
ATOM 492  N N   . ALA A 1 72  ? -13.433 1.450   -0.860  1.00 67.87  ? 72  ALA A N   1 
ATOM 493  C CA  . ALA A 1 72  ? -13.974 0.620   0.199   1.00 66.18  ? 72  ALA A CA  1 
ATOM 494  C C   . ALA A 1 72  ? -14.459 1.485   1.350   1.00 65.31  ? 72  ALA A C   1 
ATOM 495  O O   . ALA A 1 72  ? -15.348 1.107   2.101   1.00 67.15  ? 72  ALA A O   1 
ATOM 496  C CB  . ALA A 1 72  ? -12.917 -0.331  0.673   1.00 63.59  ? 72  ALA A CB  1 
ATOM 497  N N   . LEU A 1 73  ? -13.861 2.660   1.479   1.00 67.50  ? 73  LEU A N   1 
ATOM 498  C CA  . LEU A 1 73  ? -14.145 3.536   2.602   1.00 65.47  ? 73  LEU A CA  1 
ATOM 499  C C   . LEU A 1 73  ? -15.293 4.493   2.338   1.00 66.21  ? 73  LEU A C   1 
ATOM 500  O O   . LEU A 1 73  ? -15.941 4.937   3.283   1.00 69.33  ? 73  LEU A O   1 
ATOM 501  C CB  . LEU A 1 73  ? -12.884 4.305   3.007   1.00 62.97  ? 73  LEU A CB  1 
ATOM 502  C CG  . LEU A 1 73  ? -11.862 3.431   3.739   1.00 57.53  ? 73  LEU A CG  1 
ATOM 503  C CD1 . LEU A 1 73  ? -10.726 4.266   4.316   1.00 53.77  ? 73  LEU A CD1 1 
ATOM 504  C CD2 . LEU A 1 73  ? -12.552 2.635   4.830   1.00 50.18  ? 73  LEU A CD2 1 
ATOM 505  N N   . LYS A 1 74  ? -15.537 4.820   1.070   1.00 65.99  ? 74  LYS A N   1 
ATOM 506  C CA  . LYS A 1 74  ? -16.627 5.734   0.727   1.00 70.49  ? 74  LYS A CA  1 
ATOM 507  C C   . LYS A 1 74  ? -17.975 5.006   0.680   1.00 75.66  ? 74  LYS A C   1 
ATOM 508  O O   . LYS A 1 74  ? -19.037 5.641   0.699   1.00 80.54  ? 74  LYS A O   1 
ATOM 509  C CB  . LYS A 1 74  ? -16.354 6.477   -0.592  1.00 65.94  ? 74  LYS A CB  1 
ATOM 510  C CG  . LYS A 1 74  ? -15.251 7.529   -0.508  1.00 69.61  ? 74  LYS A CG  1 
ATOM 511  C CD  . LYS A 1 74  ? -15.772 8.936   -0.796  1.00 77.41  ? 74  LYS A CD  1 
ATOM 512  C CE  . LYS A 1 74  ? -15.828 9.240   -2.294  1.00 75.09  ? 74  LYS A CE  1 
ATOM 513  N NZ  . LYS A 1 74  ? -16.402 10.603  -2.565  1.00 76.29  ? 74  LYS A NZ  1 
ATOM 514  N N   . SER A 1 75  ? -17.939 3.678   0.629   1.00 69.89  ? 75  SER A N   1 
ATOM 515  C CA  . SER A 1 75  ? -19.182 2.916   0.593   1.00 76.73  ? 75  SER A CA  1 
ATOM 516  C C   . SER A 1 75  ? -19.451 2.215   1.921   1.00 80.71  ? 75  SER A C   1 
ATOM 517  O O   . SER A 1 75  ? -18.586 1.522   2.457   1.00 82.61  ? 75  SER A O   1 
ATOM 518  C CB  . SER A 1 75  ? -19.184 1.904   -0.570  1.00 80.85  ? 75  SER A CB  1 
ATOM 519  O OG  . SER A 1 75  ? -18.645 0.646   -0.197  1.00 66.78  ? 75  SER A OG  1 
ATOM 520  N N   . ASN A 1 76  ? -20.647 2.409   2.466   1.00 82.74  ? 76  ASN A N   1 
ATOM 521  C CA  . ASN A 1 76  ? -21.081 1.586   3.584   1.00 81.58  ? 76  ASN A CA  1 
ATOM 522  C C   . ASN A 1 76  ? -21.879 0.403   3.037   1.00 89.30  ? 76  ASN A C   1 
ATOM 523  O O   . ASN A 1 76  ? -22.871 -0.023  3.626   1.00 98.17  ? 76  ASN A O   1 
ATOM 524  C CB  . ASN A 1 76  ? -21.907 2.389   4.588   1.00 79.93  ? 76  ASN A CB  1 
ATOM 525  C CG  . ASN A 1 76  ? -22.162 1.624   5.895   1.00 96.87  ? 76  ASN A CG  1 
ATOM 526  O OD1 . ASN A 1 76  ? -21.340 0.801   6.337   1.00 94.86  ? 76  ASN A OD1 1 
ATOM 527  N ND2 . ASN A 1 76  ? -23.314 1.891   6.514   1.00 99.09  ? 76  ASN A ND2 1 
ATOM 528  N N   . ASP A 1 77  ? -21.441 -0.111  1.890   1.00 86.06  ? 77  ASP A N   1 
ATOM 529  C CA  . ASP A 1 77  ? -21.994 -1.335  1.314   1.00 85.94  ? 77  ASP A CA  1 
ATOM 530  C C   . ASP A 1 77  ? -20.914 -2.426  1.401   1.00 87.89  ? 77  ASP A C   1 
ATOM 531  O O   . ASP A 1 77  ? -19.882 -2.360  0.722   1.00 91.75  ? 77  ASP A O   1 
ATOM 532  C CB  . ASP A 1 77  ? -22.435 -1.085  -0.136  1.00 89.23  ? 77  ASP A CB  1 
ATOM 533  C CG  . ASP A 1 77  ? -22.964 -2.338  -0.829  1.00 85.96  ? 77  ASP A CG  1 
ATOM 534  O OD1 . ASP A 1 77  ? -23.293 -3.327  -0.135  1.00 82.21  ? 77  ASP A OD1 1 
ATOM 535  O OD2 . ASP A 1 77  ? -23.057 -2.322  -2.081  1.00 86.05  ? 77  ASP A OD2 1 
ATOM 536  N N   . PRO A 1 78  ? -21.136 -3.428  2.260   1.00 86.88  ? 78  PRO A N   1 
ATOM 537  C CA  . PRO A 1 78  ? -20.073 -4.394  2.554   1.00 88.02  ? 78  PRO A CA  1 
ATOM 538  C C   . PRO A 1 78  ? -19.807 -5.368  1.418   1.00 79.21  ? 78  PRO A C   1 
ATOM 539  O O   . PRO A 1 78  ? -18.750 -6.000  1.409   1.00 81.12  ? 78  PRO A O   1 
ATOM 540  C CB  . PRO A 1 78  ? -20.612 -5.153  3.781   1.00 90.84  ? 78  PRO A CB  1 
ATOM 541  C CG  . PRO A 1 78  ? -21.737 -4.319  4.305   1.00 86.19  ? 78  PRO A CG  1 
ATOM 542  C CD  . PRO A 1 78  ? -22.323 -3.653  3.095   1.00 89.54  ? 78  PRO A CD  1 
ATOM 543  N N   . THR A 1 79  ? -20.737 -5.510  0.483   1.00 79.09  ? 79  THR A N   1 
ATOM 544  C CA  . THR A 1 79  ? -20.495 -6.412  -0.639  1.00 79.99  ? 79  THR A CA  1 
ATOM 545  C C   . THR A 1 79  ? -19.330 -5.932  -1.514  1.00 75.67  ? 79  THR A C   1 
ATOM 546  O O   . THR A 1 79  ? -18.655 -6.747  -2.148  1.00 70.03  ? 79  THR A O   1 
ATOM 547  C CB  . THR A 1 79  ? -21.757 -6.641  -1.487  1.00 79.80  ? 79  THR A CB  1 
ATOM 548  O OG1 . THR A 1 79  ? -22.792 -5.752  -1.049  1.00 75.13  ? 79  THR A OG1 1 
ATOM 549  C CG2 . THR A 1 79  ? -22.220 -8.080  -1.338  1.00 79.56  ? 79  THR A CG2 1 
ATOM 550  N N   . THR A 1 80  ? -19.088 -4.617  -1.534  1.00 73.74  ? 80  THR A N   1 
ATOM 551  C CA  . THR A 1 80  ? -17.954 -4.072  -2.286  1.00 79.17  ? 80  THR A CA  1 
ATOM 552  C C   . THR A 1 80  ? -16.607 -4.434  -1.628  1.00 76.43  ? 80  THR A C   1 
ATOM 553  O O   . THR A 1 80  ? -15.560 -4.481  -2.283  1.00 73.82  ? 80  THR A O   1 
ATOM 554  C CB  . THR A 1 80  ? -18.090 -2.538  -2.561  1.00 75.43  ? 80  THR A CB  1 
ATOM 555  O OG1 . THR A 1 80  ? -17.310 -1.781  -1.625  1.00 77.45  ? 80  THR A OG1 1 
ATOM 556  C CG2 . THR A 1 80  ? -19.550 -2.112  -2.506  1.00 71.31  ? 80  THR A CG2 1 
ATOM 557  N N   . TRP A 1 81  ? -16.658 -4.705  -0.330  1.00 75.82  ? 81  TRP A N   1 
ATOM 558  C CA  . TRP A 1 81  ? -15.496 -5.153  0.419   1.00 72.15  ? 81  TRP A CA  1 
ATOM 559  C C   . TRP A 1 81  ? -15.253 -6.630  0.184   1.00 68.01  ? 81  TRP A C   1 
ATOM 560  O O   . TRP A 1 81  ? -14.115 -7.067  0.019   1.00 71.77  ? 81  TRP A O   1 
ATOM 561  C CB  . TRP A 1 81  ? -15.725 -4.948  1.916   1.00 74.96  ? 81  TRP A CB  1 
ATOM 562  C CG  . TRP A 1 81  ? -15.735 -3.528  2.349   1.00 76.87  ? 81  TRP A CG  1 
ATOM 563  C CD1 . TRP A 1 81  ? -16.316 -2.473  1.705   1.00 76.38  ? 81  TRP A CD1 1 
ATOM 564  C CD2 . TRP A 1 81  ? -15.112 -2.991  3.526   1.00 81.09  ? 81  TRP A CD2 1 
ATOM 565  N NE1 . TRP A 1 81  ? -16.096 -1.311  2.411   1.00 76.19  ? 81  TRP A NE1 1 
ATOM 566  C CE2 . TRP A 1 81  ? -15.358 -1.600  3.534   1.00 78.99  ? 81  TRP A CE2 1 
ATOM 567  C CE3 . TRP A 1 81  ? -14.366 -3.549  4.580   1.00 75.46  ? 81  TRP A CE3 1 
ATOM 568  C CZ2 . TRP A 1 81  ? -14.889 -0.759  4.555   1.00 76.12  ? 81  TRP A CZ2 1 
ATOM 569  C CZ3 . TRP A 1 81  ? -13.900 -2.717  5.593   1.00 60.52  ? 81  TRP A CZ3 1 
ATOM 570  C CH2 . TRP A 1 81  ? -14.164 -1.340  5.571   1.00 68.26  ? 81  TRP A CH2 1 
ATOM 571  N N   . LEU A 1 82  ? -16.329 -7.406  0.212   1.00 64.02  ? 82  LEU A N   1 
ATOM 572  C CA  . LEU A 1 82  ? -16.204 -8.845  0.068   1.00 65.98  ? 82  LEU A CA  1 
ATOM 573  C C   . LEU A 1 82  ? -15.710 -9.130  -1.332  1.00 67.90  ? 82  LEU A C   1 
ATOM 574  O O   . LEU A 1 82  ? -14.794 -9.933  -1.520  1.00 64.69  ? 82  LEU A O   1 
ATOM 575  C CB  . LEU A 1 82  ? -17.536 -9.546  0.332   1.00 66.64  ? 82  LEU A CB  1 
ATOM 576  C CG  . LEU A 1 82  ? -18.074 -9.569  1.766   1.00 59.63  ? 82  LEU A CG  1 
ATOM 577  C CD1 . LEU A 1 82  ? -19.344 -10.399 1.820   1.00 65.83  ? 82  LEU A CD1 1 
ATOM 578  C CD2 . LEU A 1 82  ? -17.049 -10.135 2.731   1.00 59.07  ? 82  LEU A CD2 1 
ATOM 579  N N   . ALA A 1 83  ? -16.300 -8.434  -2.303  1.00 73.83  ? 83  ALA A N   1 
ATOM 580  C CA  . ALA A 1 83  ? -15.885 -8.537  -3.697  1.00 71.81  ? 83  ALA A CA  1 
ATOM 581  C C   . ALA A 1 83  ? -14.414 -8.178  -3.812  1.00 70.16  ? 83  ALA A C   1 
ATOM 582  O O   . ALA A 1 83  ? -13.637 -8.890  -4.455  1.00 69.45  ? 83  ALA A O   1 
ATOM 583  C CB  . ALA A 1 83  ? -16.720 -7.628  -4.567  1.00 62.95  ? 83  ALA A CB  1 
ATOM 584  N N   . GLN A 1 84  ? -14.043 -7.075  -3.167  1.00 70.09  ? 84  GLN A N   1 
ATOM 585  C CA  . GLN A 1 84  ? -12.664 -6.609  -3.148  1.00 67.32  ? 84  GLN A CA  1 
ATOM 586  C C   . GLN A 1 84  ? -11.717 -7.657  -2.570  1.00 68.73  ? 84  GLN A C   1 
ATOM 587  O O   . GLN A 1 84  ? -10.595 -7.813  -3.039  1.00 72.28  ? 84  GLN A O   1 
ATOM 588  C CB  . GLN A 1 84  ? -12.564 -5.313  -2.357  1.00 62.38  ? 84  GLN A CB  1 
ATOM 589  C CG  . GLN A 1 84  ? -11.856 -4.202  -3.092  1.00 62.83  ? 84  GLN A CG  1 
ATOM 590  C CD  . GLN A 1 84  ? -12.309 -2.844  -2.623  1.00 65.75  ? 84  GLN A CD  1 
ATOM 591  O OE1 . GLN A 1 84  ? -13.410 -2.701  -2.085  1.00 75.35  ? 84  GLN A OE1 1 
ATOM 592  N NE2 . GLN A 1 84  ? -11.470 -1.835  -2.818  1.00 60.96  ? 84  GLN A NE2 1 
ATOM 593  N N   . MET A 1 85  ? -12.169 -8.385  -1.559  1.00 70.03  ? 85  MET A N   1 
ATOM 594  C CA  . MET A 1 85  ? -11.316 -9.400  -0.945  1.00 71.37  ? 85  MET A CA  1 
ATOM 595  C C   . MET A 1 85  ? -11.251 -10.694 -1.750  1.00 72.87  ? 85  MET A C   1 
ATOM 596  O O   . MET A 1 85  ? -10.423 -11.563 -1.481  1.00 73.22  ? 85  MET A O   1 
ATOM 597  C CB  . MET A 1 85  ? -11.757 -9.669  0.488   1.00 69.99  ? 85  MET A CB  1 
ATOM 598  C CG  . MET A 1 85  ? -11.290 -8.599  1.456   1.00 72.43  ? 85  MET A CG  1 
ATOM 599  S SD  . MET A 1 85  ? -9.563  -8.828  1.977   1.00 67.87  ? 85  MET A SD  1 
ATOM 600  C CE  . MET A 1 85  ? -9.043  -7.111  2.166   1.00 56.67  ? 85  MET A CE  1 
ATOM 601  N N   . ALA A 1 86  ? -12.126 -10.817 -2.739  1.00 76.51  ? 86  ALA A N   1 
ATOM 602  C CA  . ALA A 1 86  ? -12.078 -11.944 -3.661  1.00 75.16  ? 86  ALA A CA  1 
ATOM 603  C C   . ALA A 1 86  ? -10.826 -11.818 -4.524  1.00 77.67  ? 86  ALA A C   1 
ATOM 604  O O   . ALA A 1 86  ? -10.030 -12.763 -4.636  1.00 74.45  ? 86  ALA A O   1 
ATOM 605  C CB  . ALA A 1 86  ? -13.321 -11.951 -4.531  1.00 71.97  ? 86  ALA A CB  1 
ATOM 606  N N   . GLU A 1 87  ? -10.668 -10.624 -5.106  1.00 79.71  ? 87  GLU A N   1 
ATOM 607  C CA  . GLU A 1 87  ? -9.575  -10.269 -6.019  1.00 76.04  ? 87  GLU A CA  1 
ATOM 608  C C   . GLU A 1 87  ? -8.230  -10.027 -5.327  1.00 73.06  ? 87  GLU A C   1 
ATOM 609  O O   . GLU A 1 87  ? -7.300  -9.517  -5.954  1.00 69.12  ? 87  GLU A O   1 
ATOM 610  C CB  . GLU A 1 87  ? -9.933  -8.993  -6.792  1.00 75.24  ? 87  GLU A CB  1 
ATOM 611  C CG  . GLU A 1 87  ? -11.389 -8.857  -7.190  1.00 81.96  ? 87  GLU A CG  1 
ATOM 612  C CD  . GLU A 1 87  ? -11.776 -9.769  -8.344  1.00 91.28  ? 87  GLU A CD  1 
ATOM 613  O OE1 . GLU A 1 87  ? -12.201 -9.238  -9.401  1.00 92.58  ? 87  GLU A OE1 1 
ATOM 614  O OE2 . GLU A 1 87  ? -11.668 -11.008 -8.190  1.00 85.73  ? 87  GLU A OE2 1 
ATOM 615  N N   . ILE A 1 88  ? -8.129  -10.378 -4.049  1.00 73.88  ? 88  ILE A N   1 
ATOM 616  C CA  . ILE A 1 88  ? -6.920  -10.117 -3.262  1.00 73.75  ? 88  ILE A CA  1 
ATOM 617  C C   . ILE A 1 88  ? -5.637  -10.656 -3.921  1.00 70.51  ? 88  ILE A C   1 
ATOM 618  O O   . ILE A 1 88  ? -4.556  -10.077 -3.775  1.00 70.28  ? 88  ILE A O   1 
ATOM 619  C CB  . ILE A 1 88  ? -7.067  -10.683 -1.821  1.00 72.32  ? 88  ILE A CB  1 
ATOM 620  C CG1 . ILE A 1 88  ? -5.852  -10.343 -0.960  1.00 62.91  ? 88  ILE A CG1 1 
ATOM 621  C CG2 . ILE A 1 88  ? -7.274  -12.188 -1.852  1.00 78.29  ? 88  ILE A CG2 1 
ATOM 622  C CD1 . ILE A 1 88  ? -5.852  -8.932  -0.451  1.00 59.35  ? 88  ILE A CD1 1 
ATOM 623  N N   . GLU A 1 89  ? -5.760  -11.748 -4.667  1.00 69.62  ? 89  GLU A N   1 
ATOM 624  C CA  . GLU A 1 89  ? -4.586  -12.384 -5.235  1.00 69.82  ? 89  GLU A CA  1 
ATOM 625  C C   . GLU A 1 89  ? -4.114  -11.599 -6.450  1.00 69.88  ? 89  GLU A C   1 
ATOM 626  O O   . GLU A 1 89  ? -2.966  -11.712 -6.880  1.00 73.43  ? 89  GLU A O   1 
ATOM 627  C CB  . GLU A 1 89  ? -4.892  -13.848 -5.574  1.00 73.79  ? 89  GLU A CB  1 
ATOM 628  C CG  . GLU A 1 89  ? -6.053  -14.418 -4.753  1.00 78.35  ? 89  GLU A CG  1 
ATOM 629  C CD  . GLU A 1 89  ? -5.863  -15.878 -4.377  1.00 87.33  ? 89  GLU A CD  1 
ATOM 630  O OE1 . GLU A 1 89  ? -4.701  -16.304 -4.161  1.00 85.67  ? 89  GLU A OE1 1 
ATOM 631  O OE2 . GLU A 1 89  ? -6.887  -16.597 -4.284  1.00 93.85  ? 89  GLU A OE2 1 
ATOM 632  N N   . SER A 1 90  ? -5.003  -10.774 -6.988  1.00 70.28  ? 90  SER A N   1 
ATOM 633  C CA  . SER A 1 90  ? -4.686  -10.000 -8.180  1.00 69.84  ? 90  SER A CA  1 
ATOM 634  C C   . SER A 1 90  ? -3.811  -8.773  -7.890  1.00 66.30  ? 90  SER A C   1 
ATOM 635  O O   . SER A 1 90  ? -3.400  -8.065  -8.810  1.00 73.68  ? 90  SER A O   1 
ATOM 636  C CB  . SER A 1 90  ? -5.972  -9.594  -8.903  1.00 67.83  ? 90  SER A CB  1 
ATOM 637  O OG  . SER A 1 90  ? -6.749  -8.721  -8.105  1.00 66.82  ? 90  SER A OG  1 
ATOM 638  N N   . TYR A 1 91  ? -3.525  -8.523  -6.618  1.00 62.72  ? 91  TYR A N   1 
ATOM 639  C CA  . TYR A 1 91  ? -2.697  -7.385  -6.242  1.00 61.03  ? 91  TYR A CA  1 
ATOM 640  C C   . TYR A 1 91  ? -1.248  -7.846  -6.082  1.00 63.69  ? 91  TYR A C   1 
ATOM 641  O O   . TYR A 1 91  ? -0.364  -7.063  -5.735  1.00 62.67  ? 91  TYR A O   1 
ATOM 642  C CB  . TYR A 1 91  ? -3.204  -6.748  -4.939  1.00 56.74  ? 91  TYR A CB  1 
ATOM 643  C CG  . TYR A 1 91  ? -4.480  -5.923  -5.046  1.00 63.59  ? 91  TYR A CG  1 
ATOM 644  C CD1 . TYR A 1 91  ? -5.734  -6.503  -4.850  1.00 64.77  ? 91  TYR A CD1 1 
ATOM 645  C CD2 . TYR A 1 91  ? -4.431  -4.555  -5.310  1.00 64.47  ? 91  TYR A CD2 1 
ATOM 646  C CE1 . TYR A 1 91  ? -6.904  -5.747  -4.936  1.00 61.01  ? 91  TYR A CE1 1 
ATOM 647  C CE2 . TYR A 1 91  ? -5.594  -3.796  -5.406  1.00 63.62  ? 91  TYR A CE2 1 
ATOM 648  C CZ  . TYR A 1 91  ? -6.828  -4.397  -5.215  1.00 65.73  ? 91  TYR A CZ  1 
ATOM 649  O OH  . TYR A 1 91  ? -7.987  -3.645  -5.302  1.00 71.81  ? 91  TYR A OH  1 
ATOM 650  N N   . ALA A 1 92  ? -1.014  -9.129  -6.329  1.00 63.15  ? 92  ALA A N   1 
ATOM 651  C CA  . ALA A 1 92  ? 0.323   -9.693  -6.168  1.00 59.14  ? 92  ALA A CA  1 
ATOM 652  C C   . ALA A 1 92  ? 1.378   -8.984  -7.004  1.00 58.53  ? 92  ALA A C   1 
ATOM 653  O O   . ALA A 1 92  ? 2.468   -8.712  -6.500  1.00 56.95  ? 92  ALA A O   1 
ATOM 654  C CB  . ALA A 1 92  ? 0.318   -11.189 -6.444  1.00 64.30  ? 92  ALA A CB  1 
ATOM 655  N N   . PRO A 1 93  ? 1.067   -8.683  -8.288  1.00 68.32  ? 93  PRO A N   1 
ATOM 656  C CA  . PRO A 1 93  ? 2.067   -7.951  -9.076  1.00 62.12  ? 93  PRO A CA  1 
ATOM 657  C C   . PRO A 1 93  ? 2.442   -6.634  -8.426  1.00 60.67  ? 93  PRO A C   1 
ATOM 658  O O   . PRO A 1 93  ? 3.638   -6.328  -8.373  1.00 66.75  ? 93  PRO A O   1 
ATOM 659  C CB  . PRO A 1 93  ? 1.357   -7.707  -10.415 1.00 58.23  ? 93  PRO A CB  1 
ATOM 660  C CG  . PRO A 1 93  ? -0.099  -7.921  -10.139 1.00 62.12  ? 93  PRO A CG  1 
ATOM 661  C CD  . PRO A 1 93  ? -0.109  -9.016  -9.118  1.00 65.16  ? 93  PRO A CD  1 
ATOM 662  N N   . LEU A 1 94  ? 1.462   -5.881  -7.930  1.00 57.72  ? 94  LEU A N   1 
ATOM 663  C CA  . LEU A 1 94  ? 1.786   -4.659  -7.190  1.00 65.18  ? 94  LEU A CA  1 
ATOM 664  C C   . LEU A 1 94  ? 2.691   -4.907  -5.985  1.00 61.20  ? 94  LEU A C   1 
ATOM 665  O O   . LEU A 1 94  ? 3.846   -4.482  -5.980  1.00 61.88  ? 94  LEU A O   1 
ATOM 666  C CB  . LEU A 1 94  ? 0.531   -3.921  -6.727  1.00 69.29  ? 94  LEU A CB  1 
ATOM 667  C CG  . LEU A 1 94  ? -0.171  -3.038  -7.750  1.00 70.17  ? 94  LEU A CG  1 
ATOM 668  C CD1 . LEU A 1 94  ? -0.982  -3.891  -8.720  1.00 70.21  ? 94  LEU A CD1 1 
ATOM 669  C CD2 . LEU A 1 94  ? -1.047  -2.021  -7.026  1.00 68.63  ? 94  LEU A CD2 1 
ATOM 670  N N   . MET A 1 95  ? 2.152   -5.588  -4.975  1.00 57.63  ? 95  MET A N   1 
ATOM 671  C CA  . MET A 1 95  ? 2.856   -5.848  -3.725  1.00 57.11  ? 95  MET A CA  1 
ATOM 672  C C   . MET A 1 95  ? 4.292   -6.255  -3.948  1.00 61.46  ? 95  MET A C   1 
ATOM 673  O O   . MET A 1 95  ? 5.189   -5.772  -3.258  1.00 62.69  ? 95  MET A O   1 
ATOM 674  C CB  . MET A 1 95  ? 2.168   -6.965  -2.952  1.00 61.71  ? 95  MET A CB  1 
ATOM 675  C CG  . MET A 1 95  ? 0.712   -6.696  -2.628  1.00 68.69  ? 95  MET A CG  1 
ATOM 676  S SD  . MET A 1 95  ? 0.413   -5.101  -1.813  1.00 60.85  ? 95  MET A SD  1 
ATOM 677  C CE  . MET A 1 95  ? -0.378  -4.264  -3.183  1.00 62.52  ? 95  MET A CE  1 
ATOM 678  N N   . ALA A 1 96  ? 4.493   -7.143  -4.921  1.00 62.87  ? 96  ALA A N   1 
ATOM 679  C CA  . ALA A 1 96  ? 5.822   -7.598  -5.300  1.00 59.41  ? 96  ALA A CA  1 
ATOM 680  C C   . ALA A 1 96  ? 6.704   -6.386  -5.554  1.00 61.57  ? 96  ALA A C   1 
ATOM 681  O O   . ALA A 1 96  ? 7.747   -6.220  -4.911  1.00 60.42  ? 96  ALA A O   1 
ATOM 682  C CB  . ALA A 1 96  ? 5.738   -8.453  -6.533  1.00 59.16  ? 96  ALA A CB  1 
ATOM 683  N N   . TYR A 1 97  ? 6.270   -5.533  -6.480  1.00 58.13  ? 97  TYR A N   1 
ATOM 684  C CA  . TYR A 1 97  ? 6.986   -4.300  -6.741  1.00 61.14  ? 97  TYR A CA  1 
ATOM 685  C C   . TYR A 1 97  ? 7.187   -3.513  -5.440  1.00 64.90  ? 97  TYR A C   1 
ATOM 686  O O   . TYR A 1 97  ? 8.281   -3.020  -5.153  1.00 68.28  ? 97  TYR A O   1 
ATOM 687  C CB  . TYR A 1 97  ? 6.245   -3.448  -7.780  1.00 65.12  ? 97  TYR A CB  1 
ATOM 688  C CG  . TYR A 1 97  ? 6.907   -2.108  -8.033  1.00 68.40  ? 97  TYR A CG  1 
ATOM 689  C CD1 . TYR A 1 97  ? 7.737   -1.922  -9.126  1.00 66.56  ? 97  TYR A CD1 1 
ATOM 690  C CD2 . TYR A 1 97  ? 6.706   -1.028  -7.167  1.00 68.10  ? 97  TYR A CD2 1 
ATOM 691  C CE1 . TYR A 1 97  ? 8.352   -0.700  -9.352  1.00 69.91  ? 97  TYR A CE1 1 
ATOM 692  C CE2 . TYR A 1 97  ? 7.317   0.184   -7.382  1.00 69.49  ? 97  TYR A CE2 1 
ATOM 693  C CZ  . TYR A 1 97  ? 8.137   0.345   -8.476  1.00 72.34  ? 97  TYR A CZ  1 
ATOM 694  O OH  . TYR A 1 97  ? 8.743   1.559   -8.691  1.00 72.10  ? 97  TYR A OH  1 
ATOM 695  N N   . LEU A 1 98  ? 6.117   -3.398  -4.663  1.00 63.45  ? 98  LEU A N   1 
ATOM 696  C CA  . LEU A 1 98  ? 6.117   -2.609  -3.441  1.00 59.24  ? 98  LEU A CA  1 
ATOM 697  C C   . LEU A 1 98  ? 7.198   -3.046  -2.451  1.00 70.51  ? 98  LEU A C   1 
ATOM 698  O O   . LEU A 1 98  ? 7.818   -2.209  -1.795  1.00 76.88  ? 98  LEU A O   1 
ATOM 699  C CB  . LEU A 1 98  ? 4.736   -2.694  -2.802  1.00 59.78  ? 98  LEU A CB  1 
ATOM 700  C CG  . LEU A 1 98  ? 4.161   -1.490  -2.049  1.00 63.75  ? 98  LEU A CG  1 
ATOM 701  C CD1 . LEU A 1 98  ? 4.714   -0.181  -2.563  1.00 69.22  ? 98  LEU A CD1 1 
ATOM 702  C CD2 . LEU A 1 98  ? 2.655   -1.494  -2.190  1.00 52.69  ? 98  LEU A CD2 1 
ATOM 703  N N   . VAL A 1 99  ? 7.432   -4.355  -2.348  1.00 72.74  ? 99  VAL A N   1 
ATOM 704  C CA  . VAL A 1 99  ? 8.464   -4.859  -1.442  1.00 73.47  ? 99  VAL A CA  1 
ATOM 705  C C   . VAL A 1 99  ? 9.879   -4.625  -1.953  1.00 80.34  ? 99  VAL A C   1 
ATOM 706  O O   . VAL A 1 99  ? 10.794  -4.429  -1.157  1.00 85.60  ? 99  VAL A O   1 
ATOM 707  C CB  . VAL A 1 99  ? 8.296   -6.358  -1.101  1.00 70.83  ? 99  VAL A CB  1 
ATOM 708  C CG1 . VAL A 1 99  ? 6.835   -6.706  -0.913  1.00 66.15  ? 99  VAL A CG1 1 
ATOM 709  C CG2 . VAL A 1 99  ? 8.928   -7.234  -2.157  1.00 70.29  ? 99  VAL A CG2 1 
ATOM 710  N N   . ARG A 1 100 ? 10.076  -4.650  -3.268  1.00 74.08  ? 100 ARG A N   1 
ATOM 711  C CA  . ARG A 1 100 ? 11.401  -4.391  -3.783  1.00 75.48  ? 100 ARG A CA  1 
ATOM 712  C C   . ARG A 1 100 ? 11.766  -2.985  -3.392  1.00 85.07  ? 100 ARG A C   1 
ATOM 713  O O   . ARG A 1 100 ? 12.929  -2.695  -3.138  1.00 93.77  ? 100 ARG A O   1 
ATOM 714  C CB  . ARG A 1 100 ? 11.433  -4.519  -5.294  1.00 75.97  ? 100 ARG A CB  1 
ATOM 715  C CG  . ARG A 1 100 ? 11.417  -5.941  -5.785  1.00 77.86  ? 100 ARG A CG  1 
ATOM 716  C CD  . ARG A 1 100 ? 12.766  -6.608  -5.605  1.00 83.51  ? 100 ARG A CD  1 
ATOM 717  N NE  . ARG A 1 100 ? 12.764  -7.946  -6.192  1.00 77.42  ? 100 ARG A NE  1 
ATOM 718  C CZ  . ARG A 1 100 ? 13.742  -8.827  -6.044  1.00 72.97  ? 100 ARG A CZ  1 
ATOM 719  N NH1 . ARG A 1 100 ? 14.808  -8.510  -5.317  1.00 74.32  ? 100 ARG A NH1 1 
ATOM 720  N NH2 . ARG A 1 100 ? 13.643  -10.021 -6.620  1.00 66.50  ? 100 ARG A NH2 1 
ATOM 721  N N   . SER A 1 101 ? 10.751  -2.125  -3.325  1.00 81.71  ? 101 SER A N   1 
ATOM 722  C CA  . SER A 1 101 ? 10.953  -0.712  -3.044  1.00 86.70  ? 101 SER A CA  1 
ATOM 723  C C   . SER A 1 101 ? 11.609  -0.462  -1.695  1.00 92.59  ? 101 SER A C   1 
ATOM 724  O O   . SER A 1 101 ? 12.582  0.278   -1.617  1.00 102.47 ? 101 SER A O   1 
ATOM 725  C CB  . SER A 1 101 ? 9.645   0.066   -3.163  1.00 85.38  ? 101 SER A CB  1 
ATOM 726  O OG  . SER A 1 101 ? 9.437   0.484   -4.502  1.00 87.53  ? 101 SER A OG  1 
ATOM 727  N N   . MET A 1 102 ? 11.111  -1.084  -0.635  1.00 88.00  ? 102 MET A N   1 
ATOM 728  C CA  . MET A 1 102 ? 11.771  -0.908  0.655   1.00 93.33  ? 102 MET A CA  1 
ATOM 729  C C   . MET A 1 102 ? 13.151  -1.562  0.699   1.00 95.88  ? 102 MET A C   1 
ATOM 730  O O   . MET A 1 102 ? 14.094  -0.964  1.220   1.00 99.07  ? 102 MET A O   1 
ATOM 731  C CB  . MET A 1 102 ? 10.890  -1.376  1.818   1.00 96.41  ? 102 MET A CB  1 
ATOM 732  C CG  . MET A 1 102 ? 10.231  -2.714  1.607   1.00 95.37  ? 102 MET A CG  1 
ATOM 733  S SD  . MET A 1 102 ? 11.383  -4.026  2.037   1.00 112.95 ? 102 MET A SD  1 
ATOM 734  C CE  . MET A 1 102 ? 10.321  -5.475  1.896   1.00 94.88  ? 102 MET A CE  1 
ATOM 735  N N   . GLN A 1 103 ? 13.264  -2.779  0.162   1.00 95.08  ? 103 GLN A N   1 
ATOM 736  C CA  . GLN A 1 103 ? 14.550  -3.481  0.094   1.00 94.64  ? 103 GLN A CA  1 
ATOM 737  C C   . GLN A 1 103 ? 15.585  -2.587  -0.578  1.00 95.90  ? 103 GLN A C   1 
ATOM 738  O O   . GLN A 1 103 ? 16.626  -2.273  -0.001  1.00 100.56 ? 103 GLN A O   1 
ATOM 739  C CB  . GLN A 1 103 ? 14.430  -4.795  -0.685  1.00 91.97  ? 103 GLN A CB  1 
ATOM 740  C CG  . GLN A 1 103 ? 13.801  -5.950  0.076   1.00 88.10  ? 103 GLN A CG  1 
ATOM 741  C CD  . GLN A 1 103 ? 13.282  -7.039  -0.854  1.00 92.30  ? 103 GLN A CD  1 
ATOM 742  O OE1 . GLN A 1 103 ? 12.225  -7.636  -0.602  1.00 84.41  ? 103 GLN A OE1 1 
ATOM 743  N NE2 . GLN A 1 103 ? 14.019  -7.298  -1.944  1.00 87.45  ? 103 GLN A NE2 1 
ATOM 744  N N   . SER A 1 104 ? 15.283  -2.168  -1.802  1.00 94.26  ? 104 SER A N   1 
ATOM 745  C CA  . SER A 1 104 ? 16.111  -1.197  -2.505  1.00 98.08  ? 104 SER A CA  1 
ATOM 746  C C   . SER A 1 104 ? 15.758  0.194   -1.984  1.00 99.35  ? 104 SER A C   1 
ATOM 747  O O   . SER A 1 104 ? 15.282  1.063   -2.737  1.00 93.74  ? 104 SER A O   1 
ATOM 748  C CB  . SER A 1 104 ? 15.890  -1.301  -4.019  1.00 99.08  ? 104 SER A CB  1 
ATOM 749  O OG  . SER A 1 104 ? 16.101  -2.633  -4.479  1.00 95.68  ? 104 SER A OG  1 
ATOM 750  N N   . GLY A 1 105 ? 16.011  0.391   -0.687  1.00 103.29 ? 105 GLY A N   1 
ATOM 751  C CA  . GLY A 1 105 ? 15.553  1.555   0.058   1.00 101.15 ? 105 GLY A CA  1 
ATOM 752  C C   . GLY A 1 105 ? 16.172  2.868   -0.365  1.00 103.37 ? 105 GLY A C   1 
ATOM 753  O O   . GLY A 1 105 ? 16.398  3.750   0.473   1.00 101.28 ? 105 GLY A O   1 
ATOM 754  N N   . GLY A 1 106 ? 16.443  2.993   -1.663  1.00 105.28 ? 106 GLY A N   1 
ATOM 755  C CA  . GLY A 1 106 ? 16.956  4.225   -2.227  1.00 103.31 ? 106 GLY A CA  1 
ATOM 756  C C   . GLY A 1 106 ? 15.913  5.294   -2.020  1.00 100.46 ? 106 GLY A C   1 
ATOM 757  O O   . GLY A 1 106 ? 14.719  5.011   -2.127  1.00 99.38  ? 106 GLY A O   1 
ATOM 758  N N   . GLU A 1 107 ? 16.360  6.514   -1.730  1.00 97.34  ? 107 GLU A N   1 
ATOM 759  C CA  . GLU A 1 107 ? 15.463  7.612   -1.383  1.00 97.59  ? 107 GLU A CA  1 
ATOM 760  C C   . GLU A 1 107 ? 14.252  7.736   -2.315  1.00 93.78  ? 107 GLU A C   1 
ATOM 761  O O   . GLU A 1 107 ? 13.230  8.310   -1.940  1.00 98.03  ? 107 GLU A O   1 
ATOM 762  C CB  . GLU A 1 107 ? 16.231  8.940   -1.313  1.00 100.29 ? 107 GLU A CB  1 
ATOM 763  C CG  . GLU A 1 107 ? 17.373  8.953   -0.298  1.00 102.52 ? 107 GLU A CG  1 
ATOM 764  C CD  . GLU A 1 107 ? 16.929  8.611   1.121   1.00 106.74 ? 107 GLU A CD  1 
ATOM 765  O OE1 . GLU A 1 107 ? 16.349  9.494   1.801   1.00 102.10 ? 107 GLU A OE1 1 
ATOM 766  O OE2 . GLU A 1 107 ? 17.177  7.460   1.556   1.00 104.17 ? 107 GLU A OE2 1 
ATOM 767  N N   . LEU A 1 108 ? 14.356  7.178   -3.516  1.00 94.71  ? 108 LEU A N   1 
ATOM 768  C CA  . LEU A 1 108 ? 13.212  7.104   -4.416  1.00 94.29  ? 108 LEU A CA  1 
ATOM 769  C C   . LEU A 1 108 ? 12.089  6.281   -3.773  1.00 89.11  ? 108 LEU A C   1 
ATOM 770  O O   . LEU A 1 108 ? 10.904  6.476   -4.061  1.00 78.83  ? 108 LEU A O   1 
ATOM 771  C CB  . LEU A 1 108 ? 13.638  6.505   -5.761  1.00 86.52  ? 108 LEU A CB  1 
ATOM 772  C CG  . LEU A 1 108 ? 13.145  7.281   -6.980  1.00 91.88  ? 108 LEU A CG  1 
ATOM 773  C CD1 . LEU A 1 108 ? 11.718  6.891   -7.349  1.00 86.96  ? 108 LEU A CD1 1 
ATOM 774  C CD2 . LEU A 1 108 ? 13.225  8.781   -6.708  1.00 95.72  ? 108 LEU A CD2 1 
ATOM 775  N N   . ALA A 1 109 ? 12.484  5.370   -2.889  1.00 89.60  ? 109 ALA A N   1 
ATOM 776  C CA  . ALA A 1 109 ? 11.540  4.554   -2.146  1.00 89.28  ? 109 ALA A CA  1 
ATOM 777  C C   . ALA A 1 109 ? 10.979  5.319   -0.960  1.00 90.83  ? 109 ALA A C   1 
ATOM 778  O O   . ALA A 1 109 ? 9.767   5.338   -0.759  1.00 88.39  ? 109 ALA A O   1 
ATOM 779  C CB  . ALA A 1 109 ? 12.195  3.285   -1.676  1.00 94.25  ? 109 ALA A CB  1 
ATOM 780  N N   . LYS A 1 110 ? 11.856  5.934   -0.166  1.00 91.96  ? 110 LYS A N   1 
ATOM 781  C CA  . LYS A 1 110 ? 11.418  6.745   0.968   1.00 84.52  ? 110 LYS A CA  1 
ATOM 782  C C   . LYS A 1 110 ? 10.378  7.787   0.540   1.00 82.23  ? 110 LYS A C   1 
ATOM 783  O O   . LYS A 1 110 ? 9.493   8.139   1.316   1.00 84.92  ? 110 LYS A O   1 
ATOM 784  C CB  . LYS A 1 110 ? 12.607  7.437   1.652   1.00 89.60  ? 110 LYS A CB  1 
ATOM 785  C CG  . LYS A 1 110 ? 13.631  6.497   2.312   1.00 100.72 ? 110 LYS A CG  1 
ATOM 786  C CD  . LYS A 1 110 ? 14.591  7.259   3.256   1.00 102.34 ? 110 LYS A CD  1 
ATOM 787  C CE  . LYS A 1 110 ? 15.612  6.328   3.941   1.00 107.52 ? 110 LYS A CE  1 
ATOM 788  N NZ  . LYS A 1 110 ? 16.692  7.041   4.709   1.00 106.56 ? 110 LYS A NZ  1 
ATOM 789  N N   . MET A 1 111 ? 10.469  8.266   -0.698  1.00 75.33  ? 111 MET A N   1 
ATOM 790  C CA  . MET A 1 111 ? 9.549   9.290   -1.180  1.00 75.73  ? 111 MET A CA  1 
ATOM 791  C C   . MET A 1 111 ? 8.203   8.710   -1.557  1.00 74.86  ? 111 MET A C   1 
ATOM 792  O O   . MET A 1 111 ? 7.279   9.438   -1.922  1.00 74.98  ? 111 MET A O   1 
ATOM 793  C CB  . MET A 1 111 ? 10.127  9.989   -2.403  1.00 84.16  ? 111 MET A CB  1 
ATOM 794  C CG  . MET A 1 111 ? 11.240  10.964  -2.111  1.00 83.43  ? 111 MET A CG  1 
ATOM 795  S SD  . MET A 1 111 ? 11.762  11.689  -3.668  1.00 102.96 ? 111 MET A SD  1 
ATOM 796  C CE  . MET A 1 111 ? 10.192  11.821  -4.531  1.00 78.40  ? 111 MET A CE  1 
ATOM 797  N N   . LEU A 1 112 ? 8.107   7.389   -1.495  1.00 80.52  ? 112 LEU A N   1 
ATOM 798  C CA  . LEU A 1 112 ? 6.890   6.681   -1.867  1.00 74.38  ? 112 LEU A CA  1 
ATOM 799  C C   . LEU A 1 112 ? 6.043   6.465   -0.636  1.00 72.38  ? 112 LEU A C   1 
ATOM 800  O O   . LEU A 1 112 ? 4.878   6.860   -0.622  1.00 70.89  ? 112 LEU A O   1 
ATOM 801  C CB  . LEU A 1 112 ? 7.227   5.337   -2.510  1.00 73.33  ? 112 LEU A CB  1 
ATOM 802  C CG  . LEU A 1 112 ? 6.072   4.409   -2.872  1.00 71.40  ? 112 LEU A CG  1 
ATOM 803  C CD1 . LEU A 1 112 ? 5.232   5.004   -3.995  1.00 72.17  ? 112 LEU A CD1 1 
ATOM 804  C CD2 . LEU A 1 112 ? 6.592   3.025   -3.247  1.00 64.03  ? 112 LEU A CD2 1 
ATOM 805  N N   . TRP A 1 113 ? 6.627   5.850   0.396   1.00 72.69  ? 113 TRP A N   1 
ATOM 806  C CA  . TRP A 1 113 ? 5.912   5.654   1.656   1.00 71.84  ? 113 TRP A CA  1 
ATOM 807  C C   . TRP A 1 113 ? 5.395   7.004   2.139   1.00 68.38  ? 113 TRP A C   1 
ATOM 808  O O   . TRP A 1 113 ? 4.293   7.104   2.656   1.00 69.53  ? 113 TRP A O   1 
ATOM 809  C CB  . TRP A 1 113 ? 6.777   4.957   2.717   1.00 70.95  ? 113 TRP A CB  1 
ATOM 810  C CG  . TRP A 1 113 ? 7.780   3.998   2.113   1.00 90.11  ? 113 TRP A CG  1 
ATOM 811  C CD1 . TRP A 1 113 ? 9.112   4.244   1.879   1.00 98.45  ? 113 TRP A CD1 1 
ATOM 812  C CD2 . TRP A 1 113 ? 7.540   2.656   1.643   1.00 91.68  ? 113 TRP A CD2 1 
ATOM 813  N NE1 . TRP A 1 113 ? 9.707   3.143   1.295   1.00 101.44 ? 113 TRP A NE1 1 
ATOM 814  C CE2 . TRP A 1 113 ? 8.766   2.155   1.143   1.00 94.60  ? 113 TRP A CE2 1 
ATOM 815  C CE3 . TRP A 1 113 ? 6.411   1.831   1.594   1.00 92.16  ? 113 TRP A CE3 1 
ATOM 816  C CZ2 . TRP A 1 113 ? 8.888   0.877   0.596   1.00 90.55  ? 113 TRP A CZ2 1 
ATOM 817  C CZ3 . TRP A 1 113 ? 6.542   0.549   1.055   1.00 91.38  ? 113 TRP A CZ3 1 
ATOM 818  C CH2 . TRP A 1 113 ? 7.772   0.087   0.570   1.00 88.50  ? 113 TRP A CH2 1 
ATOM 819  N N   . GLN A 1 114 ? 6.159   8.060   1.918   1.00 70.45  ? 114 GLN A N   1 
ATOM 820  C CA  . GLN A 1 114 ? 5.661   9.374   2.273   1.00 70.17  ? 114 GLN A CA  1 
ATOM 821  C C   . GLN A 1 114 ? 4.402   9.746   1.496   1.00 71.74  ? 114 GLN A C   1 
ATOM 822  O O   . GLN A 1 114 ? 3.456   10.283  2.082   1.00 76.67  ? 114 GLN A O   1 
ATOM 823  C CB  . GLN A 1 114 ? 6.757   10.445  2.186   1.00 74.78  ? 114 GLN A CB  1 
ATOM 824  C CG  . GLN A 1 114 ? 7.474   10.666  3.529   1.00 77.75  ? 114 GLN A CG  1 
ATOM 825  C CD  . GLN A 1 114 ? 6.494   11.072  4.631   1.00 78.19  ? 114 GLN A CD  1 
ATOM 826  O OE1 . GLN A 1 114 ? 5.414   11.619  4.343   1.00 73.13  ? 114 GLN A OE1 1 
ATOM 827  N NE2 . GLN A 1 114 ? 6.860   10.806  5.895   1.00 66.72  ? 114 GLN A NE2 1 
ATOM 828  N N   . LYS A 1 115 ? 4.372   9.429   0.200   1.00 69.41  ? 115 LYS A N   1 
ATOM 829  C CA  . LYS A 1 115 ? 3.185   9.691   -0.629  1.00 70.36  ? 115 LYS A CA  1 
ATOM 830  C C   . LYS A 1 115 ? 2.011   8.778   -0.266  1.00 72.19  ? 115 LYS A C   1 
ATOM 831  O O   . LYS A 1 115 ? 0.844   9.205   -0.260  1.00 70.69  ? 115 LYS A O   1 
ATOM 832  C CB  . LYS A 1 115 ? 3.498   9.522   -2.115  1.00 69.94  ? 115 LYS A CB  1 
ATOM 833  C CG  . LYS A 1 115 ? 2.255   9.500   -3.013  1.00 61.49  ? 115 LYS A CG  1 
ATOM 834  C CD  . LYS A 1 115 ? 2.641   9.287   -4.471  1.00 73.98  ? 115 LYS A CD  1 
ATOM 835  C CE  . LYS A 1 115 ? 1.416   9.356   -5.385  1.00 85.32  ? 115 LYS A CE  1 
ATOM 836  N NZ  . LYS A 1 115 ? 1.778   9.256   -6.844  1.00 80.67  ? 115 LYS A NZ  1 
ATOM 837  N N   . MET A 1 116 ? 2.321   7.517   0.023   1.00 70.34  ? 116 MET A N   1 
ATOM 838  C CA  . MET A 1 116 ? 1.306   6.571   0.461   1.00 64.12  ? 116 MET A CA  1 
ATOM 839  C C   . MET A 1 116 ? 0.701   7.021   1.785   1.00 63.74  ? 116 MET A C   1 
ATOM 840  O O   . MET A 1 116 ? -0.509  6.894   1.996   1.00 61.11  ? 116 MET A O   1 
ATOM 841  C CB  . MET A 1 116 ? 1.906   5.181   0.610   1.00 63.83  ? 116 MET A CB  1 
ATOM 842  C CG  . MET A 1 116 ? 2.399   4.586   -0.698  1.00 69.86  ? 116 MET A CG  1 
ATOM 843  S SD  . MET A 1 116 ? 2.155   2.792   -0.732  1.00 63.62  ? 116 MET A SD  1 
ATOM 844  C CE  . MET A 1 116 ? 2.933   2.355   0.825   1.00 81.04  ? 116 MET A CE  1 
ATOM 845  N N   . ILE A 1 117 ? 1.537   7.554   2.674   1.00 62.88  ? 117 ILE A N   1 
ATOM 846  C CA  . ILE A 1 117 ? 1.029   8.063   3.940   1.00 59.38  ? 117 ILE A CA  1 
ATOM 847  C C   . ILE A 1 117 ? 0.044   9.199   3.674   1.00 63.63  ? 117 ILE A C   1 
ATOM 848  O O   . ILE A 1 117 ? -1.111  9.149   4.132   1.00 60.20  ? 117 ILE A O   1 
ATOM 849  C CB  . ILE A 1 117 ? 2.142   8.490   4.912   1.00 54.14  ? 117 ILE A CB  1 
ATOM 850  C CG1 . ILE A 1 117 ? 2.811   7.248   5.506   1.00 49.22  ? 117 ILE A CG1 1 
ATOM 851  C CG2 . ILE A 1 117 ? 1.567   9.309   6.035   1.00 52.86  ? 117 ILE A CG2 1 
ATOM 852  C CD1 . ILE A 1 117 ? 3.654   7.520   6.709   1.00 47.34  ? 117 ILE A CD1 1 
ATOM 853  N N   . ASP A 1 118 ? 0.482   10.193  2.903   1.00 62.70  ? 118 ASP A N   1 
ATOM 854  C CA  . ASP A 1 118 ? -0.405  11.271  2.493   1.00 59.83  ? 118 ASP A CA  1 
ATOM 855  C C   . ASP A 1 118 ? -1.697  10.729  1.881   1.00 59.21  ? 118 ASP A C   1 
ATOM 856  O O   . ASP A 1 118 ? -2.775  11.256  2.118   1.00 61.71  ? 118 ASP A O   1 
ATOM 857  C CB  . ASP A 1 118 ? 0.314   12.191  1.522   1.00 65.05  ? 118 ASP A CB  1 
ATOM 858  C CG  . ASP A 1 118 ? 1.485   12.895  2.164   1.00 70.84  ? 118 ASP A CG  1 
ATOM 859  O OD1 . ASP A 1 118 ? 1.486   13.021  3.415   1.00 64.86  ? 118 ASP A OD1 1 
ATOM 860  O OD2 . ASP A 1 118 ? 2.397   13.326  1.417   1.00 76.18  ? 118 ASP A OD2 1 
ATOM 861  N N   . ASN A 1 119 ? -1.593  9.651   1.119   1.00 58.82  ? 119 ASN A N   1 
ATOM 862  C CA  . ASN A 1 119 ? -2.779  9.033   0.552   1.00 59.64  ? 119 ASN A CA  1 
ATOM 863  C C   . ASN A 1 119 ? -3.660  8.386   1.610   1.00 56.64  ? 119 ASN A C   1 
ATOM 864  O O   . ASN A 1 119 ? -4.879  8.328   1.455   1.00 54.89  ? 119 ASN A O   1 
ATOM 865  C CB  . ASN A 1 119 ? -2.407  8.012   -0.533  1.00 64.15  ? 119 ASN A CB  1 
ATOM 866  C CG  . ASN A 1 119 ? -1.939  8.669   -1.808  1.00 60.28  ? 119 ASN A CG  1 
ATOM 867  O OD1 . ASN A 1 119 ? -2.137  9.867   -2.007  1.00 62.39  ? 119 ASN A OD1 1 
ATOM 868  N ND2 . ASN A 1 119 ? -1.324  7.890   -2.685  1.00 66.71  ? 119 ASN A ND2 1 
ATOM 869  N N   . ALA A 1 120 ? -3.047  7.898   2.686   1.00 60.17  ? 120 ALA A N   1 
ATOM 870  C CA  . ALA A 1 120 ? -3.823  7.272   3.756   1.00 57.49  ? 120 ALA A CA  1 
ATOM 871  C C   . ALA A 1 120 ? -4.663  8.321   4.476   1.00 56.45  ? 120 ALA A C   1 
ATOM 872  O O   . ALA A 1 120 ? -5.857  8.111   4.716   1.00 55.24  ? 120 ALA A O   1 
ATOM 873  C CB  . ALA A 1 120 ? -2.933  6.540   4.717   1.00 47.72  ? 120 ALA A CB  1 
ATOM 874  N N   . GLU A 1 121 ? -4.039  9.453   4.798   1.00 54.32  ? 121 GLU A N   1 
ATOM 875  C CA  . GLU A 1 121 ? -4.736  10.564  5.436   1.00 52.70  ? 121 GLU A CA  1 
ATOM 876  C C   . GLU A 1 121 ? -5.933  10.970  4.615   1.00 55.41  ? 121 GLU A C   1 
ATOM 877  O O   . GLU A 1 121 ? -7.042  11.151  5.146   1.00 57.90  ? 121 GLU A O   1 
ATOM 878  C CB  . GLU A 1 121 ? -3.820  11.766  5.560   1.00 52.10  ? 121 GLU A CB  1 
ATOM 879  C CG  . GLU A 1 121 ? -4.438  12.883  6.347   1.00 57.35  ? 121 GLU A CG  1 
ATOM 880  C CD  . GLU A 1 121 ? -3.446  13.988  6.637   1.00 65.46  ? 121 GLU A CD  1 
ATOM 881  O OE1 . GLU A 1 121 ? -2.294  13.890  6.148   1.00 62.70  ? 121 GLU A OE1 1 
ATOM 882  O OE2 . GLU A 1 121 ? -3.821  14.945  7.355   1.00 69.12  ? 121 GLU A OE2 1 
ATOM 883  N N   . GLU A 1 122 ? -5.691  11.094  3.313   1.00 55.35  ? 122 GLU A N   1 
ATOM 884  C CA  . GLU A 1 122 ? -6.702  11.533  2.357   1.00 58.68  ? 122 GLU A CA  1 
ATOM 885  C C   . GLU A 1 122 ? -7.938  10.644  2.357   1.00 58.10  ? 122 GLU A C   1 
ATOM 886  O O   . GLU A 1 122 ? -9.066  11.144  2.385   1.00 60.29  ? 122 GLU A O   1 
ATOM 887  C CB  . GLU A 1 122 ? -6.118  11.578  0.942   1.00 57.70  ? 122 GLU A CB  1 
ATOM 888  C CG  . GLU A 1 122 ? -6.780  12.605  0.051   1.00 65.75  ? 122 GLU A CG  1 
ATOM 889  C CD  . GLU A 1 122 ? -6.670  12.274  -1.430  1.00 74.23  ? 122 GLU A CD  1 
ATOM 890  O OE1 . GLU A 1 122 ? -7.140  11.183  -1.841  1.00 72.59  ? 122 GLU A OE1 1 
ATOM 891  O OE2 . GLU A 1 122 ? -6.119  13.111  -2.180  1.00 80.82  ? 122 GLU A OE2 1 
ATOM 892  N N   . TYR A 1 123 ? -7.738  9.329   2.319   1.00 55.43  ? 123 TYR A N   1 
ATOM 893  C CA  . TYR A 1 123 ? -8.886  8.445   2.196   1.00 55.46  ? 123 TYR A CA  1 
ATOM 894  C C   . TYR A 1 123 ? -9.472  7.996   3.525   1.00 57.40  ? 123 TYR A C   1 
ATOM 895  O O   . TYR A 1 123 ? -10.606 7.528   3.571   1.00 58.47  ? 123 TYR A O   1 
ATOM 896  C CB  . TYR A 1 123 ? -8.625  7.262   1.253   1.00 56.91  ? 123 TYR A CB  1 
ATOM 897  C CG  . TYR A 1 123 ? -7.518  6.297   1.622   1.00 56.42  ? 123 TYR A CG  1 
ATOM 898  C CD1 . TYR A 1 123 ? -7.534  5.580   2.818   1.00 55.01  ? 123 TYR A CD1 1 
ATOM 899  C CD2 . TYR A 1 123 ? -6.495  6.037   0.728   1.00 58.18  ? 123 TYR A CD2 1 
ATOM 900  C CE1 . TYR A 1 123 ? -6.535  4.673   3.122   1.00 48.09  ? 123 TYR A CE1 1 
ATOM 901  C CE2 . TYR A 1 123 ? -5.496  5.141   1.026   1.00 57.99  ? 123 TYR A CE2 1 
ATOM 902  C CZ  . TYR A 1 123 ? -5.523  4.457   2.216   1.00 53.08  ? 123 TYR A CZ  1 
ATOM 903  O OH  . TYR A 1 123 ? -4.518  3.564   2.486   1.00 52.38  ? 123 TYR A OH  1 
ATOM 904  N N   . LEU A 1 124 ? -8.701  8.118   4.600   1.00 53.75  ? 124 LEU A N   1 
ATOM 905  C CA  . LEU A 1 124 ? -9.254  7.885   5.914   1.00 48.10  ? 124 LEU A CA  1 
ATOM 906  C C   . LEU A 1 124 ? -10.210 9.031   6.189   1.00 53.78  ? 124 LEU A C   1 
ATOM 907  O O   . LEU A 1 124 ? -11.301 8.827   6.717   1.00 53.04  ? 124 LEU A O   1 
ATOM 908  C CB  . LEU A 1 124 ? -8.158  7.879   6.959   1.00 48.99  ? 124 LEU A CB  1 
ATOM 909  C CG  . LEU A 1 124 ? -7.277  6.658   7.160   1.00 42.75  ? 124 LEU A CG  1 
ATOM 910  C CD1 . LEU A 1 124 ? -6.140  7.041   8.058   1.00 45.86  ? 124 LEU A CD1 1 
ATOM 911  C CD2 . LEU A 1 124 ? -8.050  5.569   7.799   1.00 39.47  ? 124 LEU A CD2 1 
ATOM 912  N N   . ASP A 1 125 ? -9.796  10.240  5.822   1.00 55.98  ? 125 ASP A N   1 
ATOM 913  C CA  . ASP A 1 125 ? -10.661 11.403  5.953   1.00 59.41  ? 125 ASP A CA  1 
ATOM 914  C C   . ASP A 1 125 ? -11.914 11.261  5.074   1.00 57.96  ? 125 ASP A C   1 
ATOM 915  O O   . ASP A 1 125 ? -13.012 11.602  5.500   1.00 58.15  ? 125 ASP A O   1 
ATOM 916  C CB  . ASP A 1 125 ? -9.902  12.695  5.616   1.00 63.26  ? 125 ASP A CB  1 
ATOM 917  C CG  . ASP A 1 125 ? -10.711 13.955  5.935   1.00 78.92  ? 125 ASP A CG  1 
ATOM 918  O OD1 . ASP A 1 125 ? -11.384 13.996  6.999   1.00 77.99  ? 125 ASP A OD1 1 
ATOM 919  O OD2 . ASP A 1 125 ? -10.676 14.909  5.126   1.00 82.74  ? 125 ASP A OD2 1 
ATOM 920  N N   . GLU A 1 126 ? -11.744 10.745  3.857   1.00 60.94  ? 126 GLU A N   1 
ATOM 921  C CA  . GLU A 1 126 ? -12.866 10.510  2.953   1.00 58.54  ? 126 GLU A CA  1 
ATOM 922  C C   . GLU A 1 126 ? -13.885 9.623   3.636   1.00 59.00  ? 126 GLU A C   1 
ATOM 923  O O   . GLU A 1 126 ? -15.092 9.779   3.434   1.00 63.67  ? 126 GLU A O   1 
ATOM 924  C CB  . GLU A 1 126 ? -12.413 9.787   1.681   1.00 58.05  ? 126 GLU A CB  1 
ATOM 925  C CG  . GLU A 1 126 ? -11.675 10.629  0.664   1.00 65.73  ? 126 GLU A CG  1 
ATOM 926  C CD  . GLU A 1 126 ? -11.640 9.971   -0.728  1.00 72.38  ? 126 GLU A CD  1 
ATOM 927  O OE1 . GLU A 1 126 ? -10.561 9.971   -1.368  1.00 71.11  ? 126 GLU A OE1 1 
ATOM 928  O OE2 . GLU A 1 126 ? -12.692 9.459   -1.187  1.00 74.45  ? 126 GLU A OE2 1 
ATOM 929  N N   . GLY A 1 127 ? -13.383 8.668   4.417   1.00 54.02  ? 127 GLY A N   1 
ATOM 930  C CA  . GLY A 1 127 ? -14.221 7.651   5.015   1.00 51.87  ? 127 GLY A CA  1 
ATOM 931  C C   . GLY A 1 127 ? -14.839 8.206   6.276   1.00 56.78  ? 127 GLY A C   1 
ATOM 932  O O   . GLY A 1 127 ? -15.972 7.869   6.629   1.00 56.42  ? 127 GLY A O   1 
ATOM 933  N N   . VAL A 1 128 ? -14.076 9.048   6.972   1.00 57.61  ? 128 VAL A N   1 
ATOM 934  C CA  . VAL A 1 128 ? -14.607 9.787   8.100   1.00 50.47  ? 128 VAL A CA  1 
ATOM 935  C C   . VAL A 1 128 ? -15.811 10.570  7.612   1.00 55.51  ? 128 VAL A C   1 
ATOM 936  O O   . VAL A 1 128 ? -16.875 10.517  8.231   1.00 59.61  ? 128 VAL A O   1 
ATOM 937  C CB  . VAL A 1 128 ? -13.584 10.747  8.678   1.00 46.39  ? 128 VAL A CB  1 
ATOM 938  C CG1 . VAL A 1 128 ? -14.292 11.869  9.419   1.00 48.77  ? 128 VAL A CG1 1 
ATOM 939  C CG2 . VAL A 1 128 ? -12.621 10.001  9.596   1.00 44.56  ? 128 VAL A CG2 1 
ATOM 940  N N   . ARG A 1 129 ? -15.645 11.260  6.483   1.00 57.96  ? 129 ARG A N   1 
ATOM 941  C CA  . ARG A 1 129 ? -16.709 12.071  5.890   1.00 59.14  ? 129 ARG A CA  1 
ATOM 942  C C   . ARG A 1 129 ? -17.896 11.192  5.511   1.00 57.18  ? 129 ARG A C   1 
ATOM 943  O O   . ARG A 1 129 ? -19.048 11.558  5.722   1.00 61.41  ? 129 ARG A O   1 
ATOM 944  C CB  . ARG A 1 129 ? -16.189 12.839  4.663   1.00 61.93  ? 129 ARG A CB  1 
ATOM 945  C CG  . ARG A 1 129 ? -16.643 14.304  4.572   1.00 67.53  ? 129 ARG A CG  1 
ATOM 946  C CD  . ARG A 1 129 ? -16.044 15.028  3.355   1.00 76.60  ? 129 ARG A CD  1 
ATOM 947  N NE  . ARG A 1 129 ? -14.585 15.181  3.438   1.00 83.38  ? 129 ARG A NE  1 
ATOM 948  C CZ  . ARG A 1 129 ? -13.719 14.712  2.536   1.00 79.85  ? 129 ARG A CZ  1 
ATOM 949  N NH1 . ARG A 1 129 ? -14.157 14.057  1.462   1.00 69.82  ? 129 ARG A NH1 1 
ATOM 950  N NH2 . ARG A 1 129 ? -12.408 14.900  2.703   1.00 69.41  ? 129 ARG A NH2 1 
ATOM 951  N N   . ALA A 1 130 ? -17.613 10.013  4.982   1.00 56.00  ? 130 ALA A N   1 
ATOM 952  C CA  . ALA A 1 130 ? -18.679 9.119   4.572   1.00 57.92  ? 130 ALA A CA  1 
ATOM 953  C C   . ALA A 1 130 ? -19.314 8.414   5.763   1.00 55.02  ? 130 ALA A C   1 
ATOM 954  O O   . ALA A 1 130 ? -20.388 7.825   5.633   1.00 56.88  ? 130 ALA A O   1 
ATOM 955  C CB  . ALA A 1 130 ? -18.164 8.106   3.570   1.00 64.71  ? 130 ALA A CB  1 
ATOM 956  N N   . GLY A 1 131 ? -18.651 8.456   6.918   1.00 53.67  ? 131 GLY A N   1 
ATOM 957  C CA  . GLY A 1 131 ? -19.222 7.896   8.138   1.00 52.17  ? 131 GLY A CA  1 
ATOM 958  C C   . GLY A 1 131 ? -18.882 6.439   8.422   1.00 52.10  ? 131 GLY A C   1 
ATOM 959  O O   . GLY A 1 131 ? -19.453 5.816   9.330   1.00 49.92  ? 131 GLY A O   1 
ATOM 960  N N   . THR A 1 132 ? -17.940 5.900   7.652   1.00 50.54  ? 132 THR A N   1 
ATOM 961  C CA  . THR A 1 132 ? -17.481 4.533   7.840   1.00 47.85  ? 132 THR A CA  1 
ATOM 962  C C   . THR A 1 132 ? -16.385 4.482   8.886   1.00 50.72  ? 132 THR A C   1 
ATOM 963  O O   . THR A 1 132 ? -16.138 3.428   9.482   1.00 51.98  ? 132 THR A O   1 
ATOM 964  C CB  . THR A 1 132 ? -16.910 3.936   6.551   1.00 47.41  ? 132 THR A CB  1 
ATOM 965  O OG1 . THR A 1 132 ? -15.992 4.866   5.967   1.00 56.83  ? 132 THR A OG1 1 
ATOM 966  C CG2 . THR A 1 132 ? -18.002 3.634   5.556   1.00 60.33  ? 132 THR A CG2 1 
ATOM 967  N N   . VAL A 1 133 ? -15.701 5.601   9.090   1.00 43.01  ? 133 VAL A N   1 
ATOM 968  C CA  . VAL A 1 133 ? -14.649 5.600   10.083  1.00 43.04  ? 133 VAL A CA  1 
ATOM 969  C C   . VAL A 1 133 ? -14.809 6.723   11.091  1.00 41.02  ? 133 VAL A C   1 
ATOM 970  O O   . VAL A 1 133 ? -15.119 7.852   10.737  1.00 44.43  ? 133 VAL A O   1 
ATOM 971  C CB  . VAL A 1 133 ? -13.226 5.562   9.441   1.00 47.33  ? 133 VAL A CB  1 
ATOM 972  C CG1 . VAL A 1 133 ? -13.310 5.758   7.957   1.00 51.03  ? 133 VAL A CG1 1 
ATOM 973  C CG2 . VAL A 1 133 ? -12.279 6.580   10.072  1.00 44.03  ? 133 VAL A CG2 1 
ATOM 974  N N   . LYS A 1 134 ? -14.618 6.377   12.356  1.00 40.94  ? 134 LYS A N   1 
ATOM 975  C CA  . LYS A 1 134 ? -14.615 7.335   13.441  1.00 42.84  ? 134 LYS A CA  1 
ATOM 976  C C   . LYS A 1 134 ? -13.653 8.484   13.167  1.00 45.04  ? 134 LYS A C   1 
ATOM 977  O O   . LYS A 1 134 ? -12.525 8.254   12.723  1.00 44.67  ? 134 LYS A O   1 
ATOM 978  C CB  . LYS A 1 134 ? -14.203 6.661   14.764  1.00 39.59  ? 134 LYS A CB  1 
ATOM 979  C CG  . LYS A 1 134 ? -15.084 5.520   15.241  1.00 38.98  ? 134 LYS A CG  1 
ATOM 980  C CD  . LYS A 1 134 ? -14.766 5.204   16.703  1.00 41.10  ? 134 LYS A CD  1 
ATOM 981  C CE  . LYS A 1 134 ? -15.743 4.185   17.297  1.00 52.15  ? 134 LYS A CE  1 
ATOM 982  N NZ  . LYS A 1 134 ? -15.815 4.240   18.801  1.00 61.22  ? 134 LYS A NZ  1 
ATOM 983  N N   . PRO A 1 135 ? -14.104 9.729   13.436  1.00 48.79  ? 135 PRO A N   1 
ATOM 984  C CA  . PRO A 1 135 ? -13.227 10.911  13.428  1.00 45.89  ? 135 PRO A CA  1 
ATOM 985  C C   . PRO A 1 135 ? -12.129 10.750  14.472  1.00 41.73  ? 135 PRO A C   1 
ATOM 986  O O   . PRO A 1 135 ? -12.280 9.952   15.387  1.00 41.75  ? 135 PRO A O   1 
ATOM 987  C CB  . PRO A 1 135 ? -14.174 12.057  13.826  1.00 44.65  ? 135 PRO A CB  1 
ATOM 988  C CG  . PRO A 1 135 ? -15.398 11.390  14.395  1.00 41.83  ? 135 PRO A CG  1 
ATOM 989  C CD  . PRO A 1 135 ? -15.517 10.086  13.697  1.00 39.44  ? 135 PRO A CD  1 
ATOM 990  N N   . SER A 1 136 ? -11.035 11.488  14.342  1.00 44.81  ? 136 SER A N   1 
ATOM 991  C CA  . SER A 1 136 ? -9.912  11.323  15.258  1.00 45.39  ? 136 SER A CA  1 
ATOM 992  C C   . SER A 1 136 ? -9.490  12.631  15.907  1.00 49.07  ? 136 SER A C   1 
ATOM 993  O O   . SER A 1 136 ? -9.893  13.712  15.480  1.00 50.36  ? 136 SER A O   1 
ATOM 994  C CB  . SER A 1 136 ? -8.709  10.721  14.533  1.00 46.01  ? 136 SER A CB  1 
ATOM 995  O OG  . SER A 1 136 ? -7.597  10.688  15.408  1.00 50.59  ? 136 SER A OG  1 
ATOM 996  N N   . ARG A 1 137 ? -8.658  12.533  16.933  1.00 48.71  ? 137 ARG A N   1 
ATOM 997  C CA  . ARG A 1 137 ? -8.198  13.718  17.631  1.00 47.43  ? 137 ARG A CA  1 
ATOM 998  C C   . ARG A 1 137 ? -6.976  14.273  16.904  1.00 52.60  ? 137 ARG A C   1 
ATOM 999  O O   . ARG A 1 137 ? -6.597  15.439  17.091  1.00 50.93  ? 137 ARG A O   1 
ATOM 1000 C CB  . ARG A 1 137 ? -7.829  13.338  19.054  1.00 46.97  ? 137 ARG A CB  1 
ATOM 1001 C CG  . ARG A 1 137 ? -7.533  14.504  19.971  1.00 53.57  ? 137 ARG A CG  1 
ATOM 1002 C CD  . ARG A 1 137 ? -6.846  13.957  21.201  1.00 53.75  ? 137 ARG A CD  1 
ATOM 1003 N NE  . ARG A 1 137 ? -5.767  13.109  20.732  1.00 57.23  ? 137 ARG A NE  1 
ATOM 1004 C CZ  . ARG A 1 137 ? -4.504  13.506  20.660  1.00 55.81  ? 137 ARG A CZ  1 
ATOM 1005 N NH1 . ARG A 1 137 ? -4.164  14.724  21.080  1.00 46.69  ? 137 ARG A NH1 1 
ATOM 1006 N NH2 . ARG A 1 137 ? -3.588  12.672  20.189  1.00 55.52  ? 137 ARG A NH2 1 
ATOM 1007 N N   . ASP A 1 138 ? -6.372  13.429  16.071  1.00 46.00  ? 138 ASP A N   1 
ATOM 1008 C CA  . ASP A 1 138 ? -5.149  13.775  15.375  1.00 41.35  ? 138 ASP A CA  1 
ATOM 1009 C C   . ASP A 1 138 ? -5.053  12.916  14.130  1.00 48.59  ? 138 ASP A C   1 
ATOM 1010 O O   . ASP A 1 138 ? -4.181  12.040  14.041  1.00 48.21  ? 138 ASP A O   1 
ATOM 1011 C CB  . ASP A 1 138 ? -3.964  13.488  16.287  1.00 43.08  ? 138 ASP A CB  1 
ATOM 1012 C CG  . ASP A 1 138 ? -2.666  14.082  15.773  1.00 48.68  ? 138 ASP A CG  1 
ATOM 1013 O OD1 . ASP A 1 138 ? -2.508  14.232  14.538  1.00 50.44  ? 138 ASP A OD1 1 
ATOM 1014 O OD2 . ASP A 1 138 ? -1.798  14.399  16.621  1.00 45.51  ? 138 ASP A OD2 1 
ATOM 1015 N N   . PRO A 1 139 ? -5.957  13.152  13.163  1.00 49.09  ? 139 PRO A N   1 
ATOM 1016 C CA  . PRO A 1 139 ? -6.084  12.246  12.017  1.00 47.70  ? 139 PRO A CA  1 
ATOM 1017 C C   . PRO A 1 139 ? -4.752  11.985  11.346  1.00 50.52  ? 139 PRO A C   1 
ATOM 1018 O O   . PRO A 1 139 ? -4.506  10.846  10.940  1.00 55.72  ? 139 PRO A O   1 
ATOM 1019 C CB  . PRO A 1 139 ? -7.028  13.003  11.084  1.00 40.29  ? 139 PRO A CB  1 
ATOM 1020 C CG  . PRO A 1 139 ? -7.872  13.765  12.009  1.00 38.86  ? 139 PRO A CG  1 
ATOM 1021 C CD  . PRO A 1 139 ? -6.920  14.261  13.071  1.00 41.87  ? 139 PRO A CD  1 
ATOM 1022 N N   . ARG A 1 140 ? -3.899  13.007  11.273  1.00 52.97  ? 140 ARG A N   1 
ATOM 1023 C CA  . ARG A 1 140 ? -2.566  12.871  10.685  1.00 51.35  ? 140 ARG A CA  1 
ATOM 1024 C C   . ARG A 1 140 ? -1.739  11.793  11.381  1.00 50.84  ? 140 ARG A C   1 
ATOM 1025 O O   . ARG A 1 140 ? -1.203  10.886  10.734  1.00 49.07  ? 140 ARG A O   1 
ATOM 1026 C CB  . ARG A 1 140 ? -1.819  14.197  10.746  1.00 53.15  ? 140 ARG A CB  1 
ATOM 1027 C CG  . ARG A 1 140 ? -0.419  14.125  10.166  1.00 55.97  ? 140 ARG A CG  1 
ATOM 1028 C CD  . ARG A 1 140 ? -0.445  14.057  8.639   1.00 65.26  ? 140 ARG A CD  1 
ATOM 1029 N NE  . ARG A 1 140 ? 0.725   13.369  8.084   1.00 68.60  ? 140 ARG A NE  1 
ATOM 1030 C CZ  . ARG A 1 140 ? 0.959   13.214  6.785   1.00 66.51  ? 140 ARG A CZ  1 
ATOM 1031 N NH1 . ARG A 1 140 ? 0.106   13.709  5.893   1.00 64.99  ? 140 ARG A NH1 1 
ATOM 1032 N NH2 . ARG A 1 140 ? 2.049   12.572  6.377   1.00 65.56  ? 140 ARG A NH2 1 
ATOM 1033 N N   . ALA A 1 141 ? -1.642  11.892  12.704  1.00 47.28  ? 141 ALA A N   1 
ATOM 1034 C CA  . ALA A 1 141 ? -0.942  10.878  13.474  1.00 42.90  ? 141 ALA A CA  1 
ATOM 1035 C C   . ALA A 1 141 ? -1.598  9.520   13.224  1.00 48.74  ? 141 ALA A C   1 
ATOM 1036 O O   . ALA A 1 141 ? -0.921  8.511   13.025  1.00 46.55  ? 141 ALA A O   1 
ATOM 1037 C CB  . ALA A 1 141 ? -0.972  11.220  14.936  1.00 38.21  ? 141 ALA A CB  1 
ATOM 1038 N N   . ARG A 1 142 ? -2.929  9.505   13.208  1.00 50.52  ? 142 ARG A N   1 
ATOM 1039 C CA  . ARG A 1 142 ? -3.648  8.250   13.100  1.00 48.58  ? 142 ARG A CA  1 
ATOM 1040 C C   . ARG A 1 142 ? -3.337  7.574   11.781  1.00 51.50  ? 142 ARG A C   1 
ATOM 1041 O O   . ARG A 1 142 ? -3.024  6.380   11.750  1.00 52.09  ? 142 ARG A O   1 
ATOM 1042 C CB  . ARG A 1 142 ? -5.147  8.454   13.247  1.00 52.81  ? 142 ARG A CB  1 
ATOM 1043 C CG  . ARG A 1 142 ? -5.899  7.125   13.352  1.00 53.01  ? 142 ARG A CG  1 
ATOM 1044 C CD  . ARG A 1 142 ? -7.365  7.329   13.725  1.00 54.57  ? 142 ARG A CD  1 
ATOM 1045 N NE  . ARG A 1 142 ? -8.130  7.962   12.652  1.00 53.74  ? 142 ARG A NE  1 
ATOM 1046 C CZ  . ARG A 1 142 ? -9.452  8.046   12.640  1.00 50.32  ? 142 ARG A CZ  1 
ATOM 1047 N NH1 . ARG A 1 142 ? -10.142 7.531   13.649  1.00 50.96  ? 142 ARG A NH1 1 
ATOM 1048 N NH2 . ARG A 1 142 ? -10.084 8.631   11.625  1.00 49.18  ? 142 ARG A NH2 1 
ATOM 1049 N N   . ALA A 1 143 ? -3.409  8.346   10.699  1.00 52.47  ? 143 ALA A N   1 
ATOM 1050 C CA  . ALA A 1 143 ? -3.024  7.861   9.379   1.00 46.04  ? 143 ALA A CA  1 
ATOM 1051 C C   . ALA A 1 143 ? -1.618  7.243   9.395   1.00 47.74  ? 143 ALA A C   1 
ATOM 1052 O O   . ALA A 1 143 ? -1.399  6.140   8.876   1.00 39.73  ? 143 ALA A O   1 
ATOM 1053 C CB  . ALA A 1 143 ? -3.099  8.979   8.389   1.00 42.53  ? 143 ALA A CB  1 
ATOM 1054 N N   . ARG A 1 144 ? -0.667  7.966   9.991   1.00 53.20  ? 144 ARG A N   1 
ATOM 1055 C CA  . ARG A 1 144 ? 0.728   7.524   10.022  1.00 50.57  ? 144 ARG A CA  1 
ATOM 1056 C C   . ARG A 1 144 ? 0.786   6.156   10.687  1.00 49.32  ? 144 ARG A C   1 
ATOM 1057 O O   . ARG A 1 144 ? 1.204   5.175   10.059  1.00 45.41  ? 144 ARG A O   1 
ATOM 1058 C CB  . ARG A 1 144 ? 1.634   8.556   10.731  1.00 51.50  ? 144 ARG A CB  1 
ATOM 1059 C CG  . ARG A 1 144 ? 3.157   8.286   10.631  1.00 53.38  ? 144 ARG A CG  1 
ATOM 1060 C CD  . ARG A 1 144 ? 3.995   9.552   10.954  1.00 60.49  ? 144 ARG A CD  1 
ATOM 1061 N NE  . ARG A 1 144 ? 5.443   9.301   11.065  1.00 67.16  ? 144 ARG A NE  1 
ATOM 1062 C CZ  . ARG A 1 144 ? 6.304   9.304   10.040  1.00 74.44  ? 144 ARG A CZ  1 
ATOM 1063 N NH1 . ARG A 1 144 ? 5.878   9.547   8.797   1.00 72.16  ? 144 ARG A NH1 1 
ATOM 1064 N NH2 . ARG A 1 144 ? 7.597   9.061   10.255  1.00 68.58  ? 144 ARG A NH2 1 
ATOM 1065 N N   . PHE A 1 145 ? 0.318   6.101   11.934  1.00 48.68  ? 145 PHE A N   1 
ATOM 1066 C CA  . PHE A 1 145 ? 0.327   4.886   12.742  1.00 45.38  ? 145 PHE A CA  1 
ATOM 1067 C C   . PHE A 1 145 ? -0.238  3.689   11.994  1.00 48.11  ? 145 PHE A C   1 
ATOM 1068 O O   . PHE A 1 145 ? 0.343   2.602   11.965  1.00 49.99  ? 145 PHE A O   1 
ATOM 1069 C CB  . PHE A 1 145 ? -0.522  5.101   13.976  1.00 45.91  ? 145 PHE A CB  1 
ATOM 1070 C CG  . PHE A 1 145 ? -0.900  3.836   14.655  1.00 47.60  ? 145 PHE A CG  1 
ATOM 1071 C CD1 . PHE A 1 145 ? -0.006  3.207   15.511  1.00 49.39  ? 145 PHE A CD1 1 
ATOM 1072 C CD2 . PHE A 1 145 ? -2.146  3.261   14.446  1.00 45.09  ? 145 PHE A CD2 1 
ATOM 1073 C CE1 . PHE A 1 145 ? -0.344  2.021   16.151  1.00 45.51  ? 145 PHE A CE1 1 
ATOM 1074 C CE2 . PHE A 1 145 ? -2.485  2.085   15.081  1.00 47.20  ? 145 PHE A CE2 1 
ATOM 1075 C CZ  . PHE A 1 145 ? -1.580  1.466   15.938  1.00 46.56  ? 145 PHE A CZ  1 
ATOM 1076 N N   . LEU A 1 146 ? -1.399  3.893   11.401  1.00 47.91  ? 146 LEU A N   1 
ATOM 1077 C CA  . LEU A 1 146 ? -2.064  2.823   10.691  1.00 46.87  ? 146 LEU A CA  1 
ATOM 1078 C C   . LEU A 1 146 ? -1.296  2.365   9.449   1.00 47.43  ? 146 LEU A C   1 
ATOM 1079 O O   . LEU A 1 146 ? -1.372  1.195   9.069   1.00 51.38  ? 146 LEU A O   1 
ATOM 1080 C CB  . LEU A 1 146 ? -3.498  3.239   10.340  1.00 49.99  ? 146 LEU A CB  1 
ATOM 1081 C CG  . LEU A 1 146 ? -4.504  3.273   11.496  1.00 51.41  ? 146 LEU A CG  1 
ATOM 1082 C CD1 . LEU A 1 146 ? -5.731  4.109   11.129  1.00 52.41  ? 146 LEU A CD1 1 
ATOM 1083 C CD2 . LEU A 1 146 ? -4.925  1.852   11.897  1.00 46.53  ? 146 LEU A CD2 1 
ATOM 1084 N N   . ALA A 1 147 ? -0.556  3.274   8.815   1.00 52.25  ? 147 ALA A N   1 
ATOM 1085 C CA  . ALA A 1 147 ? 0.193   2.916   7.601   1.00 48.14  ? 147 ALA A CA  1 
ATOM 1086 C C   . ALA A 1 147 ? 1.475   2.160   7.947   1.00 49.72  ? 147 ALA A C   1 
ATOM 1087 O O   . ALA A 1 147 ? 1.812   1.168   7.299   1.00 47.50  ? 147 ALA A O   1 
ATOM 1088 C CB  . ALA A 1 147 ? 0.493   4.145   6.763   1.00 41.89  ? 147 ALA A CB  1 
ATOM 1089 N N   . ILE A 1 148 ? 2.178   2.635   8.976   1.00 49.88  ? 148 ILE A N   1 
ATOM 1090 C CA  . ILE A 1 148 ? 3.405   2.004   9.429   1.00 46.13  ? 148 ILE A CA  1 
ATOM 1091 C C   . ILE A 1 148 ? 3.120   0.583   9.868   1.00 49.62  ? 148 ILE A C   1 
ATOM 1092 O O   . ILE A 1 148 ? 3.796   -0.352  9.444   1.00 53.76  ? 148 ILE A O   1 
ATOM 1093 C CB  . ILE A 1 148 ? 4.036   2.791   10.591  1.00 50.59  ? 148 ILE A CB  1 
ATOM 1094 C CG1 . ILE A 1 148 ? 4.977   3.870   10.057  1.00 55.72  ? 148 ILE A CG1 1 
ATOM 1095 C CG2 . ILE A 1 148 ? 4.865   1.890   11.475  1.00 56.92  ? 148 ILE A CG2 1 
ATOM 1096 C CD1 . ILE A 1 148 ? 4.308   4.945   9.248   1.00 54.83  ? 148 ILE A CD1 1 
ATOM 1097 N N   . THR A 1 149 ? 2.103   0.423   10.710  1.00 50.86  ? 149 THR A N   1 
ATOM 1098 C CA  . THR A 1 149 ? 1.775   -0.883  11.275  1.00 50.39  ? 149 THR A CA  1 
ATOM 1099 C C   . THR A 1 149 ? 1.120   -1.777  10.222  1.00 51.38  ? 149 THR A C   1 
ATOM 1100 O O   . THR A 1 149 ? 1.489   -2.943  10.061  1.00 51.17  ? 149 THR A O   1 
ATOM 1101 C CB  . THR A 1 149 ? 0.845   -0.751  12.497  1.00 46.49  ? 149 THR A CB  1 
ATOM 1102 O OG1 . THR A 1 149 ? -0.306  0.027   12.143  1.00 46.50  ? 149 THR A OG1 1 
ATOM 1103 C CG2 . THR A 1 149 ? 1.561   -0.072  13.641  1.00 45.09  ? 149 THR A CG2 1 
ATOM 1104 N N   . GLY A 1 150 ? 0.143   -1.220  9.515   1.00 49.00  ? 150 GLY A N   1 
ATOM 1105 C CA  . GLY A 1 150 ? -0.598  -1.971  8.524   1.00 49.76  ? 150 GLY A CA  1 
ATOM 1106 C C   . GLY A 1 150 ? 0.321   -2.512  7.454   1.00 57.43  ? 150 GLY A C   1 
ATOM 1107 O O   . GLY A 1 150 ? 0.258   -3.707  7.106   1.00 64.16  ? 150 GLY A O   1 
ATOM 1108 N N   . GLY A 1 151 ? 1.185   -1.631  6.946   1.00 56.46  ? 151 GLY A N   1 
ATOM 1109 C CA  . GLY A 1 151 ? 2.125   -1.977  5.894   1.00 54.20  ? 151 GLY A CA  1 
ATOM 1110 C C   . GLY A 1 151 ? 3.319   -2.749  6.408   1.00 58.52  ? 151 GLY A C   1 
ATOM 1111 O O   . GLY A 1 151 ? 3.633   -3.825  5.887   1.00 64.89  ? 151 GLY A O   1 
ATOM 1112 N N   . GLY A 1 152 ? 3.991   -2.212  7.426   1.00 55.49  ? 152 GLY A N   1 
ATOM 1113 C CA  . GLY A 1 152 ? 5.123   -2.903  8.022   1.00 57.05  ? 152 GLY A CA  1 
ATOM 1114 C C   . GLY A 1 152 ? 4.687   -4.268  8.516   1.00 59.11  ? 152 GLY A C   1 
ATOM 1115 O O   . GLY A 1 152 ? 5.496   -5.192  8.617   1.00 59.73  ? 152 GLY A O   1 
ATOM 1116 N N   . GLY A 1 153 ? 3.396   -4.379  8.830   1.00 57.07  ? 153 GLY A N   1 
ATOM 1117 C CA  . GLY A 1 153 ? 2.810   -5.633  9.241   1.00 54.78  ? 153 GLY A CA  1 
ATOM 1118 C C   . GLY A 1 153 ? 2.944   -6.617  8.108   1.00 62.82  ? 153 GLY A C   1 
ATOM 1119 O O   . GLY A 1 153 ? 3.672   -7.598  8.227   1.00 68.63  ? 153 GLY A O   1 
ATOM 1120 N N   . PHE A 1 154 ? 2.257   -6.353  7.002   1.00 65.99  ? 154 PHE A N   1 
ATOM 1121 C CA  . PHE A 1 154 ? 2.288   -7.275  5.877   1.00 66.51  ? 154 PHE A CA  1 
ATOM 1122 C C   . PHE A 1 154 ? 3.709   -7.598  5.393   1.00 66.61  ? 154 PHE A C   1 
ATOM 1123 O O   . PHE A 1 154 ? 4.013   -8.737  5.037   1.00 69.55  ? 154 PHE A O   1 
ATOM 1124 C CB  . PHE A 1 154 ? 1.455   -6.773  4.710   1.00 63.59  ? 154 PHE A CB  1 
ATOM 1125 C CG  . PHE A 1 154 ? 1.749   -7.503  3.444   1.00 75.13  ? 154 PHE A CG  1 
ATOM 1126 C CD1 . PHE A 1 154 ? 1.332   -8.825  3.280   1.00 75.38  ? 154 PHE A CD1 1 
ATOM 1127 C CD2 . PHE A 1 154 ? 2.490   -6.906  2.429   1.00 78.75  ? 154 PHE A CD2 1 
ATOM 1128 C CE1 . PHE A 1 154 ? 1.626   -9.537  2.108   1.00 70.60  ? 154 PHE A CE1 1 
ATOM 1129 C CE2 . PHE A 1 154 ? 2.780   -7.609  1.253   1.00 78.00  ? 154 PHE A CE2 1 
ATOM 1130 C CZ  . PHE A 1 154 ? 2.350   -8.928  1.097   1.00 70.66  ? 154 PHE A CZ  1 
ATOM 1131 N N   . LEU A 1 155 ? 4.578   -6.601  5.383   1.00 65.47  ? 155 LEU A N   1 
ATOM 1132 C CA  . LEU A 1 155 ? 5.962   -6.840  5.010   1.00 70.02  ? 155 LEU A CA  1 
ATOM 1133 C C   . LEU A 1 155 ? 6.514   -7.970  5.846   1.00 70.74  ? 155 LEU A C   1 
ATOM 1134 O O   . LEU A 1 155 ? 6.972   -8.977  5.310   1.00 77.09  ? 155 LEU A O   1 
ATOM 1135 C CB  . LEU A 1 155 ? 6.807   -5.588  5.226   1.00 75.67  ? 155 LEU A CB  1 
ATOM 1136 C CG  . LEU A 1 155 ? 7.370   -4.937  3.962   1.00 83.61  ? 155 LEU A CG  1 
ATOM 1137 C CD1 . LEU A 1 155 ? 6.276   -4.710  2.911   1.00 77.37  ? 155 LEU A CD1 1 
ATOM 1138 C CD2 . LEU A 1 155 ? 8.047   -3.631  4.338   1.00 82.95  ? 155 LEU A CD2 1 
ATOM 1139 N N   . LEU A 1 156 ? 6.440   -7.807  7.163   1.00 66.67  ? 156 LEU A N   1 
ATOM 1140 C CA  . LEU A 1 156 ? 6.895   -8.837  8.080   1.00 64.58  ? 156 LEU A CA  1 
ATOM 1141 C C   . LEU A 1 156 ? 6.180   -10.149 7.805   1.00 71.58  ? 156 LEU A C   1 
ATOM 1142 O O   . LEU A 1 156 ? 6.750   -11.218 8.023   1.00 76.46  ? 156 LEU A O   1 
ATOM 1143 C CB  . LEU A 1 156 ? 6.632   -8.428  9.527   1.00 63.80  ? 156 LEU A CB  1 
ATOM 1144 C CG  . LEU A 1 156 ? 7.704   -8.742  10.582  1.00 66.74  ? 156 LEU A CG  1 
ATOM 1145 C CD1 . LEU A 1 156 ? 7.111   -8.827  11.989  1.00 58.19  ? 156 LEU A CD1 1 
ATOM 1146 C CD2 . LEU A 1 156 ? 8.479   -10.001 10.258  1.00 71.63  ? 156 LEU A CD2 1 
ATOM 1147 N N   . TYR A 1 157 ? 4.938   -10.084 7.333   1.00 67.27  ? 157 TYR A N   1 
ATOM 1148 C CA  . TYR A 1 157 ? 4.166   -11.309 7.216   1.00 68.98  ? 157 TYR A CA  1 
ATOM 1149 C C   . TYR A 1 157 ? 4.815   -12.243 6.211   1.00 71.27  ? 157 TYR A C   1 
ATOM 1150 O O   . TYR A 1 157 ? 4.961   -13.447 6.476   1.00 71.05  ? 157 TYR A O   1 
ATOM 1151 C CB  . TYR A 1 157 ? 2.696   -11.042 6.875   1.00 64.27  ? 157 TYR A CB  1 
ATOM 1152 C CG  . TYR A 1 157 ? 1.865   -12.307 6.800   1.00 63.60  ? 157 TYR A CG  1 
ATOM 1153 C CD1 . TYR A 1 157 ? 1.247   -12.833 7.930   1.00 58.64  ? 157 TYR A CD1 1 
ATOM 1154 C CD2 . TYR A 1 157 ? 1.709   -12.984 5.599   1.00 69.13  ? 157 TYR A CD2 1 
ATOM 1155 C CE1 . TYR A 1 157 ? 0.488   -14.002 7.862   1.00 60.89  ? 157 TYR A CE1 1 
ATOM 1156 C CE2 . TYR A 1 157 ? 0.952   -14.152 5.517   1.00 70.41  ? 157 TYR A CE2 1 
ATOM 1157 C CZ  . TYR A 1 157 ? 0.347   -14.656 6.647   1.00 68.87  ? 157 TYR A CZ  1 
ATOM 1158 O OH  . TYR A 1 157 ? -0.399  -15.810 6.533   1.00 67.39  ? 157 TYR A OH  1 
ATOM 1159 N N   . LEU A 1 158 ? 5.244   -11.679 5.083   1.00 72.84  ? 158 LEU A N   1 
ATOM 1160 C CA  . LEU A 1 158 ? 5.847   -12.487 4.021   1.00 78.20  ? 158 LEU A CA  1 
ATOM 1161 C C   . LEU A 1 158 ? 7.283   -12.967 4.272   1.00 77.02  ? 158 LEU A C   1 
ATOM 1162 O O   . LEU A 1 158 ? 7.658   -14.049 3.806   1.00 80.18  ? 158 LEU A O   1 
ATOM 1163 C CB  . LEU A 1 158 ? 5.721   -11.820 2.646   1.00 74.65  ? 158 LEU A CB  1 
ATOM 1164 C CG  . LEU A 1 158 ? 6.232   -10.406 2.364   1.00 81.49  ? 158 LEU A CG  1 
ATOM 1165 C CD1 . LEU A 1 158 ? 7.740   -10.217 2.572   1.00 75.45  ? 158 LEU A CD1 1 
ATOM 1166 C CD2 . LEU A 1 158 ? 5.853   -10.045 0.926   1.00 83.37  ? 158 LEU A CD2 1 
ATOM 1167 N N   . GLN A 1 159 ? 8.088   -12.184 4.986   1.00 72.05  ? 159 GLN A N   1 
ATOM 1168 C CA  . GLN A 1 159 ? 9.436   -12.647 5.285   1.00 82.15  ? 159 GLN A CA  1 
ATOM 1169 C C   . GLN A 1 159 ? 9.332   -13.965 6.045   1.00 88.96  ? 159 GLN A C   1 
ATOM 1170 O O   . GLN A 1 159 ? 10.118  -14.894 5.810   1.00 96.23  ? 159 GLN A O   1 
ATOM 1171 C CB  . GLN A 1 159 ? 10.242  -11.630 6.101   1.00 87.01  ? 159 GLN A CB  1 
ATOM 1172 C CG  . GLN A 1 159 ? 11.686  -12.112 6.352   1.00 99.95  ? 159 GLN A CG  1 
ATOM 1173 C CD  . GLN A 1 159 ? 12.459  -11.293 7.379   1.00 97.88  ? 159 GLN A CD  1 
ATOM 1174 O OE1 . GLN A 1 159 ? 11.918  -10.388 8.014   1.00 95.06  ? 159 GLN A OE1 1 
ATOM 1175 N NE2 . GLN A 1 159 ? 13.736  -11.626 7.552   1.00 98.02  ? 159 GLN A NE2 1 
ATOM 1176 N N   . MET A 1 160 ? 8.325   -14.039 6.921   1.00 84.64  ? 160 MET A N   1 
ATOM 1177 C CA  . MET A 1 160 ? 8.086   -15.195 7.786   1.00 84.53  ? 160 MET A CA  1 
ATOM 1178 C C   . MET A 1 160 ? 7.153   -16.230 7.166   1.00 85.08  ? 160 MET A C   1 
ATOM 1179 O O   . MET A 1 160 ? 6.886   -17.277 7.763   1.00 85.64  ? 160 MET A O   1 
ATOM 1180 C CB  . MET A 1 160 ? 7.522   -14.741 9.134   1.00 88.99  ? 160 MET A CB  1 
ATOM 1181 C CG  . MET A 1 160 ? 8.410   -13.727 9.841   1.00 95.97  ? 160 MET A CG  1 
ATOM 1182 S SD  . MET A 1 160 ? 10.118  -13.839 9.228   1.00 110.76 ? 160 MET A SD  1 
ATOM 1183 C CE  . MET A 1 160 ? 10.936  -12.576 10.202  1.00 99.12  ? 160 MET A CE  1 
ATOM 1184 N N   . HIS A 1 161 ? 6.665   -15.939 5.967   1.00 80.43  ? 161 HIS A N   1 
ATOM 1185 C CA  . HIS A 1 161 ? 5.817   -16.877 5.248   1.00 80.41  ? 161 HIS A CA  1 
ATOM 1186 C C   . HIS A 1 161 ? 6.611   -18.095 4.793   1.00 82.36  ? 161 HIS A C   1 
ATOM 1187 O O   . HIS A 1 161 ? 7.851   -18.058 4.735   1.00 83.67  ? 161 HIS A O   1 
ATOM 1188 C CB  . HIS A 1 161 ? 5.194   -16.200 4.031   1.00 77.05  ? 161 HIS A CB  1 
ATOM 1189 C CG  . HIS A 1 161 ? 4.096   -16.993 3.397   1.00 73.79  ? 161 HIS A CG  1 
ATOM 1190 N ND1 . HIS A 1 161 ? 4.260   -17.672 2.212   1.00 71.49  ? 161 HIS A ND1 1 
ATOM 1191 C CD2 . HIS A 1 161 ? 2.820   -17.215 3.788   1.00 73.06  ? 161 HIS A CD2 1 
ATOM 1192 C CE1 . HIS A 1 161 ? 3.126   -18.275 1.895   1.00 73.59  ? 161 HIS A CE1 1 
ATOM 1193 N NE2 . HIS A 1 161 ? 2.238   -18.012 2.835   1.00 67.65  ? 161 HIS A NE2 1 
ATOM 1194 N N   . GLU A 1 162 ? 5.885   -19.166 4.473   1.00 83.10  ? 162 GLU A N   1 
ATOM 1195 C CA  . GLU A 1 162 ? 6.471   -20.393 3.939   1.00 83.20  ? 162 GLU A CA  1 
ATOM 1196 C C   . GLU A 1 162 ? 7.166   -20.131 2.610   1.00 79.31  ? 162 GLU A C   1 
ATOM 1197 O O   . GLU A 1 162 ? 8.353   -20.402 2.465   1.00 81.42  ? 162 GLU A O   1 
ATOM 1198 C CB  . GLU A 1 162 ? 5.394   -21.470 3.758   1.00 88.05  ? 162 GLU A CB  1 
ATOM 1199 C CG  . GLU A 1 162 ? 4.622   -21.836 5.040   1.00 96.26  ? 162 GLU A CG  1 
ATOM 1200 C CD  . GLU A 1 162 ? 5.404   -22.763 5.974   1.00 95.95  ? 162 GLU A CD  1 
ATOM 1201 O OE1 . GLU A 1 162 ? 6.565   -23.103 5.651   1.00 92.47  ? 162 GLU A OE1 1 
ATOM 1202 O OE2 . GLU A 1 162 ? 4.853   -23.153 7.031   1.00 96.16  ? 162 GLU A OE2 1 
ATOM 1203 N N   . ASN A 1 163 ? 6.422   -19.588 1.651   1.00 77.67  ? 163 ASN A N   1 
ATOM 1204 C CA  . ASN A 1 163 ? 6.958   -19.278 0.332   1.00 80.12  ? 163 ASN A CA  1 
ATOM 1205 C C   . ASN A 1 163 ? 6.895   -17.777 0.024   1.00 79.72  ? 163 ASN A C   1 
ATOM 1206 O O   . ASN A 1 163 ? 5.976   -17.325 -0.657  1.00 79.04  ? 163 ASN A O   1 
ATOM 1207 C CB  . ASN A 1 163 ? 6.198   -20.079 -0.739  1.00 84.71  ? 163 ASN A CB  1 
ATOM 1208 C CG  . ASN A 1 163 ? 6.716   -19.824 -2.163  1.00 92.19  ? 163 ASN A CG  1 
ATOM 1209 O OD1 . ASN A 1 163 ? 7.728   -19.134 -2.376  1.00 85.11  ? 163 ASN A OD1 1 
ATOM 1210 N ND2 . ASN A 1 163 ? 6.018   -20.398 -3.147  1.00 88.99  ? 163 ASN A ND2 1 
ATOM 1211 N N   . PRO A 1 164 ? 7.889   -17.003 0.506   1.00 78.13  ? 164 PRO A N   1 
ATOM 1212 C CA  . PRO A 1 164 ? 7.978   -15.539 0.381   1.00 72.68  ? 164 PRO A CA  1 
ATOM 1213 C C   . PRO A 1 164 ? 7.955   -14.960 -1.039  1.00 81.18  ? 164 PRO A C   1 
ATOM 1214 O O   . PRO A 1 164 ? 8.219   -13.765 -1.185  1.00 82.69  ? 164 PRO A O   1 
ATOM 1215 C CB  . PRO A 1 164 ? 9.333   -15.221 1.018   1.00 69.44  ? 164 PRO A CB  1 
ATOM 1216 C CG  . PRO A 1 164 ? 9.534   -16.292 2.005   1.00 81.22  ? 164 PRO A CG  1 
ATOM 1217 C CD  . PRO A 1 164 ? 8.973   -17.530 1.354   1.00 82.57  ? 164 PRO A CD  1 
ATOM 1218 N N   . THR A 1 165 ? 7.641   -15.761 -2.054  1.00 84.56  ? 165 THR A N   1 
ATOM 1219 C CA  . THR A 1 165 ? 7.648   -15.273 -3.434  1.00 78.34  ? 165 THR A CA  1 
ATOM 1220 C C   . THR A 1 165 ? 6.371   -15.584 -4.186  1.00 81.07  ? 165 THR A C   1 
ATOM 1221 O O   . THR A 1 165 ? 6.095   -14.943 -5.200  1.00 85.45  ? 165 THR A O   1 
ATOM 1222 C CB  . THR A 1 165 ? 8.816   -15.843 -4.239  1.00 78.10  ? 165 THR A CB  1 
ATOM 1223 O OG1 . THR A 1 165 ? 8.975   -17.235 -3.919  1.00 84.97  ? 165 THR A OG1 1 
ATOM 1224 C CG2 . THR A 1 165 ? 10.087  -15.087 -3.912  1.00 74.66  ? 165 THR A CG2 1 
ATOM 1225 N N   . ASP A 1 166 ? 5.611   -16.577 -3.719  1.00 75.77  ? 166 ASP A N   1 
ATOM 1226 C CA  . ASP A 1 166 ? 4.289   -16.845 -4.287  1.00 74.80  ? 166 ASP A CA  1 
ATOM 1227 C C   . ASP A 1 166 ? 3.295   -15.828 -3.687  1.00 77.04  ? 166 ASP A C   1 
ATOM 1228 O O   . ASP A 1 166 ? 2.366   -16.194 -2.939  1.00 75.20  ? 166 ASP A O   1 
ATOM 1229 C CB  . ASP A 1 166 ? 3.864   -18.299 -4.019  1.00 77.73  ? 166 ASP A CB  1 
ATOM 1230 C CG  . ASP A 1 166 ? 2.561   -18.692 -4.727  1.00 76.59  ? 166 ASP A CG  1 
ATOM 1231 O OD1 . ASP A 1 166 ? 2.011   -17.882 -5.509  1.00 71.69  ? 166 ASP A OD1 1 
ATOM 1232 O OD2 . ASP A 1 166 ? 2.086   -19.830 -4.492  1.00 75.72  ? 166 ASP A OD2 1 
ATOM 1233 N N   . LEU A 1 167 ? 3.515   -14.551 -4.019  1.00 69.94  ? 167 LEU A N   1 
ATOM 1234 C CA  . LEU A 1 167 ? 2.721   -13.437 -3.505  1.00 63.84  ? 167 LEU A CA  1 
ATOM 1235 C C   . LEU A 1 167 ? 1.222   -13.710 -3.568  1.00 68.98  ? 167 LEU A C   1 
ATOM 1236 O O   . LEU A 1 167 ? 0.499   -13.319 -2.665  1.00 77.71  ? 167 LEU A O   1 
ATOM 1237 C CB  . LEU A 1 167 ? 3.053   -12.142 -4.250  1.00 68.28  ? 167 LEU A CB  1 
ATOM 1238 C CG  . LEU A 1 167 ? 3.988   -11.079 -3.646  1.00 65.72  ? 167 LEU A CG  1 
ATOM 1239 C CD1 . LEU A 1 167 ? 3.501   -10.632 -2.275  1.00 68.08  ? 167 LEU A CD1 1 
ATOM 1240 C CD2 . LEU A 1 167 ? 5.449   -11.528 -3.580  1.00 68.83  ? 167 LEU A CD2 1 
ATOM 1241 N N   . ARG A 1 168 ? 0.761   -14.382 -4.620  1.00 69.38  ? 168 ARG A N   1 
ATOM 1242 C CA  . ARG A 1 168 ? -0.615  -14.865 -4.685  1.00 71.20  ? 168 ARG A CA  1 
ATOM 1243 C C   . ARG A 1 168 ? -0.986  -15.737 -3.470  1.00 70.47  ? 168 ARG A C   1 
ATOM 1244 O O   . ARG A 1 168 ? -2.083  -15.621 -2.916  1.00 66.88  ? 168 ARG A O   1 
ATOM 1245 C CB  . ARG A 1 168 ? -0.843  -15.668 -5.973  1.00 73.81  ? 168 ARG A CB  1 
ATOM 1246 C CG  . ARG A 1 168 ? -0.792  -14.865 -7.251  1.00 65.79  ? 168 ARG A CG  1 
ATOM 1247 C CD  . ARG A 1 168 ? -1.404  -15.656 -8.394  1.00 67.73  ? 168 ARG A CD  1 
ATOM 1248 N NE  . ARG A 1 168 ? -2.394  -14.861 -9.121  1.00 81.66  ? 168 ARG A NE  1 
ATOM 1249 C CZ  . ARG A 1 168 ? -3.712  -14.963 -8.956  1.00 84.83  ? 168 ARG A CZ  1 
ATOM 1250 N NH1 . ARG A 1 168 ? -4.207  -15.848 -8.092  1.00 80.87  ? 168 ARG A NH1 1 
ATOM 1251 N NH2 . ARG A 1 168 ? -4.538  -14.187 -9.662  1.00 73.29  ? 168 ARG A NH2 1 
ATOM 1252 N N   . ALA A 1 169 ? -0.082  -16.624 -3.068  1.00 70.61  ? 169 ALA A N   1 
ATOM 1253 C CA  . ALA A 1 169 ? -0.375  -17.496 -1.944  1.00 73.25  ? 169 ALA A CA  1 
ATOM 1254 C C   . ALA A 1 169 ? -0.361  -16.640 -0.699  1.00 72.69  ? 169 ALA A C   1 
ATOM 1255 O O   . ALA A 1 169 ? -1.317  -16.653 0.079   1.00 73.05  ? 169 ALA A O   1 
ATOM 1256 C CB  . ALA A 1 169 ? 0.643   -18.627 -1.827  1.00 73.59  ? 169 ALA A CB  1 
ATOM 1257 N N   . ALA A 1 170 ? 0.726   -15.890 -0.527  1.00 68.79  ? 170 ALA A N   1 
ATOM 1258 C CA  . ALA A 1 170 ? 0.915   -15.053 0.657   1.00 67.09  ? 170 ALA A CA  1 
ATOM 1259 C C   . ALA A 1 170 ? -0.286  -14.168 0.919   1.00 67.45  ? 170 ALA A C   1 
ATOM 1260 O O   . ALA A 1 170 ? -0.725  -14.030 2.060   1.00 72.47  ? 170 ALA A O   1 
ATOM 1261 C CB  . ALA A 1 170 ? 2.151   -14.199 0.511   1.00 64.31  ? 170 ALA A CB  1 
ATOM 1262 N N   . LEU A 1 171 ? -0.814  -13.565 -0.141  1.00 66.64  ? 171 LEU A N   1 
ATOM 1263 C CA  . LEU A 1 171 ? -1.928  -12.647 -0.004  1.00 61.57  ? 171 LEU A CA  1 
ATOM 1264 C C   . LEU A 1 171 ? -3.147  -13.420 0.449   1.00 64.35  ? 171 LEU A C   1 
ATOM 1265 O O   . LEU A 1 171 ? -3.923  -12.941 1.272   1.00 64.76  ? 171 LEU A O   1 
ATOM 1266 C CB  . LEU A 1 171 ? -2.189  -11.905 -1.314  1.00 64.24  ? 171 LEU A CB  1 
ATOM 1267 C CG  . LEU A 1 171 ? -1.108  -10.906 -1.743  1.00 63.14  ? 171 LEU A CG  1 
ATOM 1268 C CD1 . LEU A 1 171 ? -1.477  -10.187 -3.027  1.00 59.68  ? 171 LEU A CD1 1 
ATOM 1269 C CD2 . LEU A 1 171 ? -0.847  -9.907  -0.644  1.00 68.45  ? 171 LEU A CD2 1 
ATOM 1270 N N   . ARG A 1 172 ? -3.291  -14.637 -0.063  1.00 70.10  ? 172 ARG A N   1 
ATOM 1271 C CA  . ARG A 1 172 ? -4.405  -15.501 0.327   1.00 71.32  ? 172 ARG A CA  1 
ATOM 1272 C C   . ARG A 1 172 ? -4.313  -15.851 1.808   1.00 68.52  ? 172 ARG A C   1 
ATOM 1273 O O   . ARG A 1 172 ? -5.320  -15.862 2.524   1.00 70.15  ? 172 ARG A O   1 
ATOM 1274 C CB  . ARG A 1 172 ? -4.391  -16.785 -0.501  1.00 74.48  ? 172 ARG A CB  1 
ATOM 1275 C CG  . ARG A 1 172 ? -5.718  -17.496 -0.543  1.00 80.59  ? 172 ARG A CG  1 
ATOM 1276 C CD  . ARG A 1 172 ? -6.766  -16.648 -1.229  1.00 81.88  ? 172 ARG A CD  1 
ATOM 1277 N NE  . ARG A 1 172 ? -7.592  -15.874 -0.305  1.00 81.60  ? 172 ARG A NE  1 
ATOM 1278 C CZ  . ARG A 1 172 ? -8.615  -15.110 -0.690  1.00 83.14  ? 172 ARG A CZ  1 
ATOM 1279 N NH1 . ARG A 1 172 ? -8.923  -15.016 -1.983  1.00 81.67  ? 172 ARG A NH1 1 
ATOM 1280 N NH2 . ARG A 1 172 ? -9.327  -14.437 0.211   1.00 76.91  ? 172 ARG A NH2 1 
ATOM 1281 N N   . ASP A 1 173 ? -3.091  -16.122 2.257   1.00 64.72  ? 173 ASP A N   1 
ATOM 1282 C CA  . ASP A 1 173 ? -2.846  -16.527 3.631   1.00 65.57  ? 173 ASP A CA  1 
ATOM 1283 C C   . ASP A 1 173 ? -2.944  -15.361 4.584   1.00 64.09  ? 173 ASP A C   1 
ATOM 1284 O O   . ASP A 1 173 ? -3.204  -15.559 5.762   1.00 66.66  ? 173 ASP A O   1 
ATOM 1285 C CB  . ASP A 1 173 ? -1.464  -17.166 3.773   1.00 72.40  ? 173 ASP A CB  1 
ATOM 1286 C CG  . ASP A 1 173 ? -1.304  -18.411 2.928   1.00 71.48  ? 173 ASP A CG  1 
ATOM 1287 O OD1 . ASP A 1 173 ? -2.335  -18.986 2.508   1.00 76.94  ? 173 ASP A OD1 1 
ATOM 1288 O OD2 . ASP A 1 173 ? -0.143  -18.812 2.694   1.00 67.60  ? 173 ASP A OD2 1 
ATOM 1289 N N   . TYR A 1 174 ? -2.700  -14.153 4.084   1.00 64.40  ? 174 TYR A N   1 
ATOM 1290 C CA  . TYR A 1 174 ? -2.841  -12.943 4.895   1.00 61.91  ? 174 TYR A CA  1 
ATOM 1291 C C   . TYR A 1 174 ? -4.323  -12.718 5.105   1.00 60.30  ? 174 TYR A C   1 
ATOM 1292 O O   . TYR A 1 174 ? -4.768  -12.451 6.222   1.00 57.61  ? 174 TYR A O   1 
ATOM 1293 C CB  . TYR A 1 174 ? -2.235  -11.743 4.177   1.00 61.34  ? 174 TYR A CB  1 
ATOM 1294 C CG  . TYR A 1 174 ? -1.966  -10.504 5.024   1.00 66.73  ? 174 TYR A CG  1 
ATOM 1295 C CD1 . TYR A 1 174 ? -0.885  -10.453 5.900   1.00 63.53  ? 174 TYR A CD1 1 
ATOM 1296 C CD2 . TYR A 1 174 ? -2.756  -9.358  4.898   1.00 64.40  ? 174 TYR A CD2 1 
ATOM 1297 C CE1 . TYR A 1 174 ? -0.618  -9.310  6.653   1.00 64.51  ? 174 TYR A CE1 1 
ATOM 1298 C CE2 . TYR A 1 174 ? -2.494  -8.210  5.645   1.00 64.82  ? 174 TYR A CE2 1 
ATOM 1299 C CZ  . TYR A 1 174 ? -1.425  -8.191  6.523   1.00 68.85  ? 174 TYR A CZ  1 
ATOM 1300 O OH  . TYR A 1 174 ? -1.159  -7.055  7.271   1.00 73.21  ? 174 TYR A OH  1 
ATOM 1301 N N   . ALA A 1 175 ? -5.087  -12.849 4.025   1.00 55.37  ? 175 ALA A N   1 
ATOM 1302 C CA  . ALA A 1 175 ? -6.524  -12.658 4.096   1.00 53.35  ? 175 ALA A CA  1 
ATOM 1303 C C   . ALA A 1 175 ? -7.111  -13.634 5.088   1.00 57.32  ? 175 ALA A C   1 
ATOM 1304 O O   . ALA A 1 175 ? -8.020  -13.293 5.844   1.00 56.40  ? 175 ALA A O   1 
ATOM 1305 C CB  . ALA A 1 175 ? -7.159  -12.846 2.742   1.00 58.14  ? 175 ALA A CB  1 
ATOM 1306 N N   . HIS A 1 176 ? -6.587  -14.853 5.082   1.00 59.66  ? 176 HIS A N   1 
ATOM 1307 C CA  . HIS A 1 176 ? -7.095  -15.881 5.972   1.00 60.91  ? 176 HIS A CA  1 
ATOM 1308 C C   . HIS A 1 176 ? -6.664  -15.537 7.386   1.00 60.42  ? 176 HIS A C   1 
ATOM 1309 O O   . HIS A 1 176 ? -7.488  -15.408 8.290   1.00 65.27  ? 176 HIS A O   1 
ATOM 1310 C CB  . HIS A 1 176 ? -6.546  -17.243 5.568   1.00 63.57  ? 176 HIS A CB  1 
ATOM 1311 C CG  . HIS A 1 176 ? -7.401  -18.394 5.996   1.00 70.16  ? 176 HIS A CG  1 
ATOM 1312 N ND1 . HIS A 1 176 ? -7.252  -19.017 7.218   1.00 71.43  ? 176 HIS A ND1 1 
ATOM 1313 C CD2 . HIS A 1 176 ? -8.394  -19.053 5.354   1.00 69.59  ? 176 HIS A CD2 1 
ATOM 1314 C CE1 . HIS A 1 176 ? -8.125  -20.006 7.313   1.00 71.35  ? 176 HIS A CE1 1 
ATOM 1315 N NE2 . HIS A 1 176 ? -8.827  -20.050 6.195   1.00 73.88  ? 176 HIS A NE2 1 
ATOM 1316 N N   . ASP A 1 177 ? -5.365  -15.359 7.566   1.00 59.56  ? 177 ASP A N   1 
ATOM 1317 C CA  . ASP A 1 177 ? -4.805  -15.152 8.888   1.00 57.80  ? 177 ASP A CA  1 
ATOM 1318 C C   . ASP A 1 177 ? -5.209  -13.845 9.552   1.00 56.82  ? 177 ASP A C   1 
ATOM 1319 O O   . ASP A 1 177 ? -5.518  -13.820 10.741  1.00 56.25  ? 177 ASP A O   1 
ATOM 1320 C CB  . ASP A 1 177 ? -3.278  -15.245 8.829   1.00 59.31  ? 177 ASP A CB  1 
ATOM 1321 C CG  . ASP A 1 177 ? -2.803  -16.656 8.605   1.00 63.52  ? 177 ASP A CG  1 
ATOM 1322 O OD1 . ASP A 1 177 ? -1.648  -16.981 8.985   1.00 66.74  ? 177 ASP A OD1 1 
ATOM 1323 O OD2 . ASP A 1 177 ? -3.610  -17.441 8.062   1.00 66.42  ? 177 ASP A OD2 1 
ATOM 1324 N N   . MET A 1 178 ? -5.208  -12.761 8.784   1.00 58.98  ? 178 MET A N   1 
ATOM 1325 C CA  . MET A 1 178 ? -5.193  -11.420 9.378   1.00 58.30  ? 178 MET A CA  1 
ATOM 1326 C C   . MET A 1 178 ? -6.519  -10.661 9.350   1.00 52.74  ? 178 MET A C   1 
ATOM 1327 O O   . MET A 1 178 ? -6.858  -9.967  10.305  1.00 53.12  ? 178 MET A O   1 
ATOM 1328 C CB  . MET A 1 178 ? -4.089  -10.575 8.734   1.00 56.09  ? 178 MET A CB  1 
ATOM 1329 C CG  . MET A 1 178 ? -2.722  -11.207 8.862   1.00 61.90  ? 178 MET A CG  1 
ATOM 1330 S SD  . MET A 1 178 ? -2.073  -11.131 10.556  1.00 63.72  ? 178 MET A SD  1 
ATOM 1331 C CE  . MET A 1 178 ? -1.380  -9.465  10.520  1.00 54.36  ? 178 MET A CE  1 
ATOM 1332 N N   . VAL A 1 179 ? -7.254  -10.783 8.258   1.00 50.20  ? 179 VAL A N   1 
ATOM 1333 C CA  . VAL A 1 179 ? -8.488  -10.036 8.081   1.00 49.17  ? 179 VAL A CA  1 
ATOM 1334 C C   . VAL A 1 179 ? -9.391  -9.994  9.316   1.00 52.68  ? 179 VAL A C   1 
ATOM 1335 O O   . VAL A 1 179 ? -9.726  -8.901  9.801   1.00 49.79  ? 179 VAL A O   1 
ATOM 1336 C CB  . VAL A 1 179 ? -9.257  -10.569 6.868   1.00 54.64  ? 179 VAL A CB  1 
ATOM 1337 C CG1 . VAL A 1 179 ? -10.738 -10.196 6.928   1.00 53.92  ? 179 VAL A CG1 1 
ATOM 1338 C CG2 . VAL A 1 179 ? -8.613  -10.048 5.604   1.00 56.07  ? 179 VAL A CG2 1 
ATOM 1339 N N   . LEU A 1 180 ? -9.761  -11.165 9.840   1.00 52.29  ? 180 LEU A N   1 
ATOM 1340 C CA  . LEU A 1 180 ? -10.745 -11.224 10.927  1.00 46.08  ? 180 LEU A CA  1 
ATOM 1341 C C   . LEU A 1 180 ? -10.261 -10.565 12.216  1.00 47.79  ? 180 LEU A C   1 
ATOM 1342 O O   . LEU A 1 180 ? -10.945 -9.670  12.735  1.00 49.38  ? 180 LEU A O   1 
ATOM 1343 C CB  . LEU A 1 180 ? -11.252 -12.648 11.170  1.00 45.13  ? 180 LEU A CB  1 
ATOM 1344 C CG  . LEU A 1 180 ? -12.773 -12.851 11.293  1.00 48.22  ? 180 LEU A CG  1 
ATOM 1345 C CD1 . LEU A 1 180 ? -13.549 -11.975 10.338  1.00 51.28  ? 180 LEU A CD1 1 
ATOM 1346 C CD2 . LEU A 1 180 ? -13.182 -14.305 11.072  1.00 45.42  ? 180 LEU A CD2 1 
ATOM 1347 N N   . PRO A 1 181 ? -9.073  -10.958 12.725  1.00 47.39  ? 181 PRO A N   1 
ATOM 1348 C CA  . PRO A 1 181 ? -8.656  -10.277 13.960  1.00 48.86  ? 181 PRO A CA  1 
ATOM 1349 C C   . PRO A 1 181 ? -8.435  -8.777  13.780  1.00 48.07  ? 181 PRO A C   1 
ATOM 1350 O O   . PRO A 1 181 ? -8.575  -8.041  14.751  1.00 48.55  ? 181 PRO A O   1 
ATOM 1351 C CB  . PRO A 1 181 ? -7.340  -10.971 14.329  1.00 49.20  ? 181 PRO A CB  1 
ATOM 1352 C CG  . PRO A 1 181 ? -6.865  -11.579 13.082  1.00 47.38  ? 181 PRO A CG  1 
ATOM 1353 C CD  . PRO A 1 181 ? -8.092  -11.974 12.315  1.00 47.11  ? 181 PRO A CD  1 
ATOM 1354 N N   . SER A 1 182 ? -8.094  -8.326  12.577  1.00 49.07  ? 182 SER A N   1 
ATOM 1355 C CA  . SER A 1 182 ? -7.928  -6.892  12.358  1.00 46.01  ? 182 SER A CA  1 
ATOM 1356 C C   . SER A 1 182 ? -9.270  -6.218  12.563  1.00 46.21  ? 182 SER A C   1 
ATOM 1357 O O   . SER A 1 182 ? -9.405  -5.342  13.419  1.00 48.02  ? 182 SER A O   1 
ATOM 1358 C CB  . SER A 1 182 ? -7.414  -6.601  10.956  1.00 42.83  ? 182 SER A CB  1 
ATOM 1359 O OG  . SER A 1 182 ? -8.376  -6.998  10.005  1.00 44.35  ? 182 SER A OG  1 
ATOM 1360 N N   . LEU A 1 183 ? -10.264 -6.648  11.787  1.00 48.49  ? 183 LEU A N   1 
ATOM 1361 C CA  . LEU A 1 183 ? -11.629 -6.121  11.897  1.00 43.42  ? 183 LEU A CA  1 
ATOM 1362 C C   . LEU A 1 183 ? -12.108 -6.096  13.327  1.00 43.57  ? 183 LEU A C   1 
ATOM 1363 O O   . LEU A 1 183 ? -12.767 -5.148  13.723  1.00 45.78  ? 183 LEU A O   1 
ATOM 1364 C CB  . LEU A 1 183 ? -12.601 -6.932  11.048  1.00 43.33  ? 183 LEU A CB  1 
ATOM 1365 C CG  . LEU A 1 183 ? -12.423 -6.725  9.540   1.00 49.70  ? 183 LEU A CG  1 
ATOM 1366 C CD1 . LEU A 1 183 ? -12.974 -7.907  8.774   1.00 54.28  ? 183 LEU A CD1 1 
ATOM 1367 C CD2 . LEU A 1 183 ? -13.093 -5.427  9.061   1.00 43.77  ? 183 LEU A CD2 1 
ATOM 1368 N N   . GLU A 1 184 ? -11.766 -7.123  14.108  1.00 45.31  ? 184 GLU A N   1 
ATOM 1369 C CA  . GLU A 1 184 ? -12.152 -7.156  15.520  1.00 44.46  ? 184 GLU A CA  1 
ATOM 1370 C C   . GLU A 1 184 ? -11.545 -5.975  16.283  1.00 43.52  ? 184 GLU A C   1 
ATOM 1371 O O   . GLU A 1 184 ? -12.236 -5.251  17.009  1.00 42.72  ? 184 GLU A O   1 
ATOM 1372 C CB  . GLU A 1 184 ? -11.747 -8.484  16.183  1.00 40.83  ? 184 GLU A CB  1 
ATOM 1373 C CG  . GLU A 1 184 ? -12.283 -8.597  17.595  1.00 43.80  ? 184 GLU A CG  1 
ATOM 1374 C CD  . GLU A 1 184 ? -11.945 -9.897  18.293  1.00 47.28  ? 184 GLU A CD  1 
ATOM 1375 O OE1 . GLU A 1 184 ? -12.868 -10.543 18.863  1.00 48.58  ? 184 GLU A OE1 1 
ATOM 1376 O OE2 . GLU A 1 184 ? -10.748 -10.249 18.305  1.00 52.62  ? 184 GLU A OE2 1 
ATOM 1377 N N   . VAL A 1 185 ? -10.242 -5.780  16.100  1.00 46.42  ? 185 VAL A N   1 
ATOM 1378 C CA  . VAL A 1 185 ? -9.510  -4.766  16.836  1.00 41.54  ? 185 VAL A CA  1 
ATOM 1379 C C   . VAL A 1 185 ? -9.946  -3.385  16.362  1.00 45.94  ? 185 VAL A C   1 
ATOM 1380 O O   . VAL A 1 185 ? -10.171 -2.475  17.171  1.00 48.21  ? 185 VAL A O   1 
ATOM 1381 C CB  . VAL A 1 185 ? -8.016  -4.967  16.672  1.00 39.31  ? 185 VAL A CB  1 
ATOM 1382 C CG1 . VAL A 1 185 ? -7.249  -3.948  17.488  1.00 42.05  ? 185 VAL A CG1 1 
ATOM 1383 C CG2 . VAL A 1 185 ? -7.638  -6.373  17.121  1.00 42.21  ? 185 VAL A CG2 1 
ATOM 1384 N N   . TYR A 1 186 ? -10.113 -3.244  15.051  1.00 42.07  ? 186 TYR A N   1 
ATOM 1385 C CA  . TYR A 1 186 ? -10.592 -1.987  14.475  1.00 44.52  ? 186 TYR A CA  1 
ATOM 1386 C C   . TYR A 1 186 ? -12.107 -1.688  14.694  1.00 44.87  ? 186 TYR A C   1 
ATOM 1387 O O   . TYR A 1 186 ? -12.553 -0.567  14.450  1.00 45.87  ? 186 TYR A O   1 
ATOM 1388 C CB  . TYR A 1 186 ? -10.215 -1.906  12.982  1.00 46.61  ? 186 TYR A CB  1 
ATOM 1389 C CG  . TYR A 1 186 ? -8.721  -1.941  12.733  1.00 45.45  ? 186 TYR A CG  1 
ATOM 1390 C CD1 . TYR A 1 186 ? -7.837  -1.542  13.724  1.00 49.42  ? 186 TYR A CD1 1 
ATOM 1391 C CD2 . TYR A 1 186 ? -8.191  -2.366  11.516  1.00 38.25  ? 186 TYR A CD2 1 
ATOM 1392 C CE1 . TYR A 1 186 ? -6.464  -1.563  13.515  1.00 49.05  ? 186 TYR A CE1 1 
ATOM 1393 C CE2 . TYR A 1 186 ? -6.818  -2.387  11.301  1.00 39.02  ? 186 TYR A CE2 1 
ATOM 1394 C CZ  . TYR A 1 186 ? -5.962  -1.978  12.314  1.00 44.36  ? 186 TYR A CZ  1 
ATOM 1395 O OH  . TYR A 1 186 ? -4.595  -1.954  12.168  1.00 54.39  ? 186 TYR A OH  1 
ATOM 1396 N N   . THR A 1 187 ? -12.892 -2.671  15.140  1.00 40.38  ? 187 THR A N   1 
ATOM 1397 C CA  . THR A 1 187 ? -14.301 -2.429  15.438  1.00 38.81  ? 187 THR A CA  1 
ATOM 1398 C C   . THR A 1 187 ? -14.532 -2.337  16.929  1.00 43.73  ? 187 THR A C   1 
ATOM 1399 O O   . THR A 1 187 ? -15.306 -1.512  17.392  1.00 48.81  ? 187 THR A O   1 
ATOM 1400 C CB  . THR A 1 187 ? -15.230 -3.529  14.911  1.00 41.48  ? 187 THR A CB  1 
ATOM 1401 O OG1 . THR A 1 187 ? -15.144 -3.610  13.483  1.00 44.11  ? 187 THR A OG1 1 
ATOM 1402 C CG2 . THR A 1 187 ? -16.676 -3.244  15.310  1.00 44.11  ? 187 THR A CG2 1 
ATOM 1403 N N   . GLU A 1 188 ? -13.870 -3.190  17.694  1.00 44.80  ? 188 GLU A N   1 
ATOM 1404 C CA  . GLU A 1 188 ? -14.144 -3.218  19.114  1.00 50.14  ? 188 GLU A CA  1 
ATOM 1405 C C   . GLU A 1 188 ? -13.069 -2.490  19.907  1.00 55.46  ? 188 GLU A C   1 
ATOM 1406 O O   . GLU A 1 188 ? -13.301 -2.079  21.053  1.00 64.05  ? 188 GLU A O   1 
ATOM 1407 C CB  . GLU A 1 188 ? -14.360 -4.657  19.641  1.00 52.15  ? 188 GLU A CB  1 
ATOM 1408 C CG  . GLU A 1 188 ? -15.448 -5.504  18.945  1.00 47.13  ? 188 GLU A CG  1 
ATOM 1409 C CD  . GLU A 1 188 ? -16.868 -4.865  18.955  1.00 64.46  ? 188 GLU A CD  1 
ATOM 1410 O OE1 . GLU A 1 188 ? -17.797 -5.521  18.415  1.00 67.86  ? 188 GLU A OE1 1 
ATOM 1411 O OE2 . GLU A 1 188 ? -17.077 -3.733  19.481  1.00 57.90  ? 188 GLU A OE2 1 
ATOM 1412 N N   . GLY A 1 189 ? -11.902 -2.294  19.304  1.00 52.44  ? 189 GLY A N   1 
ATOM 1413 C CA  . GLY A 1 189 ? -10.781 -1.760  20.064  1.00 50.04  ? 189 GLY A CA  1 
ATOM 1414 C C   . GLY A 1 189 ? -10.092 -2.937  20.733  1.00 47.30  ? 189 GLY A C   1 
ATOM 1415 O O   . GLY A 1 189 ? -10.289 -4.094  20.322  1.00 52.68  ? 189 GLY A O   1 
ATOM 1416 N N   . LEU A 1 190 ? -9.297  -2.667  21.757  1.00 39.48  ? 190 LEU A N   1 
ATOM 1417 C CA  . LEU A 1 190 ? -8.514  -3.712  22.399  1.00 40.47  ? 190 LEU A CA  1 
ATOM 1418 C C   . LEU A 1 190 ? -8.539  -3.490  23.895  1.00 44.56  ? 190 LEU A C   1 
ATOM 1419 O O   . LEU A 1 190 ? -8.783  -4.406  24.660  1.00 46.20  ? 190 LEU A O   1 
ATOM 1420 C CB  . LEU A 1 190 ? -7.067  -3.609  21.930  1.00 47.10  ? 190 LEU A CB  1 
ATOM 1421 C CG  . LEU A 1 190 ? -6.112  -4.800  21.825  1.00 47.64  ? 190 LEU A CG  1 
ATOM 1422 C CD1 . LEU A 1 190 ? -4.713  -4.309  22.145  1.00 41.31  ? 190 LEU A CD1 1 
ATOM 1423 C CD2 . LEU A 1 190 ? -6.490  -5.964  22.725  1.00 50.76  ? 190 LEU A CD2 1 
ATOM 1424 N N   . LEU A 1 191 ? -8.253  -2.259  24.298  1.00 47.42  ? 191 LEU A N   1 
ATOM 1425 C CA  . LEU A 1 191 ? -8.240  -1.882  25.694  1.00 45.60  ? 191 LEU A CA  1 
ATOM 1426 C C   . LEU A 1 191 ? -9.669  -1.877  26.249  1.00 48.69  ? 191 LEU A C   1 
ATOM 1427 O O   . LEU A 1 191 ? -10.647 -1.784  25.499  1.00 46.27  ? 191 LEU A O   1 
ATOM 1428 C CB  . LEU A 1 191 ? -7.571  -0.514  25.860  1.00 50.37  ? 191 LEU A CB  1 
ATOM 1429 C CG  . LEU A 1 191 ? -6.067  -0.405  25.552  1.00 44.24  ? 191 LEU A CG  1 
ATOM 1430 C CD1 . LEU A 1 191 ? -5.567  1.018   25.767  1.00 46.08  ? 191 LEU A CD1 1 
ATOM 1431 C CD2 . LEU A 1 191 ? -5.253  -1.371  26.418  1.00 36.32  ? 191 LEU A CD2 1 
ATOM 1432 N N   . ALA A 1 192 ? -9.781  -1.995  27.568  1.00 52.45  ? 192 ALA A N   1 
ATOM 1433 C CA  . ALA A 1 192 ? -11.063 -2.236  28.211  1.00 52.82  ? 192 ALA A CA  1 
ATOM 1434 C C   . ALA A 1 192 ? -11.695 -0.920  28.676  1.00 53.90  ? 192 ALA A C   1 
ATOM 1435 O O   . ALA A 1 192 ? -12.920 -0.821  28.812  1.00 51.25  ? 192 ALA A O   1 
ATOM 1436 C CB  . ALA A 1 192 ? -10.884 -3.210  29.382  1.00 49.60  ? 192 ALA A CB  1 
ATOM 1437 N N   . ASP A 1 193 ? -10.856 0.086   28.916  1.00 53.95  ? 193 ASP A N   1 
ATOM 1438 C CA  . ASP A 1 193 ? -11.333 1.420   29.291  1.00 55.60  ? 193 ASP A CA  1 
ATOM 1439 C C   . ASP A 1 193 ? -10.351 2.487   28.837  1.00 55.71  ? 193 ASP A C   1 
ATOM 1440 O O   . ASP A 1 193 ? -9.224  2.159   28.444  1.00 64.55  ? 193 ASP A O   1 
ATOM 1441 C CB  . ASP A 1 193 ? -11.581 1.509   30.794  1.00 58.95  ? 193 ASP A CB  1 
ATOM 1442 C CG  . ASP A 1 193 ? -10.320 1.353   31.614  1.00 66.96  ? 193 ASP A CG  1 
ATOM 1443 O OD1 . ASP A 1 193 ? -10.323 1.806   32.779  1.00 76.68  ? 193 ASP A OD1 1 
ATOM 1444 O OD2 . ASP A 1 193 ? -9.329  0.773   31.119  1.00 71.30  ? 193 ASP A OD2 1 
ATOM 1445 N N   . ARG A 1 194 ? -10.772 3.752   28.872  1.00 49.52  ? 194 ARG A N   1 
ATOM 1446 C CA  . ARG A 1 194 ? -9.926  4.854   28.403  1.00 51.84  ? 194 ARG A CA  1 
ATOM 1447 C C   . ARG A 1 194 ? -8.818  5.194   29.392  1.00 54.91  ? 194 ARG A C   1 
ATOM 1448 O O   . ARG A 1 194 ? -8.162  6.223   29.251  1.00 52.61  ? 194 ARG A O   1 
ATOM 1449 C CB  . ARG A 1 194 ? -10.740 6.124   28.178  1.00 55.67  ? 194 ARG A CB  1 
ATOM 1450 C CG  . ARG A 1 194 ? -11.991 5.959   27.369  1.00 57.21  ? 194 ARG A CG  1 
ATOM 1451 C CD  . ARG A 1 194 ? -12.671 7.292   27.177  1.00 55.34  ? 194 ARG A CD  1 
ATOM 1452 N NE  . ARG A 1 194 ? -12.006 8.139   26.182  1.00 54.04  ? 194 ARG A NE  1 
ATOM 1453 C CZ  . ARG A 1 194 ? -11.506 9.345   26.444  1.00 60.07  ? 194 ARG A CZ  1 
ATOM 1454 N NH1 . ARG A 1 194 ? -11.581 9.843   27.676  1.00 63.54  ? 194 ARG A NH1 1 
ATOM 1455 N NH2 . ARG A 1 194 ? -10.930 10.056  25.476  1.00 55.80  ? 194 ARG A NH2 1 
ATOM 1456 N N   . ALA A 1 195 ? -8.637  4.335   30.393  1.00 57.80  ? 195 ALA A N   1 
ATOM 1457 C CA  . ALA A 1 195 ? -7.652  4.528   31.454  1.00 52.38  ? 195 ALA A CA  1 
ATOM 1458 C C   . ALA A 1 195 ? -6.318  5.021   30.930  1.00 57.14  ? 195 ALA A C   1 
ATOM 1459 O O   . ALA A 1 195 ? -5.848  6.101   31.305  1.00 62.01  ? 195 ALA A O   1 
ATOM 1460 C CB  . ALA A 1 195 ? -7.458  3.230   32.222  1.00 60.59  ? 195 ALA A CB  1 
ATOM 1461 N N   . MET A 1 196 ? -5.719  4.231   30.045  1.00 59.64  ? 196 MET A N   1 
ATOM 1462 C CA  . MET A 1 196 ? -4.364  4.509   29.605  1.00 54.73  ? 196 MET A CA  1 
ATOM 1463 C C   . MET A 1 196 ? -4.350  5.618   28.580  1.00 50.70  ? 196 MET A C   1 
ATOM 1464 O O   . MET A 1 196 ? -3.473  6.472   28.616  1.00 52.57  ? 196 MET A O   1 
ATOM 1465 C CB  . MET A 1 196 ? -3.692  3.237   29.115  1.00 59.05  ? 196 MET A CB  1 
ATOM 1466 C CG  . MET A 1 196 ? -3.852  2.101   30.128  1.00 68.83  ? 196 MET A CG  1 
ATOM 1467 S SD  . MET A 1 196 ? -3.410  2.570   31.846  1.00 84.30  ? 196 MET A SD  1 
ATOM 1468 C CE  . MET A 1 196 ? -4.115  1.189   32.760  1.00 75.57  ? 196 MET A CE  1 
ATOM 1469 N N   . TYR A 1 197 ? -5.347  5.640   27.700  1.00 53.91  ? 197 TYR A N   1 
ATOM 1470 C CA  . TYR A 1 197 ? -5.518  6.779   26.802  1.00 49.46  ? 197 TYR A CA  1 
ATOM 1471 C C   . TYR A 1 197 ? -5.531  8.087   27.604  1.00 55.53  ? 197 TYR A C   1 
ATOM 1472 O O   . TYR A 1 197 ? -4.717  8.974   27.327  1.00 58.35  ? 197 TYR A O   1 
ATOM 1473 C CB  . TYR A 1 197 ? -6.790  6.642   25.975  1.00 45.11  ? 197 TYR A CB  1 
ATOM 1474 C CG  . TYR A 1 197 ? -6.861  7.545   24.756  1.00 46.52  ? 197 TYR A CG  1 
ATOM 1475 C CD1 . TYR A 1 197 ? -5.722  7.920   24.058  1.00 50.63  ? 197 TYR A CD1 1 
ATOM 1476 C CD2 . TYR A 1 197 ? -8.079  8.020   24.297  1.00 49.83  ? 197 TYR A CD2 1 
ATOM 1477 C CE1 . TYR A 1 197 ? -5.808  8.752   22.924  1.00 48.81  ? 197 TYR A CE1 1 
ATOM 1478 C CE2 . TYR A 1 197 ? -8.170  8.843   23.181  1.00 49.29  ? 197 TYR A CE2 1 
ATOM 1479 C CZ  . TYR A 1 197 ? -7.041  9.203   22.498  1.00 48.22  ? 197 TYR A CZ  1 
ATOM 1480 O OH  . TYR A 1 197 ? -7.159  10.021  21.389  1.00 54.50  ? 197 TYR A OH  1 
ATOM 1481 N N   . GLU A 1 198 ? -6.418  8.200   28.603  1.00 57.07  ? 198 GLU A N   1 
ATOM 1482 C CA  . GLU A 1 198 ? -6.528  9.429   29.421  1.00 55.22  ? 198 GLU A CA  1 
ATOM 1483 C C   . GLU A 1 198 ? -5.181  9.873   29.973  1.00 59.56  ? 198 GLU A C   1 
ATOM 1484 O O   . GLU A 1 198 ? -4.786  11.047  29.831  1.00 56.85  ? 198 GLU A O   1 
ATOM 1485 C CB  . GLU A 1 198 ? -7.533  9.262   30.572  1.00 58.66  ? 198 GLU A CB  1 
ATOM 1486 C CG  . GLU A 1 198 ? -9.016  9.308   30.130  1.00 75.79  ? 198 GLU A CG  1 
ATOM 1487 C CD  . GLU A 1 198 ? -10.032 9.267   31.293  1.00 86.64  ? 198 GLU A CD  1 
ATOM 1488 O OE1 . GLU A 1 198 ? -9.661  9.654   32.432  1.00 87.01  ? 198 GLU A OE1 1 
ATOM 1489 O OE2 . GLU A 1 198 ? -11.206 8.859   31.051  1.00 77.47  ? 198 GLU A OE2 1 
ATOM 1490 N N   . ALA A 1 199 ? -4.487  8.907   30.582  1.00 57.74  ? 199 ALA A N   1 
ATOM 1491 C CA  . ALA A 1 199 ? -3.197  9.108   31.242  1.00 50.68  ? 199 ALA A CA  1 
ATOM 1492 C C   . ALA A 1 199 ? -2.165  9.764   30.345  1.00 57.87  ? 199 ALA A C   1 
ATOM 1493 O O   . ALA A 1 199 ? -1.575  10.796  30.697  1.00 61.77  ? 199 ALA A O   1 
ATOM 1494 C CB  . ALA A 1 199 ? -2.680  7.794   31.720  1.00 54.96  ? 199 ALA A CB  1 
ATOM 1495 N N   . PHE A 1 200 ? -1.933  9.146   29.191  1.00 57.53  ? 200 PHE A N   1 
ATOM 1496 C CA  . PHE A 1 200 ? -0.961  9.658   28.235  1.00 56.53  ? 200 PHE A CA  1 
ATOM 1497 C C   . PHE A 1 200 ? -1.368  10.991  27.640  1.00 61.27  ? 200 PHE A C   1 
ATOM 1498 O O   . PHE A 1 200 ? -0.517  11.853  27.439  1.00 63.78  ? 200 PHE A O   1 
ATOM 1499 C CB  . PHE A 1 200 ? -0.685  8.626   27.148  1.00 52.06  ? 200 PHE A CB  1 
ATOM 1500 C CG  . PHE A 1 200 ? 0.248   7.558   27.591  1.00 56.41  ? 200 PHE A CG  1 
ATOM 1501 C CD1 . PHE A 1 200 ? 1.612   7.707   27.420  1.00 62.05  ? 200 PHE A CD1 1 
ATOM 1502 C CD2 . PHE A 1 200 ? -0.221  6.430   28.236  1.00 54.76  ? 200 PHE A CD2 1 
ATOM 1503 C CE1 . PHE A 1 200 ? 2.496   6.737   27.858  1.00 55.31  ? 200 PHE A CE1 1 
ATOM 1504 C CE2 . PHE A 1 200 ? 0.656   5.457   28.670  1.00 58.56  ? 200 PHE A CE2 1 
ATOM 1505 C CZ  . PHE A 1 200 ? 2.018   5.615   28.482  1.00 56.94  ? 200 PHE A CZ  1 
ATOM 1506 N N   . LEU A 1 201 ? -2.658  11.169  27.363  1.00 58.28  ? 201 LEU A N   1 
ATOM 1507 C CA  . LEU A 1 201 ? -3.130  12.442  26.842  1.00 57.52  ? 201 LEU A CA  1 
ATOM 1508 C C   . LEU A 1 201 ? -2.760  13.544  27.820  1.00 62.46  ? 201 LEU A C   1 
ATOM 1509 O O   . LEU A 1 201 ? -2.172  14.554  27.443  1.00 64.26  ? 201 LEU A O   1 
ATOM 1510 C CB  . LEU A 1 201 ? -4.637  12.412  26.627  1.00 55.51  ? 201 LEU A CB  1 
ATOM 1511 C CG  . LEU A 1 201 ? -5.090  12.271  25.171  1.00 56.18  ? 201 LEU A CG  1 
ATOM 1512 C CD1 . LEU A 1 201 ? -6.599  12.258  25.089  1.00 49.89  ? 201 LEU A CD1 1 
ATOM 1513 C CD2 . LEU A 1 201 ? -4.531  13.401  24.317  1.00 60.43  ? 201 LEU A CD2 1 
ATOM 1514 N N   . ALA A 1 202 ? -3.075  13.312  29.088  1.00 62.46  ? 202 ALA A N   1 
ATOM 1515 C CA  . ALA A 1 202 ? -2.779  14.267  30.144  1.00 65.82  ? 202 ALA A CA  1 
ATOM 1516 C C   . ALA A 1 202 ? -1.298  14.592  30.202  1.00 65.91  ? 202 ALA A C   1 
ATOM 1517 O O   . ALA A 1 202 ? -0.919  15.740  30.397  1.00 73.33  ? 202 ALA A O   1 
ATOM 1518 C CB  . ALA A 1 202 ? -3.251  13.734  31.483  1.00 66.40  ? 202 ALA A CB  1 
ATOM 1519 N N   . GLU A 1 203 ? -0.467  13.574  30.034  1.00 64.96  ? 203 GLU A N   1 
ATOM 1520 C CA  . GLU A 1 203 ? 0.978   13.753  30.095  1.00 70.88  ? 203 GLU A CA  1 
ATOM 1521 C C   . GLU A 1 203 ? 1.475   14.627  28.936  1.00 77.43  ? 203 GLU A C   1 
ATOM 1522 O O   . GLU A 1 203 ? 2.557   15.215  28.999  1.00 82.09  ? 203 GLU A O   1 
ATOM 1523 C CB  . GLU A 1 203 ? 1.666   12.390  30.071  1.00 70.58  ? 203 GLU A CB  1 
ATOM 1524 C CG  . GLU A 1 203 ? 3.152   12.417  30.366  1.00 77.85  ? 203 GLU A CG  1 
ATOM 1525 C CD  . GLU A 1 203 ? 3.444   12.614  31.852  1.00 96.54  ? 203 GLU A CD  1 
ATOM 1526 O OE1 . GLU A 1 203 ? 2.493   12.564  32.678  1.00 90.88  ? 203 GLU A OE1 1 
ATOM 1527 O OE2 . GLU A 1 203 ? 4.634   12.814  32.194  1.00 103.38 ? 203 GLU A OE2 1 
ATOM 1528 N N   . ALA A 1 204 ? 0.669   14.727  27.885  1.00 73.38  ? 204 ALA A N   1 
ATOM 1529 C CA  . ALA A 1 204 ? 1.075   15.439  26.684  1.00 74.50  ? 204 ALA A CA  1 
ATOM 1530 C C   . ALA A 1 204 ? 0.416   16.809  26.537  1.00 86.80  ? 204 ALA A C   1 
ATOM 1531 O O   . ALA A 1 204 ? 0.953   17.691  25.865  1.00 88.08  ? 204 ALA A O   1 
ATOM 1532 C CB  . ALA A 1 204 ? 0.787   14.603  25.476  1.00 68.14  ? 204 ALA A CB  1 
ATOM 1533 N N   . GLN A 1 205 ? -0.759  16.980  27.140  1.00 88.15  ? 205 GLN A N   1 
ATOM 1534 C CA  . GLN A 1 205 ? -1.448  18.266  27.093  1.00 89.71  ? 205 GLN A CA  1 
ATOM 1535 C C   . GLN A 1 205 ? -0.799  19.206  28.113  1.00 96.77  ? 205 GLN A C   1 
ATOM 1536 O O   . GLN A 1 205 ? -0.797  20.434  27.951  1.00 104.53 ? 205 GLN A O   1 
ATOM 1537 C CB  . GLN A 1 205 ? -2.953  18.095  27.346  1.00 83.19  ? 205 GLN A CB  1 
ATOM 1538 C CG  . GLN A 1 205 ? -3.791  19.343  27.071  1.00 88.05  ? 205 GLN A CG  1 
ATOM 1539 C CD  . GLN A 1 205 ? -3.577  19.903  25.669  1.00 89.39  ? 205 GLN A CD  1 
ATOM 1540 O OE1 . GLN A 1 205 ? -3.700  19.178  24.674  1.00 86.81  ? 205 GLN A OE1 1 
ATOM 1541 N NE2 . GLN A 1 205 ? -3.244  21.198  25.585  1.00 88.98  ? 205 GLN A NE2 1 
ATOM 1542 N N   . GLN A 1 206 ? -0.232  18.617  29.162  1.00 96.80  ? 206 GLN A N   1 
ATOM 1543 C CA  . GLN A 1 206 ? 0.582   19.378  30.098  1.00 98.98  ? 206 GLN A CA  1 
ATOM 1544 C C   . GLN A 1 206 ? 1.921   19.697  29.436  1.00 104.54 ? 206 GLN A C   1 
ATOM 1545 O O   . GLN A 1 206 ? 2.462   20.790  29.633  1.00 113.38 ? 206 GLN A O   1 
ATOM 1546 C CB  . GLN A 1 206 ? 0.799   18.611  31.406  1.00 90.20  ? 206 GLN A CB  1 
ATOM 1547 C CG  . GLN A 1 206 ? 1.708   17.400  31.277  1.00 89.08  ? 206 GLN A CG  1 
ATOM 1548 C CD  . GLN A 1 206 ? 2.523   17.153  32.529  1.00 105.44 ? 206 GLN A CD  1 
ATOM 1549 O OE1 . GLN A 1 206 ? 2.080   17.468  33.639  1.00 118.60 ? 206 GLN A OE1 1 
ATOM 1550 N NE2 . GLN A 1 206 ? 3.724   16.591  32.363  1.00 97.43  ? 206 GLN A NE2 1 
ATOM 1551 N N   . GLY A 1 207 ? 2.440   18.754  28.640  1.00 98.49  ? 207 GLY A N   1 
ATOM 1552 C CA  . GLY A 1 207 ? 3.704   18.932  27.938  1.00 97.24  ? 207 GLY A CA  1 
ATOM 1553 C C   . GLY A 1 207 ? 3.618   20.041  26.899  1.00 106.09 ? 207 GLY A C   1 
ATOM 1554 O O   . GLY A 1 207 ? 4.589   20.769  26.672  1.00 105.87 ? 207 GLY A O   1 
ATOM 1555 N N   . GLU A 1 208 ? 2.449   20.155  26.267  1.00 108.93 ? 208 GLU A N   1 
ATOM 1556 C CA  . GLU A 1 208 ? 2.149   21.236  25.330  1.00 105.41 ? 208 GLU A CA  1 
ATOM 1557 C C   . GLU A 1 208 ? 1.996   22.570  26.064  1.00 110.28 ? 208 GLU A C   1 
ATOM 1558 O O   . GLU A 1 208 ? 2.376   23.619  25.539  1.00 111.74 ? 208 GLU A O   1 
ATOM 1559 C CB  . GLU A 1 208 ? 0.858   20.944  24.556  1.00 99.04  ? 208 GLU A CB  1 
ATOM 1560 C CG  . GLU A 1 208 ? 0.935   19.818  23.531  1.00 103.85 ? 208 GLU A CG  1 
ATOM 1561 C CD  . GLU A 1 208 ? -0.285  19.792  22.600  1.00 110.20 ? 208 GLU A CD  1 
ATOM 1562 O OE1 . GLU A 1 208 ? -1.435  19.747  23.103  1.00 102.57 ? 208 GLU A OE1 1 
ATOM 1563 O OE2 . GLU A 1 208 ? -0.093  19.830  21.362  1.00 113.27 ? 208 GLU A OE2 1 
ATOM 1564 N N   . ALA A 1 209 ? 1.427   22.525  27.270  1.00 111.04 ? 209 ALA A N   1 
ATOM 1565 C CA  . ALA A 1 209 ? 1.180   23.733  28.062  1.00 112.43 ? 209 ALA A CA  1 
ATOM 1566 C C   . ALA A 1 209 ? 2.457   24.529  28.391  1.00 115.81 ? 209 ALA A C   1 
ATOM 1567 O O   . ALA A 1 209 ? 2.468   25.757  28.280  1.00 116.97 ? 209 ALA A O   1 
ATOM 1568 C CB  . ALA A 1 209 ? 0.404   23.394  29.339  1.00 106.50 ? 209 ALA A CB  1 
ATOM 1569 N N   . HIS A 1 210 ? 3.526   23.839  28.790  1.00 114.86 ? 210 HIS A N   1 
ATOM 1570 C CA  . HIS A 1 210 ? 4.792   24.509  29.117  1.00 117.44 ? 210 HIS A CA  1 
ATOM 1571 C C   . HIS A 1 210 ? 5.994   23.871  28.411  1.00 116.22 ? 210 HIS A C   1 
ATOM 1572 O O   . HIS A 1 210 ? 6.917   24.567  27.974  1.00 109.00 ? 210 HIS A O   1 
ATOM 1573 C CB  . HIS A 1 210 ? 5.021   24.551  30.636  1.00 116.65 ? 210 HIS A CB  1 
ATOM 1574 C CG  . HIS A 1 210 ? 4.167   25.554  31.356  1.00 120.56 ? 210 HIS A CG  1 
ATOM 1575 N ND1 . HIS A 1 210 ? 4.385   26.916  31.268  1.00 120.94 ? 210 HIS A ND1 1 
ATOM 1576 C CD2 . HIS A 1 210 ? 3.105   25.398  32.180  1.00 119.17 ? 210 HIS A CD2 1 
ATOM 1577 C CE1 . HIS A 1 210 ? 3.489   27.552  32.003  1.00 116.44 ? 210 HIS A CE1 1 
ATOM 1578 N NE2 . HIS A 1 210 ? 2.700   26.652  32.567  1.00 116.79 ? 210 HIS A NE2 1 
# 
